data_5Z3L
#
_entry.id   5Z3L
#
_cell.length_a   1.0
_cell.length_b   1.0
_cell.length_c   1.0
_cell.angle_alpha   90.00
_cell.angle_beta   90.00
_cell.angle_gamma   90.00
#
_symmetry.space_group_name_H-M   'P 1'
#
loop_
_entity.id
_entity.type
_entity.pdbx_description
1 polymer 'Histone H3.2'
2 polymer 'Histone H4'
3 polymer 'Histone H2A'
4 polymer 'Histone H2B 1.1'
5 polymer 'DNA (167-MER)'
6 polymer 'DNA (167-MER)'
7 polymer 'Transcription regulatory protein SNF2'
#
loop_
_entity_poly.entity_id
_entity_poly.type
_entity_poly.pdbx_seq_one_letter_code
_entity_poly.pdbx_strand_id
1 'polypeptide(L)'
;ARTKQTARKSTGGKAPRKQLATKAARKSAPATGGVKKPHRYRPGTVALREIRRYQKSTELLIRKLPFQRLVREIAQDFKT
DLRFQSSAVMALQEASEAYLVALFEDTNLCAIHAKRVTIMPKDIQLARRIRGERA
;
A,E
2 'polypeptide(L)'
;SGRGKGGKGLGKGGAKRHRKVLRDNIQGITKPAIRRLARRGGVKRISGLIYEETRGVLKVFLENVIRDAVTYTEHAKRKT
VTAMDVVYALKRQGRTLYGFGG
;
B,F
3 'polypeptide(L)'
;SGRGKQGGKTRAKAKTRSSRAGLQFPVGRVHRLLRKGNYAERVGAGAPVYLAAVLEYLTAEILELAGNAARDNKKTRIIP
RHLQLAVRNDEELNKLLGRVTIAQGGVLPNIQSVLLPKKTESSKSAKSK
;
C,G
4 'polypeptide(L)'
;AKSAPAPKKGSKKAVTKTQKKDGKKRRKTRKESYAIYVYKVLKQVHPDTGISSKAMSIMNSFVNDVFERIAGEASRLAHY
NKRSTITSREIQTAVRLLLPGELAKHAVSEGTKAVTKYTSAK
;
D,H
5 'polydeoxyribonucleotide'
;(DA)(DT)(DC)(DG)(DA)(DG)(DA)(DA)(DT)(DC)(DC)(DC)(DG)(DG)(DT)(DG)(DC)(DC)(DG)(DA)
(DG)(DG)(DC)(DC)(DG)(DC)(DT)(DC)(DA)(DA)(DT)(DT)(DG)(DG)(DT)(DC)(DG)(DT)(DA)(DG)
(DA)(DC)(DA)(DG)(DC)(DT)(DC)(DT)(DA)(DG)(DC)(DA)(DC)(DC)(DG)(DC)(DT)(DT)(DA)(DA)
(DA)(DC)(DG)(DC)(DA)(DC)(DG)(DT)(DA)(DC)(DG)(DC)(DG)(DC)(DT)(DG)(DT)(DC)(DC)(DC)
(DC)(DC)(DG)(DC)(DG)(DT)(DT)(DT)(DT)(DA)(DA)(DC)(DC)(DG)(DC)(DC)(DA)(DA)(DG)(DG)
(DG)(DG)(DA)(DT)(DT)(DA)(DC)(DT)(DC)(DC)(DC)(DT)(DA)(DG)(DT)(DC)(DT)(DC)(DC)(DA)
(DG)(DG)(DC)(DA)(DC)(DG)(DT)(DG)(DT)(DC)(DA)(DG)(DA)(DT)(DA)(DT)(DA)(DT)(DA)(DC)
(DA)(DT)(DC)(DC)(DT)(DG)(DA)(DA)(DG)(DC)(DT)(DT)(DG)(DT)(DC)(DG)(DA)(DG)(DA)(DA)
(DG)(DT)(DA)(DC)(DG)(DA)(DT)
;
I
6 'polydeoxyribonucleotide'
;(DA)(DT)(DC)(DG)(DT)(DA)(DC)(DT)(DT)(DC)(DT)(DC)(DG)(DA)(DC)(DA)(DA)(DG)(DC)(DT)
(DT)(DC)(DA)(DG)(DG)(DA)(DT)(DG)(DT)(DA)(DT)(DA)(DT)(DA)(DT)(DC)(DT)(DG)(DA)(DC)
(DA)(DC)(DG)(DT)(DG)(DC)(DC)(DT)(DG)(DG)(DA)(DG)(DA)(DC)(DT)(DA)(DG)(DG)(DG)(DA)
(DG)(DT)(DA)(DA)(DT)(DC)(DC)(DC)(DC)(DT)(DT)(DG)(DG)(DC)(DG)(DG)(DT)(DT)(DA)(DA)
(DA)(DA)(DC)(DG)(DC)(DG)(DG)(DG)(DG)(DG)(DA)(DC)(DA)(DG)(DC)(DG)(DC)(DG)(DT)(DA)
(DC)(DG)(DT)(DG)(DC)(DG)(DT)(DT)(DT)(DA)(DA)(DG)(DC)(DG)(DG)(DT)(DG)(DC)(DT)(DA)
(DG)(DA)(DG)(DC)(DT)(DG)(DT)(DC)(DT)(DA)(DC)(DG)(DA)(DC)(DC)(DA)(DA)(DT)(DT)(DG)
(DA)(DG)(DC)(DG)(DG)(DC)(DC)(DT)(DC)(DG)(DG)(DC)(DA)(DC)(DC)(DG)(DG)(DG)(DA)(DT)
(DT)(DC)(DT)(DC)(DG)(DA)(DT)
;
J
7 'polypeptide(L)'
;AYIKLLDQTKDTRITHLLRQTNAFLDSLTRAVKDQQKYTKEMIDSHIKEASEEVDDLSMVPKMKDEEYDDDDDNSNVDYY
NVAHRIKEDIKKQPSILVGGTLKDYQIKGLQWMVSLFNNHLNGILADEMGLGKTIQTISLLTYLYEMKNIRGPYLVIVPL
STLSNWSSEFAKWAPTLRTISFKGSPNERKAKQAKIRAGEFDVVLTTFEYIIKERALLSKVKWVHMIIDEGHRMKNAQSK
LSLTLNTHYHADYRLILTGTPLQNNLPELWALLNFVLPKIFNSVKSFDEWFNTPFANTGGQDKIELSEEETLLVIRRLHK
VLRPFLLRRLKKDVEKELPDKVEKVVKCKMSALQQIMYQQMLKYRRLFIGDQNNKKMVGLRGFNNQIMQLKKICNHPFVF
EEVEDQINPTRETNDDIWRVAGKFELLDRILPKLKATGHRVLIFFQMTQIMDIMEDFLRYINIKYLRLDGHTKSDERSEL
LRLFNAPDSEYLCFILSTRAGGLGLNLQTADTVIIFDTDWNPHQDLQAQDRAHRIGQKNEVRILRLITTNSVEEVILERA
YKKLDIDGKVIQAGKFDNKSTSEEQEALLRSLLDAEEERRKKRESGVEEEEELKDSEINEILARNDEEMAVLTRMDEDRS
KKEEELGVKSRLLEKSELPDIYSRDIGAELKREESESAAVYNGRGARERKTATYNDNMSEEQWLRQFEVSDDEKNDKQAR
KQRTKKEDKSEAIDG
;
O
#
loop_
_chem_comp.id
_chem_comp.type
_chem_comp.name
_chem_comp.formula
DA DNA linking 2'-DEOXYADENOSINE-5'-MONOPHOSPHATE 'C10 H14 N5 O6 P'
DC DNA linking 2'-DEOXYCYTIDINE-5'-MONOPHOSPHATE 'C9 H14 N3 O7 P'
DG DNA linking 2'-DEOXYGUANOSINE-5'-MONOPHOSPHATE 'C10 H14 N5 O7 P'
DT DNA linking THYMIDINE-5'-MONOPHOSPHATE 'C10 H15 N2 O8 P'
#
# COMPACT_ATOMS: atom_id res chain seq x y z
N LYS A 37 -26.33 30.60 -30.33
CA LYS A 37 -26.45 29.21 -29.90
C LYS A 37 -25.10 28.63 -29.53
N PRO A 38 -24.96 28.17 -28.28
CA PRO A 38 -23.70 27.58 -27.83
C PRO A 38 -23.36 26.29 -28.57
N HIS A 39 -22.20 25.70 -28.23
CA HIS A 39 -21.74 24.48 -28.88
C HIS A 39 -21.90 23.30 -27.93
N ARG A 40 -22.36 22.17 -28.47
CA ARG A 40 -22.58 20.94 -27.72
C ARG A 40 -22.24 19.76 -28.61
N TYR A 41 -22.59 18.55 -28.15
CA TYR A 41 -22.41 17.34 -28.93
C TYR A 41 -23.65 16.46 -28.78
N ARG A 42 -23.86 15.60 -29.77
CA ARG A 42 -24.93 14.63 -29.68
C ARG A 42 -24.65 13.66 -28.52
N PRO A 43 -25.68 13.28 -27.76
CA PRO A 43 -25.45 12.40 -26.61
C PRO A 43 -24.83 11.06 -27.04
N GLY A 44 -23.76 10.68 -26.36
CA GLY A 44 -23.07 9.44 -26.60
C GLY A 44 -21.80 9.55 -27.41
N THR A 45 -21.64 10.62 -28.20
CA THR A 45 -20.42 10.79 -28.98
C THR A 45 -19.23 11.11 -28.08
N VAL A 46 -19.43 12.01 -27.12
CA VAL A 46 -18.39 12.29 -26.13
C VAL A 46 -17.98 11.00 -25.43
N ALA A 47 -18.93 10.11 -25.17
CA ALA A 47 -18.61 8.82 -24.57
C ALA A 47 -17.70 7.99 -25.48
N LEU A 48 -17.96 8.02 -26.80
CA LEU A 48 -17.09 7.33 -27.74
C LEU A 48 -15.67 7.90 -27.68
N ARG A 49 -15.54 9.23 -27.73
CA ARG A 49 -14.22 9.84 -27.70
C ARG A 49 -13.49 9.49 -26.41
N GLU A 50 -14.20 9.53 -25.28
CA GLU A 50 -13.62 9.09 -24.01
C GLU A 50 -13.11 7.66 -24.13
N ILE A 51 -14.02 6.72 -24.38
CA ILE A 51 -13.67 5.30 -24.43
C ILE A 51 -12.45 5.06 -25.32
N ARG A 52 -12.39 5.75 -26.46
CA ARG A 52 -11.19 5.63 -27.30
C ARG A 52 -9.96 6.18 -26.59
N ARG A 53 -10.10 7.31 -25.90
CA ARG A 53 -8.94 7.92 -25.25
C ARG A 53 -8.41 7.04 -24.12
N TYR A 54 -9.30 6.40 -23.36
CA TYR A 54 -8.88 5.55 -22.25
C TYR A 54 -8.34 4.22 -22.77
N GLN A 55 -9.17 3.45 -23.49
CA GLN A 55 -8.72 2.19 -24.04
C GLN A 55 -7.47 2.34 -24.90
N LYS A 56 -7.20 3.54 -25.43
CA LYS A 56 -5.98 3.76 -26.19
C LYS A 56 -4.77 3.91 -25.30
N SER A 57 -4.94 4.41 -24.08
CA SER A 57 -3.83 4.71 -23.19
C SER A 57 -3.70 3.63 -22.10
N THR A 58 -2.46 3.34 -21.72
CA THR A 58 -2.16 2.35 -20.70
C THR A 58 -1.96 2.96 -19.32
N GLU A 59 -2.12 4.27 -19.17
CA GLU A 59 -1.83 4.92 -17.90
C GLU A 59 -2.79 4.47 -16.81
N LEU A 60 -2.34 4.60 -15.56
CA LEU A 60 -3.16 4.25 -14.42
C LEU A 60 -4.34 5.20 -14.31
N LEU A 61 -5.48 4.66 -13.87
CA LEU A 61 -6.73 5.42 -13.84
C LEU A 61 -7.16 5.75 -12.42
N ILE A 62 -7.49 4.74 -11.60
CA ILE A 62 -7.93 5.02 -10.23
C ILE A 62 -6.78 5.62 -9.42
N ARG A 63 -7.16 6.36 -8.39
CA ARG A 63 -6.20 7.18 -7.64
C ARG A 63 -5.54 6.38 -6.53
N LYS A 64 -4.23 6.58 -6.37
CA LYS A 64 -3.41 5.83 -5.44
C LYS A 64 -3.87 5.94 -4.00
N LEU A 65 -3.79 7.14 -3.42
CA LEU A 65 -3.98 7.30 -1.98
C LEU A 65 -5.34 6.83 -1.47
N PRO A 66 -6.47 7.07 -2.14
CA PRO A 66 -7.73 6.47 -1.67
C PRO A 66 -7.66 4.96 -1.57
N PHE A 67 -7.01 4.31 -2.55
CA PHE A 67 -6.77 2.87 -2.46
C PHE A 67 -5.82 2.54 -1.31
N GLN A 68 -4.89 3.46 -1.01
CA GLN A 68 -3.94 3.24 0.07
C GLN A 68 -4.65 3.17 1.41
N ARG A 69 -5.42 4.20 1.75
CA ARG A 69 -6.17 4.17 3.00
C ARG A 69 -7.31 3.17 2.97
N LEU A 70 -7.72 2.74 1.77
CA LEU A 70 -8.69 1.66 1.67
C LEU A 70 -8.08 0.35 2.15
N VAL A 71 -6.91 -0.01 1.61
CA VAL A 71 -6.26 -1.26 2.00
C VAL A 71 -5.79 -1.19 3.45
N ARG A 72 -5.31 -0.02 3.89
CA ARG A 72 -4.90 0.12 5.28
C ARG A 72 -6.10 0.02 6.22
N GLU A 73 -7.23 0.62 5.83
CA GLU A 73 -8.40 0.61 6.70
C GLU A 73 -9.01 -0.77 6.80
N ILE A 74 -9.19 -1.45 5.66
CA ILE A 74 -9.76 -2.80 5.69
C ILE A 74 -8.77 -3.78 6.29
N ALA A 75 -7.46 -3.48 6.20
CA ALA A 75 -6.44 -4.33 6.80
C ALA A 75 -6.32 -4.12 8.30
N GLN A 76 -6.74 -2.97 8.82
CA GLN A 76 -6.71 -2.74 10.26
C GLN A 76 -7.68 -3.64 10.99
N ASP A 77 -8.75 -4.07 10.32
CA ASP A 77 -9.73 -4.94 10.96
C ASP A 77 -9.13 -6.30 11.31
N PHE A 78 -8.31 -6.85 10.40
CA PHE A 78 -7.74 -8.19 10.62
C PHE A 78 -6.60 -8.13 11.65
N LYS A 79 -5.49 -7.50 11.27
CA LYS A 79 -4.29 -7.49 12.10
C LYS A 79 -3.77 -6.07 12.24
N THR A 80 -3.17 -5.78 13.39
CA THR A 80 -2.60 -4.47 13.64
C THR A 80 -1.30 -4.27 12.86
N ASP A 81 -0.92 -3.00 12.71
CA ASP A 81 0.37 -2.51 12.20
C ASP A 81 0.95 -3.32 11.04
N LEU A 82 0.26 -3.30 9.90
CA LEU A 82 0.80 -3.90 8.68
C LEU A 82 1.62 -2.88 7.90
N ARG A 83 2.76 -3.31 7.38
CA ARG A 83 3.63 -2.46 6.59
C ARG A 83 3.46 -2.78 5.11
N PHE A 84 3.18 -1.76 4.32
CA PHE A 84 2.87 -1.91 2.90
C PHE A 84 3.88 -1.14 2.07
N GLN A 85 4.55 -1.83 1.16
CA GLN A 85 5.36 -1.16 0.15
C GLN A 85 4.46 -0.61 -0.96
N SER A 86 4.99 0.41 -1.65
CA SER A 86 4.25 0.96 -2.79
C SER A 86 4.15 -0.04 -3.94
N SER A 87 5.12 -0.96 -4.05
CA SER A 87 5.08 -1.96 -5.11
C SER A 87 3.92 -2.92 -4.91
N ALA A 88 3.60 -3.26 -3.67
CA ALA A 88 2.44 -4.12 -3.41
C ALA A 88 1.14 -3.36 -3.63
N VAL A 89 1.12 -2.06 -3.33
CA VAL A 89 -0.06 -1.25 -3.59
C VAL A 89 -0.33 -1.16 -5.09
N MET A 90 0.73 -1.01 -5.88
CA MET A 90 0.58 -1.08 -7.34
C MET A 90 0.18 -2.48 -7.78
N ALA A 91 0.68 -3.52 -7.09
CA ALA A 91 0.31 -4.89 -7.41
C ALA A 91 -1.20 -5.10 -7.28
N LEU A 92 -1.72 -4.97 -6.06
CA LEU A 92 -3.15 -5.21 -5.85
C LEU A 92 -4.01 -4.18 -6.60
N GLN A 93 -3.54 -2.94 -6.66
CA GLN A 93 -4.32 -1.90 -7.33
C GLN A 93 -4.46 -2.19 -8.82
N GLU A 94 -3.37 -2.61 -9.47
CA GLU A 94 -3.45 -2.92 -10.90
C GLU A 94 -4.18 -4.24 -11.14
N ALA A 95 -4.00 -5.21 -10.24
CA ALA A 95 -4.69 -6.48 -10.32
C ALA A 95 -6.21 -6.28 -10.28
N SER A 96 -6.73 -5.80 -9.16
CA SER A 96 -8.16 -5.56 -9.03
C SER A 96 -8.64 -4.50 -10.02
N GLU A 97 -7.76 -3.60 -10.42
CA GLU A 97 -8.11 -2.59 -11.42
C GLU A 97 -8.44 -3.25 -12.76
N ALA A 98 -7.50 -4.03 -13.29
CA ALA A 98 -7.70 -4.64 -14.61
C ALA A 98 -8.77 -5.72 -14.55
N TYR A 99 -8.80 -6.52 -13.47
CA TYR A 99 -9.84 -7.53 -13.33
C TYR A 99 -11.22 -6.88 -13.24
N LEU A 100 -11.32 -5.75 -12.55
CA LEU A 100 -12.59 -5.05 -12.48
C LEU A 100 -12.97 -4.45 -13.83
N VAL A 101 -11.98 -4.00 -14.61
CA VAL A 101 -12.24 -3.62 -16.00
C VAL A 101 -12.82 -4.79 -16.77
N ALA A 102 -12.28 -5.99 -16.57
CA ALA A 102 -12.86 -7.17 -17.19
C ALA A 102 -14.26 -7.44 -16.68
N LEU A 103 -14.57 -7.02 -15.44
CA LEU A 103 -15.92 -7.19 -14.93
C LEU A 103 -16.90 -6.25 -15.61
N PHE A 104 -16.50 -5.00 -15.84
CA PHE A 104 -17.37 -4.09 -16.60
C PHE A 104 -17.45 -4.50 -18.06
N GLU A 105 -16.44 -5.18 -18.59
CA GLU A 105 -16.50 -5.63 -19.98
C GLU A 105 -17.45 -6.82 -20.12
N ASP A 106 -17.32 -7.81 -19.22
CA ASP A 106 -18.26 -8.93 -19.22
C ASP A 106 -19.68 -8.45 -18.96
N THR A 107 -19.84 -7.54 -18.00
CA THR A 107 -21.16 -6.95 -17.75
C THR A 107 -21.68 -6.20 -18.96
N ASN A 108 -20.78 -5.59 -19.73
CA ASN A 108 -21.20 -4.90 -20.95
C ASN A 108 -21.68 -5.89 -22.00
N LEU A 109 -21.03 -7.04 -22.13
CA LEU A 109 -21.50 -8.06 -23.06
C LEU A 109 -22.84 -8.64 -22.61
N CYS A 110 -23.01 -8.85 -21.30
CA CYS A 110 -24.31 -9.29 -20.82
C CYS A 110 -25.39 -8.24 -21.06
N ALA A 111 -25.01 -6.96 -21.01
CA ALA A 111 -25.98 -5.89 -21.24
C ALA A 111 -26.38 -5.81 -22.71
N ILE A 112 -25.41 -5.85 -23.61
CA ILE A 112 -25.75 -5.79 -25.04
C ILE A 112 -26.49 -7.06 -25.46
N HIS A 113 -26.21 -8.20 -24.82
CA HIS A 113 -27.02 -9.38 -25.08
C HIS A 113 -28.42 -9.24 -24.51
N ALA A 114 -28.57 -8.49 -23.42
CA ALA A 114 -29.87 -8.25 -22.81
C ALA A 114 -30.76 -7.33 -23.64
N LYS A 115 -30.24 -6.79 -24.75
CA LYS A 115 -30.90 -5.85 -25.65
C LYS A 115 -31.03 -4.46 -25.05
N ARG A 116 -30.63 -4.27 -23.80
CA ARG A 116 -30.69 -2.97 -23.13
C ARG A 116 -29.26 -2.53 -22.80
N VAL A 117 -28.86 -1.38 -23.33
CA VAL A 117 -27.48 -0.93 -23.16
C VAL A 117 -27.19 -0.63 -21.70
N THR A 118 -28.19 -0.15 -20.96
CA THR A 118 -27.98 0.23 -19.57
C THR A 118 -27.68 -0.99 -18.71
N ILE A 119 -26.61 -0.92 -17.94
CA ILE A 119 -26.28 -1.98 -17.00
C ILE A 119 -27.01 -1.75 -15.68
N MET A 120 -27.50 -2.83 -15.10
CA MET A 120 -28.27 -2.78 -13.86
C MET A 120 -27.55 -3.61 -12.80
N PRO A 121 -28.04 -3.68 -11.57
CA PRO A 121 -27.47 -4.67 -10.63
C PRO A 121 -27.63 -6.10 -11.09
N LYS A 122 -28.61 -6.38 -11.96
CA LYS A 122 -28.94 -7.76 -12.31
C LYS A 122 -27.87 -8.39 -13.19
N ASP A 123 -27.41 -7.67 -14.22
CA ASP A 123 -26.44 -8.27 -15.13
C ASP A 123 -25.06 -8.37 -14.50
N ILE A 124 -24.73 -7.47 -13.57
CA ILE A 124 -23.44 -7.53 -12.91
C ILE A 124 -23.44 -8.59 -11.80
N GLN A 125 -24.57 -8.76 -11.10
CA GLN A 125 -24.65 -9.86 -10.15
C GLN A 125 -24.73 -11.20 -10.87
N LEU A 126 -25.24 -11.20 -12.10
CA LEU A 126 -25.16 -12.39 -12.94
C LEU A 126 -23.75 -12.60 -13.45
N ALA A 127 -22.97 -11.53 -13.59
CA ALA A 127 -21.57 -11.67 -13.99
C ALA A 127 -20.75 -12.29 -12.87
N ARG A 128 -20.88 -11.75 -11.66
CA ARG A 128 -20.20 -12.37 -10.52
C ARG A 128 -20.81 -13.71 -10.14
N ARG A 129 -22.04 -13.99 -10.60
CA ARG A 129 -22.64 -15.29 -10.37
C ARG A 129 -22.10 -16.35 -11.32
N ILE A 130 -21.95 -15.99 -12.59
CA ILE A 130 -21.37 -16.92 -13.56
C ILE A 130 -19.87 -17.05 -13.38
N ARG A 131 -19.22 -16.04 -12.80
CA ARG A 131 -17.79 -16.13 -12.52
C ARG A 131 -17.47 -17.11 -11.39
N GLY A 132 -18.48 -17.50 -10.61
CA GLY A 132 -18.26 -18.43 -9.52
C GLY A 132 -17.65 -17.82 -8.28
N GLU A 133 -18.09 -16.63 -7.89
CA GLU A 133 -17.58 -15.97 -6.69
C GLU A 133 -18.49 -16.28 -5.50
N ARG A 134 -19.72 -15.80 -5.55
CA ARG A 134 -20.68 -16.05 -4.46
C ARG A 134 -21.27 -17.45 -4.57
N ALA B 15 -19.92 17.98 19.74
CA ALA B 15 -19.57 19.01 18.77
C ALA B 15 -19.03 18.39 17.49
N LYS B 16 -18.20 19.13 16.77
CA LYS B 16 -17.61 18.68 15.52
C LYS B 16 -16.26 17.98 15.73
N ARG B 17 -15.82 17.81 16.98
CA ARG B 17 -14.55 17.15 17.24
C ARG B 17 -14.60 15.67 16.85
N HIS B 18 -15.79 15.08 16.82
CA HIS B 18 -15.92 13.65 16.58
C HIS B 18 -15.53 13.30 15.15
N ARG B 19 -14.62 12.33 15.01
CA ARG B 19 -14.21 11.85 13.71
C ARG B 19 -15.29 10.98 13.04
N LYS B 20 -16.37 10.68 13.75
CA LYS B 20 -17.44 9.87 13.17
C LYS B 20 -18.05 10.55 11.95
N VAL B 21 -18.24 11.86 12.01
CA VAL B 21 -18.77 12.61 10.87
C VAL B 21 -17.64 12.89 9.90
N LEU B 22 -17.76 12.35 8.69
CA LEU B 22 -16.79 12.46 7.61
C LEU B 22 -17.31 11.62 6.46
N ARG B 23 -16.75 11.84 5.27
CA ARG B 23 -17.02 10.95 4.16
C ARG B 23 -16.32 9.62 4.39
N ASP B 24 -17.09 8.53 4.35
CA ASP B 24 -16.53 7.22 4.64
C ASP B 24 -15.49 6.82 3.61
N ASN B 25 -14.58 5.94 4.03
CA ASN B 25 -13.43 5.57 3.21
C ASN B 25 -13.80 4.64 2.06
N ILE B 26 -14.91 3.92 2.17
CA ILE B 26 -15.30 3.01 1.10
C ILE B 26 -15.73 3.78 -0.15
N GLN B 27 -16.11 5.05 0.00
CA GLN B 27 -16.48 5.91 -1.11
C GLN B 27 -15.30 6.67 -1.69
N GLY B 28 -14.08 6.36 -1.24
CA GLY B 28 -12.89 6.99 -1.84
C GLY B 28 -12.87 6.91 -3.34
N ILE B 29 -13.30 5.77 -3.89
CA ILE B 29 -13.57 5.70 -5.32
C ILE B 29 -14.81 6.52 -5.62
N THR B 30 -14.72 7.44 -6.57
CA THR B 30 -15.73 8.46 -6.77
C THR B 30 -16.48 8.22 -8.08
N LYS B 31 -17.44 9.11 -8.35
CA LYS B 31 -18.28 8.95 -9.54
C LYS B 31 -17.49 9.10 -10.83
N PRO B 32 -16.71 10.16 -11.04
CA PRO B 32 -15.91 10.22 -12.28
C PRO B 32 -14.79 9.20 -12.33
N ALA B 33 -14.28 8.77 -11.18
CA ALA B 33 -13.27 7.72 -11.13
C ALA B 33 -13.79 6.44 -11.76
N ILE B 34 -14.79 5.82 -11.14
CA ILE B 34 -15.35 4.58 -11.67
C ILE B 34 -16.01 4.82 -13.02
N ARG B 35 -16.46 6.05 -13.28
CA ARG B 35 -16.94 6.40 -14.61
C ARG B 35 -15.86 6.15 -15.66
N ARG B 36 -14.73 6.86 -15.53
CA ARG B 36 -13.60 6.64 -16.43
C ARG B 36 -13.19 5.17 -16.47
N LEU B 37 -13.24 4.50 -15.32
CA LEU B 37 -12.88 3.09 -15.25
C LEU B 37 -13.76 2.25 -16.17
N ALA B 38 -15.08 2.48 -16.12
CA ALA B 38 -15.98 1.76 -17.00
C ALA B 38 -15.84 2.22 -18.45
N ARG B 39 -15.40 3.45 -18.67
CA ARG B 39 -15.08 3.89 -20.03
C ARG B 39 -13.93 3.06 -20.59
N ARG B 40 -12.93 2.74 -19.76
CA ARG B 40 -11.92 1.77 -20.17
C ARG B 40 -12.53 0.38 -20.31
N GLY B 41 -13.55 0.06 -19.49
CA GLY B 41 -14.20 -1.24 -19.60
C GLY B 41 -14.96 -1.42 -20.90
N GLY B 42 -15.43 -0.33 -21.49
CA GLY B 42 -16.13 -0.37 -22.77
C GLY B 42 -17.62 -0.12 -22.67
N VAL B 43 -18.21 -0.18 -21.49
CA VAL B 43 -19.64 0.05 -21.33
C VAL B 43 -19.93 1.54 -21.38
N LYS B 44 -21.12 1.90 -21.86
CA LYS B 44 -21.48 3.30 -22.07
C LYS B 44 -22.39 3.83 -20.97
N ARG B 45 -23.67 3.44 -21.01
CA ARG B 45 -24.67 3.99 -20.12
C ARG B 45 -24.74 3.19 -18.82
N ILE B 46 -24.62 3.89 -17.70
CA ILE B 46 -24.48 3.28 -16.39
C ILE B 46 -25.60 3.77 -15.49
N SER B 47 -26.23 2.85 -14.76
CA SER B 47 -27.30 3.20 -13.84
C SER B 47 -26.72 3.68 -12.51
N GLY B 48 -27.61 3.94 -11.55
CA GLY B 48 -27.21 4.47 -10.27
C GLY B 48 -26.62 3.47 -9.30
N LEU B 49 -27.19 2.26 -9.24
CA LEU B 49 -26.75 1.27 -8.27
C LEU B 49 -25.46 0.57 -8.66
N ILE B 50 -24.97 0.75 -9.89
CA ILE B 50 -23.70 0.17 -10.30
C ILE B 50 -22.58 0.67 -9.40
N TYR B 51 -22.67 1.93 -8.97
CA TYR B 51 -21.70 2.53 -8.06
C TYR B 51 -21.62 1.74 -6.75
N GLU B 52 -22.71 1.76 -5.98
CA GLU B 52 -22.70 1.14 -4.66
C GLU B 52 -22.45 -0.35 -4.73
N GLU B 53 -23.08 -1.04 -5.69
CA GLU B 53 -22.90 -2.48 -5.81
C GLU B 53 -21.47 -2.82 -6.21
N THR B 54 -20.90 -2.06 -7.15
CA THR B 54 -19.52 -2.30 -7.56
C THR B 54 -18.54 -2.04 -6.42
N ARG B 55 -18.81 -1.03 -5.60
CA ARG B 55 -17.99 -0.84 -4.40
C ARG B 55 -18.20 -1.98 -3.41
N GLY B 56 -19.37 -2.59 -3.41
CA GLY B 56 -19.60 -3.74 -2.54
C GLY B 56 -18.75 -4.94 -2.96
N VAL B 57 -18.80 -5.30 -4.24
CA VAL B 57 -17.94 -6.38 -4.73
C VAL B 57 -16.47 -6.03 -4.54
N LEU B 58 -16.13 -4.74 -4.70
CA LEU B 58 -14.77 -4.29 -4.46
C LEU B 58 -14.33 -4.59 -3.03
N LYS B 59 -15.17 -4.21 -2.06
CA LYS B 59 -14.82 -4.40 -0.66
C LYS B 59 -14.77 -5.88 -0.29
N VAL B 60 -15.67 -6.69 -0.86
CA VAL B 60 -15.67 -8.12 -0.54
C VAL B 60 -14.43 -8.80 -1.10
N PHE B 61 -14.18 -8.61 -2.41
CA PHE B 61 -13.03 -9.26 -3.04
C PHE B 61 -11.72 -8.78 -2.43
N LEU B 62 -11.55 -7.46 -2.31
CA LEU B 62 -10.34 -6.94 -1.69
C LEU B 62 -10.22 -7.37 -0.23
N GLU B 63 -11.35 -7.63 0.43
CA GLU B 63 -11.30 -8.16 1.78
C GLU B 63 -10.75 -9.59 1.78
N ASN B 64 -11.17 -10.41 0.82
CA ASN B 64 -10.61 -11.75 0.70
C ASN B 64 -9.13 -11.72 0.38
N VAL B 65 -8.72 -10.83 -0.54
CA VAL B 65 -7.32 -10.77 -0.95
C VAL B 65 -6.44 -10.28 0.19
N ILE B 66 -6.90 -9.27 0.93
CA ILE B 66 -6.12 -8.82 2.08
C ILE B 66 -6.14 -9.84 3.20
N ARG B 67 -7.19 -10.69 3.25
CA ARG B 67 -7.18 -11.80 4.19
C ARG B 67 -6.10 -12.81 3.85
N ASP B 68 -5.99 -13.16 2.56
CA ASP B 68 -4.90 -14.04 2.13
C ASP B 68 -3.55 -13.41 2.43
N ALA B 69 -3.40 -12.12 2.09
CA ALA B 69 -2.12 -11.44 2.30
C ALA B 69 -1.72 -11.45 3.77
N VAL B 70 -2.65 -11.11 4.66
CA VAL B 70 -2.33 -11.12 6.08
C VAL B 70 -2.12 -12.54 6.58
N THR B 71 -2.65 -13.54 5.85
CA THR B 71 -2.35 -14.93 6.23
C THR B 71 -0.91 -15.30 5.88
N TYR B 72 -0.49 -15.04 4.64
CA TYR B 72 0.90 -15.31 4.27
C TYR B 72 1.88 -14.54 5.14
N THR B 73 1.69 -13.22 5.22
CA THR B 73 2.61 -12.38 5.98
C THR B 73 2.57 -12.72 7.46
N GLU B 74 1.38 -13.02 7.98
CA GLU B 74 1.26 -13.44 9.38
C GLU B 74 1.99 -14.74 9.63
N HIS B 75 2.03 -15.64 8.64
CA HIS B 75 2.75 -16.90 8.80
C HIS B 75 4.25 -16.68 8.92
N ALA B 76 4.79 -15.69 8.20
CA ALA B 76 6.21 -15.39 8.25
C ALA B 76 6.64 -14.71 9.53
N LYS B 77 5.68 -14.37 10.41
CA LYS B 77 5.92 -13.68 11.67
C LYS B 77 6.36 -12.23 11.44
N ARG B 78 6.54 -11.85 10.19
CA ARG B 78 6.88 -10.47 9.84
C ARG B 78 5.62 -9.62 9.80
N LYS B 79 5.76 -8.36 10.19
CA LYS B 79 4.66 -7.41 10.18
C LYS B 79 4.55 -6.65 8.87
N THR B 80 5.38 -6.97 7.88
CA THR B 80 5.47 -6.23 6.63
C THR B 80 4.92 -7.09 5.50
N VAL B 81 3.79 -6.68 4.94
CA VAL B 81 3.22 -7.35 3.77
C VAL B 81 3.93 -6.84 2.53
N THR B 82 4.58 -7.75 1.81
CA THR B 82 5.41 -7.40 0.67
C THR B 82 4.65 -7.61 -0.63
N ALA B 83 5.31 -7.29 -1.74
CA ALA B 83 4.72 -7.49 -3.06
C ALA B 83 4.72 -8.96 -3.46
N MET B 84 5.79 -9.68 -3.13
CA MET B 84 5.83 -11.12 -3.38
C MET B 84 4.68 -11.83 -2.69
N ASP B 85 4.25 -11.33 -1.55
CA ASP B 85 3.05 -11.84 -0.89
C ASP B 85 1.85 -11.79 -1.83
N VAL B 86 1.48 -10.58 -2.27
CA VAL B 86 0.35 -10.42 -3.18
C VAL B 86 0.52 -11.28 -4.42
N VAL B 87 1.77 -11.43 -4.89
CA VAL B 87 2.03 -12.29 -6.03
C VAL B 87 1.69 -13.74 -5.71
N TYR B 88 1.95 -14.18 -4.47
CA TYR B 88 1.66 -15.55 -4.10
C TYR B 88 0.16 -15.78 -3.92
N ALA B 89 -0.53 -14.81 -3.32
CA ALA B 89 -1.97 -14.94 -3.14
C ALA B 89 -2.70 -14.95 -4.49
N LEU B 90 -2.42 -13.94 -5.32
CA LEU B 90 -3.02 -13.89 -6.65
C LEU B 90 -2.61 -15.09 -7.49
N LYS B 91 -1.39 -15.59 -7.30
CA LYS B 91 -0.94 -16.75 -8.06
C LYS B 91 -1.68 -18.02 -7.63
N ARG B 92 -1.96 -18.14 -6.34
CA ARG B 92 -2.73 -19.28 -5.86
C ARG B 92 -4.18 -19.18 -6.30
N GLN B 93 -4.73 -17.98 -6.38
CA GLN B 93 -6.11 -17.81 -6.82
C GLN B 93 -6.28 -17.95 -8.32
N GLY B 94 -5.19 -17.81 -9.09
CA GLY B 94 -5.27 -17.79 -10.53
C GLY B 94 -5.17 -16.40 -11.13
N ARG B 95 -4.88 -15.39 -10.33
CA ARG B 95 -4.80 -14.00 -10.72
C ARG B 95 -3.38 -13.56 -11.09
N THR B 96 -2.47 -14.51 -11.30
CA THR B 96 -1.03 -14.26 -11.20
C THR B 96 -0.63 -12.99 -11.95
N LEU B 97 0.13 -12.14 -11.26
CA LEU B 97 0.52 -10.83 -11.75
C LEU B 97 2.02 -10.85 -12.02
N TYR B 98 2.39 -10.76 -13.30
CA TYR B 98 3.80 -10.77 -13.67
C TYR B 98 4.39 -9.37 -13.56
N GLY B 99 5.67 -9.25 -13.89
CA GLY B 99 6.37 -7.99 -13.83
C GLY B 99 7.00 -7.67 -12.49
N PHE B 100 6.58 -8.34 -11.42
CA PHE B 100 7.13 -8.14 -10.09
C PHE B 100 7.90 -9.38 -9.64
N GLY B 101 7.21 -10.49 -9.44
CA GLY B 101 7.86 -11.72 -9.02
C GLY B 101 8.67 -12.38 -10.12
N ALA C 12 9.12 -52.73 26.51
CA ALA C 12 9.12 -52.18 25.16
C ALA C 12 7.84 -52.56 24.41
N LYS C 13 6.69 -52.23 25.01
CA LYS C 13 5.41 -52.55 24.40
C LYS C 13 5.11 -51.57 23.27
N ALA C 14 4.64 -52.11 22.15
CA ALA C 14 4.33 -51.29 20.99
C ALA C 14 2.93 -50.71 21.13
N LYS C 15 2.84 -49.38 21.11
CA LYS C 15 1.57 -48.68 21.20
C LYS C 15 1.52 -47.61 20.11
N THR C 16 0.55 -47.73 19.22
CA THR C 16 0.42 -46.80 18.11
C THR C 16 0.25 -45.37 18.63
N ARG C 17 1.08 -44.45 18.14
CA ARG C 17 1.01 -43.07 18.57
C ARG C 17 -0.28 -42.38 18.15
N SER C 18 -1.00 -42.95 17.17
CA SER C 18 -2.29 -42.39 16.79
C SER C 18 -3.32 -42.56 17.90
N SER C 19 -3.19 -43.62 18.70
CA SER C 19 -4.09 -43.84 19.82
C SER C 19 -3.77 -42.95 21.02
N ARG C 20 -2.56 -42.38 21.07
CA ARG C 20 -2.21 -41.48 22.16
C ARG C 20 -3.05 -40.21 22.13
N ALA C 21 -3.42 -39.74 20.94
CA ALA C 21 -4.28 -38.59 20.79
C ALA C 21 -5.75 -38.96 20.75
N GLY C 22 -6.08 -40.25 20.77
CA GLY C 22 -7.46 -40.68 20.71
C GLY C 22 -8.15 -40.35 19.41
N LEU C 23 -7.56 -40.77 18.29
CA LEU C 23 -8.08 -40.46 16.97
C LEU C 23 -8.25 -41.75 16.18
N GLN C 24 -8.73 -41.62 14.94
CA GLN C 24 -8.96 -42.75 14.05
C GLN C 24 -7.94 -42.81 12.93
N PHE C 25 -7.89 -41.80 12.07
CA PHE C 25 -6.93 -41.78 10.97
C PHE C 25 -5.51 -41.91 11.52
N PRO C 26 -4.67 -42.77 10.95
CA PRO C 26 -3.35 -43.02 11.52
C PRO C 26 -2.38 -41.90 11.25
N VAL C 27 -1.48 -41.70 12.22
CA VAL C 27 -0.41 -40.72 12.05
C VAL C 27 0.72 -41.30 11.20
N GLY C 28 0.99 -42.59 11.32
CA GLY C 28 2.12 -43.17 10.61
C GLY C 28 1.93 -43.24 9.10
N ARG C 29 0.72 -43.60 8.66
CA ARG C 29 0.47 -43.73 7.23
C ARG C 29 0.53 -42.37 6.54
N VAL C 30 -0.08 -41.34 7.14
CA VAL C 30 -0.02 -40.01 6.55
C VAL C 30 1.38 -39.42 6.70
N HIS C 31 2.12 -39.85 7.72
CA HIS C 31 3.47 -39.35 7.92
C HIS C 31 4.42 -39.90 6.84
N ARG C 32 4.44 -41.22 6.66
CA ARG C 32 5.29 -41.80 5.62
C ARG C 32 4.81 -41.42 4.23
N LEU C 33 3.49 -41.34 4.04
CA LEU C 33 2.95 -40.93 2.74
C LEU C 33 3.33 -39.49 2.42
N LEU C 34 3.37 -38.63 3.45
CA LEU C 34 3.82 -37.26 3.23
C LEU C 34 5.31 -37.20 2.97
N ARG C 35 6.08 -38.07 3.63
CA ARG C 35 7.51 -38.19 3.34
C ARG C 35 7.74 -38.55 1.87
N LYS C 36 7.29 -39.72 1.46
CA LYS C 36 7.49 -40.19 0.09
C LYS C 36 6.72 -39.36 -0.94
N GLY C 37 5.80 -38.49 -0.50
CA GLY C 37 5.06 -37.65 -1.40
C GLY C 37 5.81 -36.47 -1.97
N ASN C 38 7.12 -36.39 -1.72
CA ASN C 38 8.04 -35.37 -2.26
C ASN C 38 7.46 -33.96 -2.16
N TYR C 39 6.69 -33.69 -1.10
CA TYR C 39 6.17 -32.35 -0.86
C TYR C 39 7.22 -31.44 -0.25
N ALA C 40 7.99 -31.96 0.70
CA ALA C 40 9.05 -31.20 1.35
C ALA C 40 10.28 -32.10 1.51
N GLU C 41 11.44 -31.47 1.63
CA GLU C 41 12.69 -32.21 1.75
C GLU C 41 12.82 -32.86 3.13
N ARG C 42 12.12 -32.35 4.14
CA ARG C 42 12.06 -32.95 5.47
C ARG C 42 10.62 -32.97 5.94
N VAL C 43 10.40 -33.53 7.13
CA VAL C 43 9.07 -33.65 7.72
C VAL C 43 9.13 -33.25 9.19
N GLY C 44 7.95 -33.05 9.78
CA GLY C 44 7.84 -32.66 11.17
C GLY C 44 7.40 -33.79 12.06
N ALA C 45 7.11 -33.43 13.32
CA ALA C 45 6.67 -34.39 14.33
C ALA C 45 5.16 -34.35 14.53
N GLY C 46 4.64 -33.23 15.03
CA GLY C 46 3.22 -33.07 15.25
C GLY C 46 2.41 -32.71 14.04
N ALA C 47 3.05 -32.50 12.88
CA ALA C 47 2.31 -32.16 11.67
C ALA C 47 1.39 -33.28 11.22
N PRO C 48 1.82 -34.54 11.12
CA PRO C 48 0.85 -35.61 10.77
C PRO C 48 -0.19 -35.84 11.84
N VAL C 49 0.09 -35.49 13.10
CA VAL C 49 -0.93 -35.57 14.13
C VAL C 49 -2.00 -34.52 13.91
N TYR C 50 -1.59 -33.29 13.57
CA TYR C 50 -2.56 -32.25 13.26
C TYR C 50 -3.36 -32.60 12.00
N LEU C 51 -2.69 -33.20 11.01
CA LEU C 51 -3.40 -33.71 9.83
C LEU C 51 -4.43 -34.74 10.22
N ALA C 52 -4.06 -35.70 11.08
CA ALA C 52 -5.02 -36.68 11.56
C ALA C 52 -6.19 -36.01 12.25
N ALA C 53 -5.92 -34.94 13.01
CA ALA C 53 -6.98 -34.24 13.73
C ALA C 53 -7.96 -33.58 12.76
N VAL C 54 -7.44 -32.81 11.81
CA VAL C 54 -8.34 -32.13 10.88
C VAL C 54 -9.08 -33.15 10.01
N LEU C 55 -8.48 -34.30 9.73
CA LEU C 55 -9.21 -35.36 9.05
C LEU C 55 -10.32 -35.92 9.93
N GLU C 56 -10.08 -36.00 11.24
CA GLU C 56 -11.13 -36.44 12.15
C GLU C 56 -12.31 -35.46 12.13
N TYR C 57 -12.01 -34.16 12.28
CA TYR C 57 -13.11 -33.20 12.42
C TYR C 57 -13.83 -32.98 11.10
N LEU C 58 -13.12 -33.01 9.98
CA LEU C 58 -13.78 -32.84 8.69
C LEU C 58 -14.57 -34.10 8.31
N THR C 59 -13.95 -35.27 8.48
CA THR C 59 -14.64 -36.52 8.14
C THR C 59 -15.88 -36.71 9.00
N ALA C 60 -15.76 -36.45 10.30
CA ALA C 60 -16.93 -36.55 11.18
C ALA C 60 -17.93 -35.44 10.93
N GLU C 61 -17.44 -34.28 10.48
CA GLU C 61 -18.31 -33.17 10.09
C GLU C 61 -19.22 -33.57 8.93
N ILE C 62 -18.63 -33.80 7.76
CA ILE C 62 -19.43 -34.10 6.57
C ILE C 62 -20.16 -35.44 6.72
N LEU C 63 -19.54 -36.40 7.40
CA LEU C 63 -20.22 -37.65 7.68
C LEU C 63 -21.40 -37.44 8.63
N GLU C 64 -21.30 -36.46 9.52
CA GLU C 64 -22.38 -36.18 10.45
C GLU C 64 -23.55 -35.51 9.74
N LEU C 65 -23.26 -34.53 8.88
CA LEU C 65 -24.33 -33.94 8.07
C LEU C 65 -24.95 -34.97 7.14
N ALA C 66 -24.14 -35.89 6.62
CA ALA C 66 -24.69 -36.97 5.80
C ALA C 66 -25.59 -37.87 6.62
N GLY C 67 -25.23 -38.15 7.87
CA GLY C 67 -26.09 -38.94 8.73
C GLY C 67 -27.39 -38.21 9.05
N ASN C 68 -27.33 -36.89 9.22
CA ASN C 68 -28.56 -36.12 9.45
C ASN C 68 -29.45 -36.10 8.20
N ALA C 69 -28.84 -36.05 7.01
CA ALA C 69 -29.63 -36.09 5.79
C ALA C 69 -30.27 -37.46 5.59
N ALA C 70 -29.51 -38.53 5.82
CA ALA C 70 -30.07 -39.88 5.71
C ALA C 70 -31.15 -40.12 6.75
N ARG C 71 -30.99 -39.54 7.94
CA ARG C 71 -32.05 -39.63 8.95
C ARG C 71 -33.27 -38.82 8.54
N ASP C 72 -33.05 -37.70 7.85
CA ASP C 72 -34.18 -36.90 7.37
C ASP C 72 -34.96 -37.65 6.31
N ASN C 73 -34.27 -38.38 5.44
CA ASN C 73 -34.91 -39.17 4.39
C ASN C 73 -35.35 -40.54 4.87
N LYS C 74 -35.16 -40.86 6.15
CA LYS C 74 -35.56 -42.15 6.73
C LYS C 74 -34.84 -43.31 6.04
N LYS C 75 -33.53 -43.15 5.87
CA LYS C 75 -32.68 -44.19 5.30
C LYS C 75 -31.52 -44.44 6.25
N THR C 76 -31.31 -45.71 6.61
CA THR C 76 -30.23 -46.06 7.53
C THR C 76 -28.87 -45.78 6.89
N ARG C 77 -28.65 -46.32 5.69
CA ARG C 77 -27.40 -46.11 4.97
C ARG C 77 -27.41 -44.71 4.36
N ILE C 78 -26.30 -44.32 3.73
CA ILE C 78 -26.18 -43.00 3.12
C ILE C 78 -26.04 -43.15 1.61
N ILE C 79 -26.48 -42.11 0.91
CA ILE C 79 -26.50 -42.08 -0.55
C ILE C 79 -25.71 -40.87 -1.02
N PRO C 80 -24.96 -40.95 -2.13
CA PRO C 80 -24.31 -39.75 -2.66
C PRO C 80 -25.28 -38.60 -2.91
N ARG C 81 -26.56 -38.89 -3.16
CA ARG C 81 -27.57 -37.84 -3.19
C ARG C 81 -27.62 -37.10 -1.86
N HIS C 82 -27.73 -37.84 -0.76
CA HIS C 82 -27.71 -37.21 0.56
C HIS C 82 -26.38 -36.52 0.84
N LEU C 83 -25.29 -36.99 0.21
CA LEU C 83 -24.01 -36.31 0.33
C LEU C 83 -24.05 -34.94 -0.33
N GLN C 84 -24.58 -34.87 -1.54
CA GLN C 84 -24.71 -33.58 -2.23
C GLN C 84 -25.65 -32.64 -1.47
N LEU C 85 -26.77 -33.17 -0.98
CA LEU C 85 -27.68 -32.34 -0.18
C LEU C 85 -27.00 -31.82 1.07
N ALA C 86 -26.22 -32.67 1.75
CA ALA C 86 -25.53 -32.22 2.96
C ALA C 86 -24.48 -31.16 2.64
N VAL C 87 -23.69 -31.38 1.59
CA VAL C 87 -22.70 -30.38 1.18
C VAL C 87 -23.37 -29.04 0.87
N ARG C 88 -24.24 -29.03 -0.14
CA ARG C 88 -24.78 -27.76 -0.63
C ARG C 88 -25.68 -27.09 0.41
N ASN C 89 -26.25 -27.86 1.34
CA ASN C 89 -27.08 -27.24 2.37
C ASN C 89 -26.25 -26.32 3.26
N ASP C 90 -25.09 -26.79 3.70
CA ASP C 90 -24.22 -25.97 4.53
C ASP C 90 -23.63 -24.82 3.71
N GLU C 91 -23.38 -23.71 4.38
CA GLU C 91 -22.90 -22.51 3.70
C GLU C 91 -21.41 -22.63 3.33
N GLU C 92 -20.54 -22.71 4.35
CA GLU C 92 -19.11 -22.72 4.09
C GLU C 92 -18.65 -24.04 3.48
N LEU C 93 -19.32 -25.15 3.82
CA LEU C 93 -18.95 -26.44 3.23
C LEU C 93 -19.20 -26.44 1.73
N ASN C 94 -20.31 -25.86 1.29
CA ASN C 94 -20.55 -25.68 -0.13
C ASN C 94 -19.69 -24.56 -0.72
N LYS C 95 -19.24 -23.62 0.12
CA LYS C 95 -18.35 -22.57 -0.36
C LYS C 95 -16.99 -23.13 -0.74
N LEU C 96 -16.50 -24.10 0.03
CA LEU C 96 -15.22 -24.73 -0.30
C LEU C 96 -15.36 -25.69 -1.47
N LEU C 97 -16.48 -26.42 -1.55
CA LEU C 97 -16.71 -27.41 -2.59
C LEU C 97 -17.47 -26.86 -3.78
N GLY C 98 -17.75 -25.55 -3.81
CA GLY C 98 -18.54 -24.99 -4.90
C GLY C 98 -17.86 -25.12 -6.25
N ARG C 99 -16.53 -25.01 -6.27
CA ARG C 99 -15.82 -25.10 -7.54
C ARG C 99 -15.75 -26.54 -8.05
N VAL C 100 -15.53 -27.49 -7.15
CA VAL C 100 -15.41 -28.89 -7.53
C VAL C 100 -16.79 -29.51 -7.70
N THR C 101 -16.92 -30.43 -8.65
CA THR C 101 -18.17 -31.10 -8.90
C THR C 101 -18.25 -32.38 -8.06
N ILE C 102 -19.29 -33.18 -8.29
CA ILE C 102 -19.54 -34.40 -7.54
C ILE C 102 -19.80 -35.51 -8.55
N ALA C 103 -19.95 -36.74 -8.04
CA ALA C 103 -20.27 -37.91 -8.85
C ALA C 103 -21.58 -38.51 -8.36
N GLN C 104 -22.57 -38.56 -9.25
CA GLN C 104 -23.91 -39.11 -9.02
C GLN C 104 -24.73 -38.28 -8.04
N GLY C 105 -24.17 -37.22 -7.46
CA GLY C 105 -24.87 -36.41 -6.48
C GLY C 105 -26.10 -35.72 -7.04
N GLY C 106 -25.93 -34.95 -8.10
CA GLY C 106 -27.05 -34.28 -8.73
C GLY C 106 -27.26 -32.86 -8.22
N VAL C 107 -28.47 -32.36 -8.46
CA VAL C 107 -28.86 -31.00 -8.09
C VAL C 107 -30.15 -31.09 -7.29
N LEU C 108 -30.18 -30.40 -6.14
CA LEU C 108 -31.37 -30.40 -5.31
C LEU C 108 -32.50 -29.62 -5.98
N PRO C 109 -33.75 -29.96 -5.68
CA PRO C 109 -34.88 -29.25 -6.31
C PRO C 109 -34.87 -27.76 -5.96
N ASN C 110 -35.04 -26.93 -6.98
CA ASN C 110 -35.13 -25.50 -6.80
C ASN C 110 -36.10 -24.94 -7.85
N ILE C 111 -36.86 -23.93 -7.44
CA ILE C 111 -37.85 -23.30 -8.30
C ILE C 111 -37.62 -21.80 -8.29
N GLN C 112 -37.51 -21.22 -9.48
CA GLN C 112 -37.30 -19.78 -9.61
C GLN C 112 -38.56 -19.02 -9.18
N SER C 113 -38.36 -17.74 -8.86
CA SER C 113 -39.41 -16.88 -8.34
C SER C 113 -40.61 -16.81 -9.29
N VAL C 114 -40.42 -16.17 -10.45
CA VAL C 114 -41.52 -15.98 -11.40
C VAL C 114 -41.70 -17.15 -12.35
N LEU C 115 -40.89 -18.20 -12.23
CA LEU C 115 -41.05 -19.36 -13.10
C LEU C 115 -42.35 -20.09 -12.83
N LEU C 116 -42.79 -20.12 -11.58
CA LEU C 116 -44.05 -20.78 -11.25
C LEU C 116 -45.23 -19.83 -11.51
N PRO C 117 -46.34 -20.36 -12.01
CA PRO C 117 -47.51 -19.52 -12.29
C PRO C 117 -48.25 -19.17 -11.02
N LYS C 118 -49.33 -18.40 -11.19
CA LYS C 118 -50.15 -17.98 -10.06
C LYS C 118 -51.26 -18.99 -9.78
N THR D 29 -3.28 -55.93 -7.22
CA THR D 29 -3.48 -56.79 -6.07
C THR D 29 -3.32 -56.01 -4.76
N ARG D 30 -2.26 -55.23 -4.67
CA ARG D 30 -1.98 -54.46 -3.47
C ARG D 30 -2.55 -53.06 -3.63
N LYS D 31 -3.54 -52.72 -2.80
CA LYS D 31 -4.16 -51.41 -2.80
C LYS D 31 -4.36 -50.95 -1.36
N GLU D 32 -4.41 -49.63 -1.17
CA GLU D 32 -4.54 -49.04 0.15
C GLU D 32 -5.69 -48.04 0.16
N SER D 33 -6.45 -48.06 1.26
CA SER D 33 -7.55 -47.13 1.46
C SER D 33 -7.78 -46.96 2.95
N TYR D 34 -8.44 -45.85 3.30
CA TYR D 34 -8.73 -45.60 4.72
C TYR D 34 -9.74 -46.63 5.26
N ALA D 35 -10.88 -46.77 4.59
CA ALA D 35 -11.83 -47.85 4.89
C ALA D 35 -12.26 -47.86 6.35
N ILE D 36 -11.87 -48.90 7.08
CA ILE D 36 -12.30 -49.15 8.45
C ILE D 36 -12.05 -47.96 9.35
N TYR D 37 -11.11 -47.09 8.97
CA TYR D 37 -10.95 -45.80 9.66
C TYR D 37 -12.24 -45.00 9.60
N VAL D 38 -12.63 -44.61 8.38
CA VAL D 38 -13.87 -43.87 8.19
C VAL D 38 -15.07 -44.65 8.73
N TYR D 39 -15.03 -45.99 8.63
CA TYR D 39 -16.12 -46.79 9.17
C TYR D 39 -16.24 -46.62 10.69
N LYS D 40 -15.09 -46.66 11.39
CA LYS D 40 -15.12 -46.45 12.83
C LYS D 40 -15.52 -45.03 13.18
N VAL D 41 -15.18 -44.06 12.33
CA VAL D 41 -15.70 -42.71 12.51
C VAL D 41 -17.23 -42.72 12.46
N LEU D 42 -17.79 -43.46 11.50
CA LEU D 42 -19.24 -43.62 11.42
C LEU D 42 -19.79 -44.30 12.67
N LYS D 43 -19.04 -45.27 13.22
CA LYS D 43 -19.50 -45.97 14.40
C LYS D 43 -19.49 -45.06 15.63
N GLN D 44 -18.54 -44.14 15.71
CA GLN D 44 -18.47 -43.23 16.86
C GLN D 44 -19.28 -41.96 16.68
N VAL D 45 -19.82 -41.71 15.48
CA VAL D 45 -20.67 -40.54 15.27
C VAL D 45 -22.13 -40.99 15.22
N HIS D 46 -22.49 -41.79 14.21
CA HIS D 46 -23.85 -42.32 14.04
C HIS D 46 -23.79 -43.84 14.03
N PRO D 47 -23.90 -44.49 15.19
CA PRO D 47 -23.78 -45.96 15.21
C PRO D 47 -24.81 -46.67 14.38
N ASP D 48 -26.04 -46.16 14.31
CA ASP D 48 -27.12 -46.82 13.58
C ASP D 48 -27.10 -46.50 12.09
N THR D 49 -26.20 -45.65 11.63
CA THR D 49 -26.11 -45.28 10.22
C THR D 49 -25.12 -46.18 9.49
N GLY D 50 -25.50 -46.62 8.29
CA GLY D 50 -24.63 -47.43 7.46
C GLY D 50 -23.97 -46.62 6.35
N ILE D 51 -23.04 -47.29 5.67
CA ILE D 51 -22.29 -46.68 4.58
C ILE D 51 -22.12 -47.71 3.47
N SER D 52 -22.17 -47.24 2.22
CA SER D 52 -22.00 -48.13 1.08
C SER D 52 -20.55 -48.09 0.61
N SER D 53 -20.25 -48.88 -0.43
CA SER D 53 -18.90 -48.89 -1.00
C SER D 53 -18.64 -47.63 -1.81
N LYS D 54 -19.64 -47.16 -2.55
CA LYS D 54 -19.47 -45.94 -3.34
C LYS D 54 -19.26 -44.73 -2.42
N ALA D 55 -19.92 -44.73 -1.26
CA ALA D 55 -19.72 -43.63 -0.31
C ALA D 55 -18.34 -43.69 0.32
N MET D 56 -17.89 -44.89 0.68
CA MET D 56 -16.54 -45.04 1.21
C MET D 56 -15.48 -44.65 0.19
N SER D 57 -15.77 -44.87 -1.09
CA SER D 57 -14.81 -44.50 -2.13
C SER D 57 -14.82 -43.00 -2.41
N ILE D 58 -16.01 -42.39 -2.46
CA ILE D 58 -16.07 -40.95 -2.72
C ILE D 58 -15.51 -40.16 -1.55
N MET D 59 -15.72 -40.64 -0.32
CA MET D 59 -15.11 -39.98 0.83
C MET D 59 -13.63 -40.32 0.95
N ASN D 60 -13.24 -41.50 0.46
CA ASN D 60 -11.82 -41.86 0.40
C ASN D 60 -11.06 -40.89 -0.49
N SER D 61 -11.46 -40.79 -1.76
CA SER D 61 -10.83 -39.82 -2.65
C SER D 61 -11.08 -38.38 -2.21
N PHE D 62 -12.15 -38.15 -1.45
CA PHE D 62 -12.40 -36.81 -0.92
C PHE D 62 -11.32 -36.42 0.08
N VAL D 63 -11.08 -37.24 1.10
CA VAL D 63 -10.06 -36.90 2.09
C VAL D 63 -8.67 -36.97 1.48
N ASN D 64 -8.46 -37.86 0.50
CA ASN D 64 -7.16 -37.90 -0.18
C ASN D 64 -6.91 -36.62 -0.97
N ASP D 65 -7.96 -36.06 -1.59
CA ASP D 65 -7.80 -34.84 -2.36
C ASP D 65 -7.66 -33.63 -1.44
N VAL D 66 -8.42 -33.58 -0.35
CA VAL D 66 -8.25 -32.50 0.62
C VAL D 66 -6.84 -32.52 1.19
N PHE D 67 -6.33 -33.70 1.50
CA PHE D 67 -4.93 -33.82 1.91
C PHE D 67 -3.99 -33.39 0.79
N GLU D 68 -4.36 -33.64 -0.46
CA GLU D 68 -3.54 -33.20 -1.58
C GLU D 68 -3.48 -31.68 -1.65
N ARG D 69 -4.56 -31.00 -1.28
CA ARG D 69 -4.55 -29.54 -1.24
C ARG D 69 -3.76 -29.02 -0.05
N ILE D 70 -3.95 -29.64 1.12
CA ILE D 70 -3.27 -29.18 2.33
C ILE D 70 -1.77 -29.33 2.18
N ALA D 71 -1.31 -30.55 1.87
CA ALA D 71 0.14 -30.77 1.73
C ALA D 71 0.68 -30.14 0.46
N GLY D 72 -0.11 -30.14 -0.61
CA GLY D 72 0.35 -29.55 -1.86
C GLY D 72 0.59 -28.06 -1.74
N GLU D 73 -0.33 -27.34 -1.10
CA GLU D 73 -0.13 -25.91 -0.88
C GLU D 73 0.90 -25.67 0.22
N ALA D 74 0.97 -26.56 1.21
CA ALA D 74 1.95 -26.41 2.28
C ALA D 74 3.38 -26.56 1.76
N SER D 75 3.55 -27.32 0.68
CA SER D 75 4.87 -27.45 0.06
C SER D 75 5.43 -26.07 -0.33
N ARG D 76 4.78 -25.41 -1.27
CA ARG D 76 5.23 -24.08 -1.69
C ARG D 76 5.11 -23.06 -0.56
N LEU D 77 4.17 -23.27 0.36
CA LEU D 77 4.06 -22.37 1.51
C LEU D 77 5.33 -22.40 2.35
N ALA D 78 5.88 -23.60 2.57
CA ALA D 78 7.18 -23.71 3.23
C ALA D 78 8.33 -23.35 2.31
N HIS D 79 8.11 -23.37 0.99
CA HIS D 79 9.14 -22.98 0.05
C HIS D 79 9.30 -21.47 -0.07
N TYR D 80 8.29 -20.69 0.32
CA TYR D 80 8.40 -19.24 0.26
C TYR D 80 9.53 -18.73 1.16
N ASN D 81 9.58 -19.24 2.39
CA ASN D 81 10.59 -18.84 3.36
C ASN D 81 11.90 -19.60 3.24
N LYS D 82 12.01 -20.49 2.24
CA LYS D 82 13.20 -21.33 2.05
C LYS D 82 13.44 -22.23 3.25
N ARG D 83 12.38 -22.65 3.92
CA ARG D 83 12.47 -23.55 5.05
C ARG D 83 12.45 -24.99 4.55
N SER D 84 13.52 -25.74 4.88
CA SER D 84 13.64 -27.10 4.36
C SER D 84 12.61 -28.03 4.99
N THR D 85 12.54 -28.06 6.32
CA THR D 85 11.62 -28.95 7.02
C THR D 85 10.25 -28.32 7.15
N ILE D 86 9.22 -29.15 7.06
CA ILE D 86 7.84 -28.73 7.25
C ILE D 86 7.42 -29.06 8.67
N THR D 87 6.66 -28.16 9.30
CA THR D 87 6.28 -28.28 10.69
C THR D 87 4.77 -28.12 10.82
N SER D 88 4.29 -28.16 12.07
CA SER D 88 2.87 -28.03 12.33
C SER D 88 2.35 -26.63 12.02
N ARG D 89 3.22 -25.61 12.04
CA ARG D 89 2.79 -24.27 11.68
C ARG D 89 2.57 -24.14 10.18
N GLU D 90 3.39 -24.84 9.38
CA GLU D 90 3.20 -24.82 7.93
C GLU D 90 1.85 -25.42 7.55
N ILE D 91 1.48 -26.54 8.16
CA ILE D 91 0.17 -27.13 7.91
C ILE D 91 -0.91 -26.25 8.51
N GLN D 92 -0.64 -25.61 9.66
CA GLN D 92 -1.60 -24.70 10.27
C GLN D 92 -2.00 -23.60 9.29
N THR D 93 -1.04 -22.77 8.87
CA THR D 93 -1.33 -21.73 7.89
C THR D 93 -1.83 -22.32 6.58
N ALA D 94 -1.40 -23.53 6.24
CA ALA D 94 -1.86 -24.20 5.03
C ALA D 94 -3.36 -24.38 5.01
N VAL D 95 -3.88 -25.21 5.94
CA VAL D 95 -5.31 -25.51 5.93
C VAL D 95 -6.12 -24.30 6.38
N ARG D 96 -5.54 -23.44 7.23
CA ARG D 96 -6.24 -22.22 7.64
C ARG D 96 -6.44 -21.29 6.45
N LEU D 97 -5.46 -21.25 5.54
CA LEU D 97 -5.57 -20.45 4.32
C LEU D 97 -6.34 -21.18 3.23
N LEU D 98 -6.53 -22.50 3.36
CA LEU D 98 -7.20 -23.28 2.34
C LEU D 98 -8.69 -23.00 2.32
N LEU D 99 -9.39 -23.37 3.39
CA LEU D 99 -10.84 -23.21 3.45
C LEU D 99 -11.18 -21.92 4.16
N PRO D 100 -11.90 -20.99 3.52
CA PRO D 100 -12.36 -19.79 4.21
C PRO D 100 -13.53 -20.09 5.13
N GLY D 101 -13.80 -19.14 6.02
CA GLY D 101 -14.98 -19.18 6.86
C GLY D 101 -14.66 -19.57 8.29
N GLU D 102 -15.73 -19.71 9.08
CA GLU D 102 -15.61 -20.00 10.50
C GLU D 102 -15.13 -21.42 10.77
N LEU D 103 -15.22 -22.31 9.76
CA LEU D 103 -14.77 -23.69 9.93
C LEU D 103 -13.31 -23.76 10.35
N ALA D 104 -12.49 -22.79 9.91
CA ALA D 104 -11.08 -22.79 10.27
C ALA D 104 -10.88 -22.66 11.78
N LYS D 105 -11.78 -21.96 12.47
CA LYS D 105 -11.65 -21.83 13.91
C LYS D 105 -11.84 -23.18 14.60
N HIS D 106 -12.83 -23.97 14.16
CA HIS D 106 -12.98 -25.33 14.67
C HIS D 106 -11.78 -26.19 14.30
N ALA D 107 -11.22 -25.97 13.11
CA ALA D 107 -10.01 -26.69 12.72
C ALA D 107 -8.85 -26.38 13.68
N VAL D 108 -8.76 -25.13 14.13
CA VAL D 108 -7.72 -24.75 15.07
C VAL D 108 -7.99 -25.35 16.45
N SER D 109 -9.25 -25.33 16.88
CA SER D 109 -9.60 -25.85 18.20
C SER D 109 -9.32 -27.35 18.27
N GLU D 110 -9.89 -28.12 17.36
CA GLU D 110 -9.71 -29.57 17.38
C GLU D 110 -8.27 -29.95 17.06
N GLY D 111 -7.69 -29.33 16.04
CA GLY D 111 -6.33 -29.64 15.64
C GLY D 111 -5.30 -29.35 16.70
N THR D 112 -5.27 -28.11 17.20
CA THR D 112 -4.34 -27.76 18.27
C THR D 112 -4.66 -28.50 19.55
N LYS D 113 -5.93 -28.86 19.77
CA LYS D 113 -6.27 -29.70 20.91
C LYS D 113 -5.60 -31.06 20.80
N ALA D 114 -5.62 -31.66 19.61
CA ALA D 114 -4.94 -32.94 19.42
C ALA D 114 -3.43 -32.80 19.46
N VAL D 115 -2.90 -31.63 19.05
CA VAL D 115 -1.46 -31.40 19.14
C VAL D 115 -1.01 -31.33 20.59
N THR D 116 -1.75 -30.57 21.41
CA THR D 116 -1.41 -30.49 22.83
C THR D 116 -1.66 -31.82 23.54
N LYS D 117 -2.66 -32.58 23.10
CA LYS D 117 -2.90 -33.88 23.70
C LYS D 117 -1.79 -34.87 23.34
N TYR D 118 -1.26 -34.76 22.12
CA TYR D 118 -0.18 -35.66 21.71
C TYR D 118 1.13 -35.29 22.39
N THR D 119 1.48 -34.00 22.39
CA THR D 119 2.72 -33.56 23.01
C THR D 119 2.66 -33.62 24.53
N SER D 120 1.46 -33.69 25.11
CA SER D 120 1.34 -33.76 26.57
C SER D 120 1.79 -35.10 27.11
N ALA D 121 1.81 -36.14 26.29
CA ALA D 121 2.22 -37.47 26.74
C ALA D 121 3.61 -37.81 26.20
N ARG E 40 -56.83 -32.57 -19.89
CA ARG E 40 -55.55 -32.00 -20.28
C ARG E 40 -55.00 -31.20 -19.10
N TYR E 41 -53.94 -30.43 -19.36
CA TYR E 41 -53.35 -29.55 -18.36
C TYR E 41 -53.01 -28.22 -19.00
N ARG E 42 -52.95 -27.19 -18.17
CA ARG E 42 -52.50 -25.89 -18.65
C ARG E 42 -51.05 -25.97 -19.10
N PRO E 43 -50.69 -25.31 -20.19
CA PRO E 43 -49.31 -25.40 -20.70
C PRO E 43 -48.30 -24.90 -19.67
N GLY E 44 -47.28 -25.73 -19.42
CA GLY E 44 -46.21 -25.40 -18.51
C GLY E 44 -46.31 -26.08 -17.15
N THR E 45 -47.51 -26.49 -16.74
CA THR E 45 -47.64 -27.16 -15.44
C THR E 45 -47.00 -28.55 -15.47
N VAL E 46 -47.25 -29.30 -16.55
CA VAL E 46 -46.58 -30.59 -16.73
C VAL E 46 -45.06 -30.41 -16.67
N ALA E 47 -44.56 -29.31 -17.23
CA ALA E 47 -43.14 -29.02 -17.16
C ALA E 47 -42.68 -28.84 -15.72
N LEU E 48 -43.49 -28.17 -14.89
CA LEU E 48 -43.17 -28.03 -13.48
C LEU E 48 -43.11 -29.40 -12.79
N ARG E 49 -44.12 -30.24 -13.01
CA ARG E 49 -44.12 -31.56 -12.39
C ARG E 49 -42.91 -32.38 -12.82
N GLU E 50 -42.58 -32.33 -14.12
CA GLU E 50 -41.38 -32.98 -14.60
C GLU E 50 -40.14 -32.47 -13.85
N ILE E 51 -39.86 -31.17 -13.98
CA ILE E 51 -38.66 -30.59 -13.36
C ILE E 51 -38.55 -30.98 -11.89
N ARG E 52 -39.67 -30.98 -11.16
CA ARG E 52 -39.63 -31.44 -9.78
C ARG E 52 -39.26 -32.92 -9.70
N ARG E 53 -39.81 -33.75 -10.60
CA ARG E 53 -39.53 -35.18 -10.53
C ARG E 53 -38.08 -35.49 -10.84
N TYR E 54 -37.47 -34.76 -11.78
CA TYR E 54 -36.08 -35.00 -12.14
C TYR E 54 -35.13 -34.42 -11.09
N GLN E 55 -35.20 -33.10 -10.86
CA GLN E 55 -34.38 -32.47 -9.84
C GLN E 55 -34.53 -33.13 -8.47
N LYS E 56 -35.66 -33.81 -8.22
CA LYS E 56 -35.83 -34.52 -6.97
C LYS E 56 -35.05 -35.83 -6.93
N SER E 57 -34.85 -36.46 -8.09
CA SER E 57 -34.22 -37.78 -8.15
C SER E 57 -32.76 -37.67 -8.61
N THR E 58 -31.91 -38.54 -8.06
CA THR E 58 -30.50 -38.57 -8.40
C THR E 58 -30.16 -39.61 -9.47
N GLU E 59 -31.15 -40.30 -10.01
CA GLU E 59 -30.88 -41.39 -10.95
C GLU E 59 -30.27 -40.85 -12.24
N LEU E 60 -29.55 -41.73 -12.94
CA LEU E 60 -28.94 -41.38 -14.21
C LEU E 60 -30.02 -41.12 -15.26
N LEU E 61 -29.76 -40.16 -16.15
CA LEU E 61 -30.75 -39.71 -17.11
C LEU E 61 -30.39 -40.15 -18.54
N ILE E 62 -29.28 -39.65 -19.09
CA ILE E 62 -28.92 -40.02 -20.45
C ILE E 62 -28.56 -41.51 -20.52
N ARG E 63 -28.71 -42.07 -21.72
CA ARG E 63 -28.62 -43.51 -21.90
C ARG E 63 -27.19 -43.96 -22.13
N LYS E 64 -26.81 -45.07 -21.50
CA LYS E 64 -25.46 -45.59 -21.51
C LYS E 64 -24.93 -45.88 -22.90
N LEU E 65 -25.51 -46.86 -23.59
CA LEU E 65 -24.93 -47.36 -24.83
C LEU E 65 -24.75 -46.32 -25.92
N PRO E 66 -25.68 -45.39 -26.17
CA PRO E 66 -25.39 -44.31 -27.14
C PRO E 66 -24.14 -43.53 -26.78
N PHE E 67 -23.94 -43.22 -25.49
CA PHE E 67 -22.70 -42.60 -25.05
C PHE E 67 -21.52 -43.54 -25.24
N GLN E 68 -21.75 -44.86 -25.14
CA GLN E 68 -20.68 -45.83 -25.32
C GLN E 68 -20.14 -45.79 -26.74
N ARG E 69 -21.03 -45.98 -27.73
CA ARG E 69 -20.58 -45.90 -29.11
C ARG E 69 -20.22 -44.49 -29.52
N LEU E 70 -20.67 -43.49 -28.77
CA LEU E 70 -20.20 -42.12 -29.02
C LEU E 70 -18.73 -41.98 -28.67
N VAL E 71 -18.35 -42.41 -27.47
CA VAL E 71 -16.96 -42.30 -27.04
C VAL E 71 -16.07 -43.24 -27.86
N ARG E 72 -16.57 -44.43 -28.19
CA ARG E 72 -15.80 -45.34 -29.03
C ARG E 72 -15.63 -44.79 -30.44
N GLU E 73 -16.67 -44.18 -30.99
CA GLU E 73 -16.61 -43.66 -32.36
C GLU E 73 -15.68 -42.46 -32.45
N ILE E 74 -15.83 -41.50 -31.53
CA ILE E 74 -14.96 -40.32 -31.56
C ILE E 74 -13.54 -40.70 -31.16
N ALA E 75 -13.38 -41.77 -30.38
CA ALA E 75 -12.06 -42.25 -29.99
C ALA E 75 -11.37 -43.03 -31.09
N GLN E 76 -12.14 -43.60 -32.02
CA GLN E 76 -11.53 -44.32 -33.14
C GLN E 76 -10.77 -43.38 -34.07
N ASP E 77 -11.15 -42.10 -34.09
CA ASP E 77 -10.47 -41.14 -34.96
C ASP E 77 -9.03 -40.92 -34.49
N PHE E 78 -8.81 -40.83 -33.19
CA PHE E 78 -7.47 -40.56 -32.66
C PHE E 78 -6.58 -41.79 -32.76
N LYS E 79 -6.88 -42.82 -31.96
CA LYS E 79 -6.04 -44.01 -31.86
C LYS E 79 -6.91 -45.25 -32.00
N THR E 80 -6.31 -46.30 -32.57
CA THR E 80 -7.00 -47.57 -32.74
C THR E 80 -7.12 -48.31 -31.42
N ASP E 81 -8.07 -49.26 -31.40
CA ASP E 81 -8.28 -50.27 -30.35
C ASP E 81 -8.08 -49.77 -28.92
N LEU E 82 -8.93 -48.85 -28.47
CA LEU E 82 -8.95 -48.41 -27.09
C LEU E 82 -9.87 -49.30 -26.27
N ARG E 83 -9.43 -49.65 -25.07
CA ARG E 83 -10.21 -50.48 -24.15
C ARG E 83 -10.82 -49.59 -23.07
N PHE E 84 -12.14 -49.68 -22.91
CA PHE E 84 -12.88 -48.82 -21.99
C PHE E 84 -13.59 -49.67 -20.95
N GLN E 85 -13.30 -49.40 -19.67
CA GLN E 85 -14.09 -49.98 -18.59
C GLN E 85 -15.41 -49.23 -18.46
N SER E 86 -16.39 -49.92 -17.86
CA SER E 86 -17.67 -49.28 -17.60
C SER E 86 -17.55 -48.18 -16.55
N SER E 87 -16.57 -48.30 -15.64
CA SER E 87 -16.38 -47.29 -14.61
C SER E 87 -15.92 -45.97 -15.22
N ALA E 88 -15.10 -46.02 -16.27
CA ALA E 88 -14.69 -44.80 -16.95
C ALA E 88 -15.83 -44.22 -17.77
N VAL E 89 -16.68 -45.07 -18.34
CA VAL E 89 -17.86 -44.59 -19.07
C VAL E 89 -18.81 -43.87 -18.13
N MET E 90 -18.99 -44.41 -16.92
CA MET E 90 -19.76 -43.71 -15.91
C MET E 90 -19.06 -42.43 -15.46
N ALA E 91 -17.72 -42.46 -15.41
CA ALA E 91 -16.95 -41.27 -15.05
C ALA E 91 -17.23 -40.12 -16.01
N LEU E 92 -16.86 -40.29 -17.28
CA LEU E 92 -17.04 -39.21 -18.25
C LEU E 92 -18.51 -38.91 -18.47
N GLN E 93 -19.36 -39.93 -18.46
CA GLN E 93 -20.79 -39.72 -18.68
C GLN E 93 -21.40 -38.87 -17.58
N GLU E 94 -21.06 -39.16 -16.32
CA GLU E 94 -21.61 -38.37 -15.23
C GLU E 94 -20.96 -37.00 -15.15
N ALA E 95 -19.68 -36.91 -15.47
CA ALA E 95 -18.97 -35.64 -15.52
C ALA E 95 -19.62 -34.68 -16.51
N SER E 96 -19.56 -35.03 -17.80
CA SER E 96 -20.16 -34.18 -18.82
C SER E 96 -21.67 -34.07 -18.64
N GLU E 97 -22.29 -35.08 -18.02
CA GLU E 97 -23.71 -35.02 -17.74
C GLU E 97 -24.03 -33.88 -16.78
N ALA E 98 -23.40 -33.90 -15.60
CA ALA E 98 -23.70 -32.88 -14.59
C ALA E 98 -23.19 -31.51 -15.02
N TYR E 99 -22.02 -31.45 -15.63
CA TYR E 99 -21.51 -30.17 -16.12
C TYR E 99 -22.43 -29.59 -17.19
N LEU E 100 -22.97 -30.44 -18.06
CA LEU E 100 -23.91 -29.97 -19.06
C LEU E 100 -25.21 -29.51 -18.42
N VAL E 101 -25.65 -30.19 -17.36
CA VAL E 101 -26.77 -29.70 -16.56
C VAL E 101 -26.47 -28.30 -16.04
N ALA E 102 -25.25 -28.07 -15.56
CA ALA E 102 -24.85 -26.73 -15.15
C ALA E 102 -24.85 -25.76 -16.33
N LEU E 103 -24.63 -26.27 -17.54
CA LEU E 103 -24.67 -25.39 -18.71
C LEU E 103 -26.10 -24.97 -19.04
N PHE E 104 -27.05 -25.89 -18.94
CA PHE E 104 -28.46 -25.51 -19.12
C PHE E 104 -28.96 -24.64 -17.98
N GLU E 105 -28.37 -24.77 -16.79
CA GLU E 105 -28.78 -23.94 -15.67
C GLU E 105 -28.26 -22.51 -15.84
N ASP E 106 -26.97 -22.37 -16.18
CA ASP E 106 -26.41 -21.06 -16.47
C ASP E 106 -27.13 -20.41 -17.66
N THR E 107 -27.38 -21.19 -18.71
CA THR E 107 -28.14 -20.69 -19.85
C THR E 107 -29.55 -20.28 -19.43
N ASN E 108 -30.13 -20.98 -18.46
CA ASN E 108 -31.46 -20.61 -17.97
C ASN E 108 -31.42 -19.29 -17.23
N LEU E 109 -30.36 -19.04 -16.44
CA LEU E 109 -30.24 -17.75 -15.78
C LEU E 109 -30.00 -16.63 -16.79
N CYS E 110 -29.20 -16.88 -17.83
CA CYS E 110 -29.03 -15.88 -18.87
C CYS E 110 -30.34 -15.63 -19.61
N ALA E 111 -31.18 -16.66 -19.73
CA ALA E 111 -32.46 -16.49 -20.43
C ALA E 111 -33.44 -15.68 -19.59
N ILE E 112 -33.57 -16.01 -18.30
CA ILE E 112 -34.48 -15.25 -17.45
C ILE E 112 -33.99 -13.83 -17.27
N HIS E 113 -32.67 -13.62 -17.30
CA HIS E 113 -32.16 -12.24 -17.29
C HIS E 113 -32.44 -11.54 -18.61
N ALA E 114 -32.49 -12.29 -19.71
CA ALA E 114 -32.78 -11.73 -21.02
C ALA E 114 -34.24 -11.31 -21.17
N LYS E 115 -35.08 -11.56 -20.16
CA LYS E 115 -36.52 -11.28 -20.12
C LYS E 115 -37.31 -12.23 -21.01
N ARG E 116 -36.65 -13.11 -21.75
CA ARG E 116 -37.32 -14.09 -22.62
C ARG E 116 -36.99 -15.48 -22.11
N VAL E 117 -38.04 -16.24 -21.75
CA VAL E 117 -37.84 -17.55 -21.15
C VAL E 117 -37.19 -18.51 -22.15
N THR E 118 -37.50 -18.34 -23.44
CA THR E 118 -36.98 -19.24 -24.46
C THR E 118 -35.47 -19.09 -24.60
N ILE E 119 -34.75 -20.20 -24.56
CA ILE E 119 -33.31 -20.19 -24.79
C ILE E 119 -33.04 -20.30 -26.29
N MET E 120 -32.06 -19.55 -26.75
CA MET E 120 -31.69 -19.51 -28.15
C MET E 120 -30.24 -19.95 -28.30
N PRO E 121 -29.68 -20.03 -29.51
CA PRO E 121 -28.23 -20.23 -29.62
C PRO E 121 -27.42 -19.10 -29.01
N LYS E 122 -28.00 -17.91 -28.88
CA LYS E 122 -27.22 -16.74 -28.47
C LYS E 122 -26.85 -16.80 -26.99
N ASP E 123 -27.81 -17.15 -26.13
CA ASP E 123 -27.50 -17.15 -24.69
C ASP E 123 -26.61 -18.33 -24.31
N ILE E 124 -26.71 -19.44 -25.03
CA ILE E 124 -25.86 -20.59 -24.72
C ILE E 124 -24.46 -20.39 -25.29
N GLN E 125 -24.34 -19.76 -26.46
CA GLN E 125 -23.00 -19.43 -26.95
C GLN E 125 -22.38 -18.32 -26.11
N LEU E 126 -23.21 -17.48 -25.50
CA LEU E 126 -22.70 -16.52 -24.52
C LEU E 126 -22.34 -17.21 -23.22
N ALA E 127 -22.98 -18.34 -22.91
CA ALA E 127 -22.62 -19.10 -21.72
C ALA E 127 -21.26 -19.77 -21.91
N ARG E 128 -21.07 -20.45 -23.04
CA ARG E 128 -19.76 -21.03 -23.32
C ARG E 128 -18.71 -19.96 -23.64
N ARG E 129 -19.16 -18.74 -23.96
CA ARG E 129 -18.23 -17.64 -24.19
C ARG E 129 -17.75 -17.05 -22.87
N ILE E 130 -18.65 -16.87 -21.90
CA ILE E 130 -18.25 -16.37 -20.59
C ILE E 130 -17.54 -17.44 -19.78
N ARG E 131 -17.80 -18.72 -20.07
CA ARG E 131 -17.09 -19.80 -19.39
C ARG E 131 -15.62 -19.89 -19.81
N GLY E 132 -15.24 -19.25 -20.91
CA GLY E 132 -13.86 -19.29 -21.35
C GLY E 132 -13.47 -20.56 -22.06
N GLU E 133 -14.34 -21.08 -22.93
CA GLU E 133 -14.04 -22.30 -23.69
C GLU E 133 -13.47 -21.93 -25.05
N ARG E 134 -14.27 -21.30 -25.90
CA ARG E 134 -13.83 -20.89 -27.23
C ARG E 134 -13.00 -19.61 -27.16
N ARG F 17 -14.04 -58.61 -31.68
CA ARG F 17 -13.72 -59.70 -32.58
C ARG F 17 -14.16 -59.39 -34.01
N HIS F 18 -15.35 -58.80 -34.14
CA HIS F 18 -15.92 -58.43 -35.41
C HIS F 18 -16.03 -56.91 -35.51
N ARG F 19 -16.57 -56.44 -36.63
CA ARG F 19 -16.73 -55.02 -36.88
C ARG F 19 -18.16 -54.74 -37.33
N LYS F 20 -18.75 -53.68 -36.77
CA LYS F 20 -20.10 -53.26 -37.10
C LYS F 20 -20.10 -51.76 -37.35
N VAL F 21 -20.46 -51.35 -38.56
CA VAL F 21 -20.50 -49.95 -38.95
C VAL F 21 -21.97 -49.55 -39.14
N LEU F 22 -22.41 -48.58 -38.35
CA LEU F 22 -23.78 -48.10 -38.41
C LEU F 22 -23.76 -46.57 -38.43
N ARG F 23 -24.76 -45.98 -39.11
CA ARG F 23 -24.77 -44.55 -39.33
C ARG F 23 -25.11 -43.81 -38.04
N ASP F 24 -25.24 -42.48 -38.15
CA ASP F 24 -25.60 -41.61 -37.04
C ASP F 24 -24.57 -41.71 -35.90
N ASN F 25 -23.36 -41.28 -36.22
CA ASN F 25 -22.24 -41.31 -35.29
C ASN F 25 -22.03 -39.99 -34.56
N ILE F 26 -22.87 -38.98 -34.81
CA ILE F 26 -22.69 -37.66 -34.23
C ILE F 26 -23.95 -37.25 -33.46
N GLN F 27 -25.07 -37.15 -34.18
CA GLN F 27 -26.33 -36.69 -33.62
C GLN F 27 -27.11 -37.80 -32.92
N GLY F 28 -26.52 -38.98 -32.77
CA GLY F 28 -27.18 -40.12 -32.16
C GLY F 28 -27.79 -39.86 -30.79
N ILE F 29 -27.31 -38.84 -30.08
CA ILE F 29 -27.99 -38.39 -28.88
C ILE F 29 -29.39 -37.93 -29.25
N THR F 30 -30.39 -38.50 -28.58
CA THR F 30 -31.77 -38.30 -28.97
C THR F 30 -32.39 -37.13 -28.25
N LYS F 31 -33.24 -36.39 -28.97
CA LYS F 31 -33.83 -35.18 -28.39
C LYS F 31 -34.67 -35.43 -27.14
N PRO F 32 -35.39 -36.54 -26.96
CA PRO F 32 -36.03 -36.76 -25.66
C PRO F 32 -35.03 -36.92 -24.52
N ALA F 33 -33.96 -37.69 -24.75
CA ALA F 33 -32.93 -37.88 -23.73
C ALA F 33 -32.30 -36.56 -23.32
N ILE F 34 -31.62 -35.90 -24.27
CA ILE F 34 -30.95 -34.64 -23.96
C ILE F 34 -31.94 -33.58 -23.51
N ARG F 35 -33.19 -33.68 -23.96
CA ARG F 35 -34.22 -32.75 -23.51
C ARG F 35 -34.50 -32.93 -22.03
N ARG F 36 -34.66 -34.17 -21.58
CA ARG F 36 -34.79 -34.43 -20.16
C ARG F 36 -33.55 -34.01 -19.40
N LEU F 37 -32.37 -34.22 -20.01
CA LEU F 37 -31.12 -33.78 -19.38
C LEU F 37 -31.15 -32.28 -19.14
N ALA F 38 -31.71 -31.51 -20.09
CA ALA F 38 -31.91 -30.09 -19.86
C ALA F 38 -32.98 -29.85 -18.78
N ARG F 39 -34.00 -30.70 -18.72
CA ARG F 39 -35.02 -30.56 -17.69
C ARG F 39 -34.43 -30.71 -16.29
N ARG F 40 -33.37 -31.51 -16.14
CA ARG F 40 -32.68 -31.57 -14.85
C ARG F 40 -32.02 -30.24 -14.52
N GLY F 41 -31.57 -29.49 -15.53
CA GLY F 41 -30.96 -28.19 -15.31
C GLY F 41 -31.92 -27.11 -14.88
N GLY F 42 -33.23 -27.36 -14.91
CA GLY F 42 -34.21 -26.39 -14.52
C GLY F 42 -34.67 -25.45 -15.62
N VAL F 43 -34.28 -25.70 -16.86
CA VAL F 43 -34.69 -24.83 -17.96
C VAL F 43 -36.18 -25.05 -18.24
N LYS F 44 -36.87 -23.97 -18.59
CA LYS F 44 -38.31 -24.02 -18.84
C LYS F 44 -38.58 -24.30 -20.31
N ARG F 45 -38.19 -23.38 -21.18
CA ARG F 45 -38.46 -23.46 -22.61
C ARG F 45 -37.19 -23.90 -23.33
N ILE F 46 -37.32 -24.85 -24.25
CA ILE F 46 -36.19 -25.38 -25.01
C ILE F 46 -36.51 -25.23 -26.49
N SER F 47 -35.69 -24.48 -27.20
CA SER F 47 -35.89 -24.25 -28.63
C SER F 47 -35.41 -25.45 -29.44
N GLY F 48 -35.50 -25.33 -30.76
CA GLY F 48 -35.10 -26.41 -31.65
C GLY F 48 -33.62 -26.37 -32.02
N LEU F 49 -33.01 -25.19 -31.89
CA LEU F 49 -31.60 -25.02 -32.23
C LEU F 49 -30.67 -25.24 -31.04
N ILE F 50 -31.21 -25.58 -29.87
CA ILE F 50 -30.38 -25.82 -28.71
C ILE F 50 -29.66 -27.15 -28.81
N TYR F 51 -30.27 -28.14 -29.46
CA TYR F 51 -29.71 -29.47 -29.51
C TYR F 51 -28.40 -29.51 -30.31
N GLU F 52 -28.39 -28.89 -31.50
CA GLU F 52 -27.21 -28.93 -32.35
C GLU F 52 -26.03 -28.22 -31.69
N GLU F 53 -26.26 -27.02 -31.16
CA GLU F 53 -25.20 -26.29 -30.49
C GLU F 53 -24.74 -27.03 -29.23
N THR F 54 -25.67 -27.67 -28.53
CA THR F 54 -25.31 -28.43 -27.34
C THR F 54 -24.40 -29.60 -27.69
N ARG F 55 -24.66 -30.27 -28.81
CA ARG F 55 -23.75 -31.31 -29.27
C ARG F 55 -22.47 -30.73 -29.85
N GLY F 56 -22.47 -29.45 -30.24
CA GLY F 56 -21.24 -28.82 -30.68
C GLY F 56 -20.30 -28.53 -29.53
N VAL F 57 -20.82 -27.91 -28.46
CA VAL F 57 -20.00 -27.64 -27.29
C VAL F 57 -19.62 -28.94 -26.58
N LEU F 58 -20.56 -29.89 -26.53
CA LEU F 58 -20.22 -31.21 -26.00
C LEU F 58 -19.19 -31.91 -26.87
N LYS F 59 -19.20 -31.63 -28.18
CA LYS F 59 -18.21 -32.23 -29.07
C LYS F 59 -16.83 -31.63 -28.85
N VAL F 60 -16.75 -30.31 -28.64
CA VAL F 60 -15.46 -29.66 -28.41
C VAL F 60 -14.89 -30.09 -27.06
N PHE F 61 -15.72 -30.01 -26.00
CA PHE F 61 -15.30 -30.50 -24.69
C PHE F 61 -14.90 -31.97 -24.77
N LEU F 62 -15.61 -32.75 -25.59
CA LEU F 62 -15.24 -34.14 -25.80
C LEU F 62 -13.84 -34.25 -26.43
N GLU F 63 -13.57 -33.40 -27.41
CA GLU F 63 -12.24 -33.34 -28.01
C GLU F 63 -11.18 -33.04 -26.95
N ASN F 64 -11.48 -32.13 -26.02
CA ASN F 64 -10.50 -31.77 -25.00
C ASN F 64 -10.24 -32.94 -24.04
N VAL F 65 -11.31 -33.49 -23.46
CA VAL F 65 -11.15 -34.54 -22.45
C VAL F 65 -10.53 -35.79 -23.06
N ILE F 66 -10.89 -36.12 -24.31
CA ILE F 66 -10.34 -37.33 -24.90
C ILE F 66 -8.93 -37.09 -25.43
N ARG F 67 -8.63 -35.86 -25.86
CA ARG F 67 -7.24 -35.53 -26.21
C ARG F 67 -6.34 -35.67 -24.98
N ASP F 68 -6.80 -35.16 -23.83
CA ASP F 68 -6.04 -35.34 -22.60
C ASP F 68 -5.89 -36.82 -22.26
N ALA F 69 -7.00 -37.57 -22.30
CA ALA F 69 -6.96 -38.98 -21.93
C ALA F 69 -5.99 -39.76 -22.81
N VAL F 70 -6.02 -39.54 -24.13
CA VAL F 70 -5.09 -40.24 -25.00
C VAL F 70 -3.67 -39.72 -24.83
N THR F 71 -3.49 -38.50 -24.32
CA THR F 71 -2.16 -38.06 -23.95
C THR F 71 -1.63 -38.87 -22.78
N TYR F 72 -2.46 -39.06 -21.73
CA TYR F 72 -2.08 -39.92 -20.62
C TYR F 72 -1.75 -41.33 -21.10
N THR F 73 -2.74 -42.03 -21.66
CA THR F 73 -2.56 -43.42 -22.05
C THR F 73 -1.41 -43.58 -23.04
N GLU F 74 -1.23 -42.61 -23.93
CA GLU F 74 -0.10 -42.65 -24.85
C GLU F 74 1.22 -42.51 -24.11
N HIS F 75 1.24 -41.70 -23.04
CA HIS F 75 2.47 -41.56 -22.25
C HIS F 75 2.77 -42.82 -21.45
N ALA F 76 1.74 -43.54 -21.02
CA ALA F 76 1.93 -44.75 -20.22
C ALA F 76 2.44 -45.93 -21.04
N LYS F 77 2.54 -45.78 -22.36
CA LYS F 77 2.97 -46.85 -23.26
C LYS F 77 2.05 -48.07 -23.17
N ARG F 78 0.75 -47.82 -22.94
CA ARG F 78 -0.25 -48.87 -22.84
C ARG F 78 -1.32 -48.66 -23.89
N LYS F 79 -1.95 -49.77 -24.29
CA LYS F 79 -3.01 -49.74 -25.29
C LYS F 79 -4.40 -49.64 -24.66
N THR F 80 -4.49 -49.55 -23.34
CA THR F 80 -5.77 -49.54 -22.63
C THR F 80 -5.91 -48.22 -21.89
N VAL F 81 -7.03 -47.53 -22.12
CA VAL F 81 -7.35 -46.32 -21.38
C VAL F 81 -8.06 -46.71 -20.10
N THR F 82 -7.67 -46.08 -19.00
CA THR F 82 -8.20 -46.40 -17.68
C THR F 82 -8.92 -45.19 -17.09
N ALA F 83 -9.81 -45.46 -16.14
CA ALA F 83 -10.57 -44.40 -15.49
C ALA F 83 -9.66 -43.43 -14.75
N MET F 84 -8.49 -43.89 -14.31
CA MET F 84 -7.55 -43.01 -13.62
C MET F 84 -7.12 -41.87 -14.54
N ASP F 85 -6.85 -42.17 -15.80
CA ASP F 85 -6.47 -41.13 -16.76
C ASP F 85 -7.59 -40.13 -16.97
N VAL F 86 -8.85 -40.58 -16.84
CA VAL F 86 -9.97 -39.65 -16.95
C VAL F 86 -10.06 -38.79 -15.69
N VAL F 87 -9.79 -39.37 -14.52
CA VAL F 87 -9.82 -38.61 -13.28
C VAL F 87 -8.72 -37.55 -13.28
N TYR F 88 -7.57 -37.86 -13.88
CA TYR F 88 -6.50 -36.87 -13.97
C TYR F 88 -6.76 -35.84 -15.06
N ALA F 89 -7.35 -36.27 -16.18
CA ALA F 89 -7.70 -35.33 -17.24
C ALA F 89 -8.70 -34.30 -16.73
N LEU F 90 -9.76 -34.76 -16.06
CA LEU F 90 -10.68 -33.84 -15.43
C LEU F 90 -9.99 -33.05 -14.32
N LYS F 91 -9.07 -33.69 -13.61
CA LYS F 91 -8.35 -33.03 -12.53
C LYS F 91 -7.67 -31.75 -13.02
N ARG F 92 -6.72 -31.88 -13.96
CA ARG F 92 -6.13 -30.68 -14.54
C ARG F 92 -7.10 -29.89 -15.39
N GLN F 93 -8.26 -30.45 -15.72
CA GLN F 93 -9.31 -29.72 -16.43
C GLN F 93 -10.08 -28.77 -15.51
N GLY F 94 -9.93 -28.91 -14.20
CA GLY F 94 -10.58 -28.01 -13.25
C GLY F 94 -11.69 -28.62 -12.42
N ARG F 95 -12.12 -29.84 -12.72
CA ARG F 95 -13.14 -30.52 -11.93
C ARG F 95 -12.61 -31.86 -11.46
N THR F 96 -12.74 -32.15 -10.16
CA THR F 96 -12.22 -33.38 -9.59
C THR F 96 -13.37 -34.36 -9.37
N LEU F 97 -13.35 -35.47 -10.11
CA LEU F 97 -14.33 -36.52 -9.93
C LEU F 97 -13.87 -37.46 -8.82
N TYR F 98 -14.81 -37.91 -8.01
CA TYR F 98 -14.52 -38.73 -6.85
C TYR F 98 -15.26 -40.06 -6.93
N GLY F 99 -14.74 -41.04 -6.17
CA GLY F 99 -15.36 -42.33 -6.03
C GLY F 99 -14.80 -43.41 -6.94
N PHE F 100 -14.21 -43.02 -8.07
CA PHE F 100 -13.60 -43.99 -8.98
C PHE F 100 -12.10 -44.11 -8.80
N GLY F 101 -11.51 -43.42 -7.83
CA GLY F 101 -10.10 -43.47 -7.57
C GLY F 101 -9.38 -42.21 -8.02
N GLY F 102 -8.24 -41.96 -7.40
CA GLY F 102 -7.44 -40.78 -7.70
C GLY F 102 -7.78 -39.59 -6.82
N ALA G 12 41.38 -31.09 -21.16
CA ALA G 12 40.21 -30.95 -20.30
C ALA G 12 39.66 -29.54 -20.35
N LYS G 13 39.34 -29.08 -21.56
CA LYS G 13 38.80 -27.74 -21.75
C LYS G 13 37.34 -27.70 -21.34
N ALA G 14 36.97 -26.67 -20.59
CA ALA G 14 35.60 -26.50 -20.10
C ALA G 14 34.75 -25.86 -21.20
N LYS G 15 33.69 -26.56 -21.61
CA LYS G 15 32.76 -26.06 -22.62
C LYS G 15 31.35 -26.27 -22.12
N THR G 16 30.61 -25.18 -21.96
CA THR G 16 29.25 -25.25 -21.46
C THR G 16 28.39 -26.12 -22.37
N ARG G 17 27.70 -27.11 -21.78
CA ARG G 17 26.87 -28.00 -22.56
C ARG G 17 25.64 -27.30 -23.14
N SER G 18 25.31 -26.11 -22.66
CA SER G 18 24.23 -25.34 -23.28
C SER G 18 24.61 -24.85 -24.67
N SER G 19 25.90 -24.62 -24.90
CA SER G 19 26.37 -24.20 -26.22
C SER G 19 26.46 -25.37 -27.20
N ARG G 20 26.48 -26.61 -26.71
CA ARG G 20 26.51 -27.76 -27.59
C ARG G 20 25.23 -27.86 -28.43
N ALA G 21 24.09 -27.46 -27.86
CA ALA G 21 22.83 -27.44 -28.58
C ALA G 21 22.57 -26.12 -29.29
N GLY G 22 23.46 -25.14 -29.12
CA GLY G 22 23.29 -23.85 -29.75
C GLY G 22 22.08 -23.09 -29.25
N LEU G 23 22.00 -22.89 -27.94
CA LEU G 23 20.85 -22.25 -27.31
C LEU G 23 21.35 -21.09 -26.43
N GLN G 24 20.40 -20.40 -25.80
CA GLN G 24 20.69 -19.27 -24.93
C GLN G 24 20.49 -19.60 -23.47
N PHE G 25 19.26 -19.94 -23.07
CA PHE G 25 18.98 -20.29 -21.68
C PHE G 25 19.86 -21.45 -21.24
N PRO G 26 20.50 -21.37 -20.08
CA PRO G 26 21.47 -22.40 -19.68
C PRO G 26 20.80 -23.69 -19.23
N VAL G 27 21.48 -24.79 -19.52
CA VAL G 27 21.01 -26.09 -19.05
C VAL G 27 21.38 -26.31 -17.58
N GLY G 28 22.52 -25.80 -17.14
CA GLY G 28 22.97 -26.06 -15.78
C GLY G 28 22.14 -25.36 -14.72
N ARG G 29 21.75 -24.11 -14.98
CA ARG G 29 20.97 -23.36 -13.99
C ARG G 29 19.58 -23.95 -13.81
N VAL G 30 18.91 -24.30 -14.92
CA VAL G 30 17.60 -24.91 -14.82
C VAL G 30 17.72 -26.34 -14.29
N HIS G 31 18.86 -26.99 -14.52
CA HIS G 31 19.06 -28.35 -14.03
C HIS G 31 19.21 -28.37 -12.52
N ARG G 32 20.12 -27.56 -11.99
CA ARG G 32 20.29 -27.49 -10.54
C ARG G 32 19.07 -26.89 -9.86
N LEU G 33 18.46 -25.89 -10.49
CA LEU G 33 17.25 -25.29 -9.92
C LEU G 33 16.11 -26.30 -9.88
N LEU G 34 16.02 -27.17 -10.89
CA LEU G 34 15.01 -28.22 -10.85
C LEU G 34 15.35 -29.28 -9.82
N ARG G 35 16.64 -29.56 -9.63
CA ARG G 35 17.06 -30.45 -8.54
C ARG G 35 16.60 -29.92 -7.19
N LYS G 36 17.12 -28.76 -6.79
CA LYS G 36 16.79 -28.18 -5.50
C LYS G 36 15.34 -27.73 -5.40
N GLY G 37 14.60 -27.71 -6.50
CA GLY G 37 13.20 -27.33 -6.48
C GLY G 37 12.25 -28.38 -5.96
N ASN G 38 12.79 -29.48 -5.41
CA ASN G 38 12.03 -30.57 -4.77
C ASN G 38 10.81 -31.00 -5.59
N TYR G 39 10.93 -30.95 -6.91
CA TYR G 39 9.85 -31.42 -7.77
C TYR G 39 9.85 -32.93 -7.90
N ALA G 40 11.04 -33.53 -8.04
CA ALA G 40 11.18 -34.97 -8.13
C ALA G 40 12.37 -35.40 -7.29
N GLU G 41 12.35 -36.68 -6.89
CA GLU G 41 13.43 -37.21 -6.06
C GLU G 41 14.72 -37.40 -6.85
N ARG G 42 14.64 -37.52 -8.17
CA ARG G 42 15.81 -37.59 -9.05
C ARG G 42 15.58 -36.66 -10.24
N VAL G 43 16.58 -36.58 -11.12
CA VAL G 43 16.54 -35.72 -12.30
C VAL G 43 17.05 -36.51 -13.50
N GLY G 44 16.82 -35.96 -14.68
CA GLY G 44 17.24 -36.58 -15.93
C GLY G 44 18.45 -35.90 -16.54
N ALA G 45 18.76 -36.31 -17.77
CA ALA G 45 19.89 -35.78 -18.52
C ALA G 45 19.44 -34.75 -19.56
N GLY G 46 18.68 -35.19 -20.56
CA GLY G 46 18.19 -34.31 -21.60
C GLY G 46 16.96 -33.50 -21.24
N ALA G 47 16.40 -33.71 -20.05
CA ALA G 47 15.22 -32.94 -19.63
C ALA G 47 15.52 -31.45 -19.51
N PRO G 48 16.57 -31.00 -18.82
CA PRO G 48 16.85 -29.56 -18.81
C PRO G 48 17.25 -29.01 -20.16
N VAL G 49 17.77 -29.85 -21.06
CA VAL G 49 18.05 -29.41 -22.42
C VAL G 49 16.75 -29.14 -23.17
N TYR G 50 15.77 -30.05 -23.02
CA TYR G 50 14.47 -29.82 -23.64
C TYR G 50 13.78 -28.61 -23.04
N LEU G 51 13.92 -28.41 -21.72
CA LEU G 51 13.42 -27.20 -21.08
C LEU G 51 14.06 -25.95 -21.69
N ALA G 52 15.38 -25.98 -21.85
CA ALA G 52 16.07 -24.86 -22.49
C ALA G 52 15.53 -24.62 -23.90
N ALA G 53 15.22 -25.70 -24.62
CA ALA G 53 14.72 -25.56 -25.98
C ALA G 53 13.35 -24.89 -26.00
N VAL G 54 12.41 -25.39 -25.19
CA VAL G 54 11.08 -24.80 -25.19
C VAL G 54 11.12 -23.36 -24.67
N LEU G 55 12.06 -23.05 -23.77
CA LEU G 55 12.24 -21.66 -23.37
C LEU G 55 12.77 -20.82 -24.52
N GLU G 56 13.62 -21.39 -25.36
CA GLU G 56 14.10 -20.68 -26.54
C GLU G 56 12.93 -20.37 -27.49
N TYR G 57 12.12 -21.38 -27.80
CA TYR G 57 11.09 -21.19 -28.81
C TYR G 57 9.96 -20.32 -28.29
N LEU G 58 9.60 -20.45 -27.01
CA LEU G 58 8.54 -19.62 -26.45
C LEU G 58 9.02 -18.18 -26.26
N THR G 59 10.22 -18.01 -25.69
CA THR G 59 10.75 -16.67 -25.47
C THR G 59 10.94 -15.94 -26.80
N ALA G 60 11.50 -16.61 -27.80
CA ALA G 60 11.65 -15.98 -29.11
C ALA G 60 10.32 -15.82 -29.82
N GLU G 61 9.35 -16.69 -29.53
CA GLU G 61 7.99 -16.55 -30.05
C GLU G 61 7.35 -15.26 -29.57
N ILE G 62 7.09 -15.15 -28.26
CA ILE G 62 6.39 -13.98 -27.73
C ILE G 62 7.23 -12.73 -27.87
N LEU G 63 8.56 -12.86 -27.77
CA LEU G 63 9.43 -11.71 -28.01
C LEU G 63 9.39 -11.30 -29.48
N GLU G 64 9.16 -12.24 -30.39
CA GLU G 64 9.08 -11.92 -31.80
C GLU G 64 7.78 -11.20 -32.13
N LEU G 65 6.66 -11.70 -31.57
CA LEU G 65 5.40 -10.97 -31.75
C LEU G 65 5.45 -9.60 -31.10
N ALA G 66 6.15 -9.48 -29.97
CA ALA G 66 6.34 -8.18 -29.35
C ALA G 66 7.16 -7.26 -30.24
N GLY G 67 8.18 -7.79 -30.91
CA GLY G 67 8.95 -7.00 -31.84
C GLY G 67 8.13 -6.56 -33.04
N ASN G 68 7.23 -7.43 -33.51
CA ASN G 68 6.35 -7.04 -34.61
C ASN G 68 5.34 -5.99 -34.18
N ALA G 69 4.87 -6.05 -32.94
CA ALA G 69 3.95 -5.03 -32.45
C ALA G 69 4.67 -3.69 -32.27
N ALA G 70 5.88 -3.71 -31.70
CA ALA G 70 6.64 -2.48 -31.55
C ALA G 70 7.01 -1.89 -32.90
N ARG G 71 7.29 -2.75 -33.89
CA ARG G 71 7.54 -2.26 -35.24
C ARG G 71 6.28 -1.69 -35.87
N ASP G 72 5.12 -2.27 -35.54
CA ASP G 72 3.85 -1.73 -36.05
C ASP G 72 3.58 -0.35 -35.48
N ASN G 73 3.90 -0.14 -34.19
CA ASN G 73 3.70 1.15 -33.54
C ASN G 73 4.86 2.10 -33.76
N LYS G 74 5.86 1.71 -34.54
CA LYS G 74 7.02 2.55 -34.85
C LYS G 74 7.79 2.93 -33.57
N LYS G 75 8.03 1.93 -32.73
CA LYS G 75 8.80 2.09 -31.51
C LYS G 75 9.92 1.06 -31.49
N THR G 76 11.16 1.52 -31.29
CA THR G 76 12.30 0.61 -31.26
C THR G 76 12.21 -0.34 -30.06
N ARG G 77 12.03 0.22 -28.87
CA ARG G 77 11.91 -0.59 -27.66
C ARG G 77 10.51 -1.18 -27.60
N ILE G 78 10.25 -2.01 -26.59
CA ILE G 78 8.96 -2.67 -26.43
C ILE G 78 8.29 -2.16 -25.16
N ILE G 79 6.96 -2.20 -25.17
CA ILE G 79 6.14 -1.70 -24.06
C ILE G 79 5.23 -2.84 -23.60
N PRO G 80 4.94 -2.96 -22.30
CA PRO G 80 3.96 -3.96 -21.86
C PRO G 80 2.60 -3.82 -22.57
N ARG G 81 2.26 -2.63 -23.03
CA ARG G 81 1.08 -2.48 -23.89
C ARG G 81 1.23 -3.33 -25.15
N HIS G 82 2.36 -3.19 -25.84
CA HIS G 82 2.62 -4.01 -27.02
C HIS G 82 2.69 -5.49 -26.65
N LEU G 83 3.08 -5.81 -25.41
CA LEU G 83 3.08 -7.19 -24.97
C LEU G 83 1.65 -7.74 -24.88
N GLN G 84 0.75 -6.97 -24.28
CA GLN G 84 -0.64 -7.40 -24.20
C GLN G 84 -1.27 -7.50 -25.58
N LEU G 85 -0.99 -6.53 -26.46
CA LEU G 85 -1.50 -6.61 -27.83
C LEU G 85 -0.98 -7.85 -28.55
N ALA G 86 0.31 -8.16 -28.38
CA ALA G 86 0.87 -9.34 -29.03
C ALA G 86 0.25 -10.62 -28.49
N VAL G 87 0.11 -10.72 -27.16
CA VAL G 87 -0.52 -11.89 -26.56
C VAL G 87 -1.95 -12.07 -27.09
N ARG G 88 -2.81 -11.09 -26.82
CA ARG G 88 -4.23 -11.25 -27.12
C ARG G 88 -4.49 -11.33 -28.63
N ASN G 89 -3.59 -10.79 -29.45
CA ASN G 89 -3.77 -10.88 -30.90
C ASN G 89 -3.71 -12.33 -31.36
N ASP G 90 -2.70 -13.07 -30.90
CA ASP G 90 -2.58 -14.47 -31.27
C ASP G 90 -3.70 -15.29 -30.63
N GLU G 91 -4.10 -16.36 -31.32
CA GLU G 91 -5.21 -17.17 -30.86
C GLU G 91 -4.80 -18.07 -29.69
N GLU G 92 -3.89 -19.02 -29.95
CA GLU G 92 -3.52 -19.99 -28.91
C GLU G 92 -2.70 -19.35 -27.80
N LEU G 93 -1.90 -18.33 -28.13
CA LEU G 93 -1.11 -17.66 -27.09
C LEU G 93 -2.02 -16.95 -26.09
N ASN G 94 -3.08 -16.32 -26.57
CA ASN G 94 -4.09 -15.77 -25.66
C ASN G 94 -4.95 -16.85 -25.05
N LYS G 95 -5.06 -18.02 -25.70
CA LYS G 95 -5.82 -19.12 -25.12
C LYS G 95 -5.12 -19.67 -23.88
N LEU G 96 -3.79 -19.74 -23.90
CA LEU G 96 -3.06 -20.20 -22.73
C LEU G 96 -3.01 -19.14 -21.64
N LEU G 97 -2.89 -17.88 -22.02
CA LEU G 97 -2.78 -16.77 -21.08
C LEU G 97 -4.11 -16.11 -20.76
N GLY G 98 -5.23 -16.66 -21.28
CA GLY G 98 -6.52 -16.02 -21.06
C GLY G 98 -6.93 -16.00 -19.60
N ARG G 99 -6.56 -17.04 -18.85
CA ARG G 99 -6.94 -17.09 -17.44
C ARG G 99 -6.10 -16.13 -16.60
N VAL G 100 -4.80 -16.03 -16.89
CA VAL G 100 -3.91 -15.19 -16.12
C VAL G 100 -4.01 -13.75 -16.61
N THR G 101 -3.87 -12.80 -15.69
CA THR G 101 -3.93 -11.39 -16.03
C THR G 101 -2.52 -10.88 -16.36
N ILE G 102 -2.39 -9.57 -16.56
CA ILE G 102 -1.13 -8.94 -16.92
C ILE G 102 -0.93 -7.75 -15.98
N ALA G 103 0.23 -7.10 -16.10
CA ALA G 103 0.56 -5.91 -15.33
C ALA G 103 0.84 -4.76 -16.29
N GLN G 104 0.04 -3.69 -16.17
CA GLN G 104 0.13 -2.46 -16.95
C GLN G 104 -0.24 -2.68 -18.41
N GLY G 105 -0.54 -3.90 -18.84
CA GLY G 105 -0.88 -4.18 -20.23
C GLY G 105 -2.13 -3.48 -20.71
N GLY G 106 -3.24 -3.70 -20.02
CA GLY G 106 -4.49 -3.04 -20.38
C GLY G 106 -5.35 -3.88 -21.30
N VAL G 107 -6.28 -3.20 -21.95
CA VAL G 107 -7.25 -3.82 -22.85
C VAL G 107 -7.20 -3.09 -24.18
N LEU G 108 -7.10 -3.86 -25.27
CA LEU G 108 -7.06 -3.26 -26.60
C LEU G 108 -8.41 -2.66 -26.96
N PRO G 109 -8.42 -1.63 -27.81
CA PRO G 109 -9.70 -0.99 -28.18
C PRO G 109 -10.64 -1.97 -28.87
N ASN G 110 -11.89 -1.98 -28.42
CA ASN G 110 -12.92 -2.81 -29.03
C ASN G 110 -14.24 -2.07 -28.95
N ILE G 111 -15.06 -2.23 -29.99
CA ILE G 111 -16.35 -1.56 -30.09
C ILE G 111 -17.41 -2.61 -30.39
N GLN G 112 -18.47 -2.63 -29.58
CA GLN G 112 -19.55 -3.57 -29.78
C GLN G 112 -20.34 -3.23 -31.05
N SER G 113 -21.06 -4.23 -31.55
CA SER G 113 -21.80 -4.11 -32.81
C SER G 113 -22.80 -2.95 -32.79
N VAL G 114 -23.85 -3.06 -31.97
CA VAL G 114 -24.90 -2.04 -31.94
C VAL G 114 -24.59 -0.91 -30.98
N LEU G 115 -23.44 -0.94 -30.30
CA LEU G 115 -23.09 0.15 -29.39
C LEU G 115 -22.83 1.45 -30.14
N LEU G 116 -22.28 1.36 -31.35
CA LEU G 116 -22.03 2.56 -32.13
C LEU G 116 -23.29 2.98 -32.88
N PRO G 117 -23.56 4.27 -32.99
CA PRO G 117 -24.76 4.75 -33.68
C PRO G 117 -24.58 4.66 -35.19
N LYS G 118 -25.64 5.07 -35.91
CA LYS G 118 -25.63 5.05 -37.36
C LYS G 118 -25.08 6.35 -37.93
N THR H 29 20.34 -8.67 -1.51
CA THR H 29 21.58 -8.38 -2.23
C THR H 29 21.79 -9.38 -3.37
N ARG H 30 21.63 -10.66 -3.07
CA ARG H 30 21.83 -11.73 -4.03
C ARG H 30 20.49 -12.08 -4.68
N LYS H 31 20.38 -11.82 -5.98
CA LYS H 31 19.19 -12.14 -6.75
C LYS H 31 19.59 -12.74 -8.09
N GLU H 32 18.70 -13.54 -8.66
CA GLU H 32 18.98 -14.23 -9.91
C GLU H 32 17.84 -13.98 -10.90
N SER H 33 18.22 -13.78 -12.16
CA SER H 33 17.25 -13.58 -13.24
C SER H 33 17.89 -13.99 -14.54
N TYR H 34 17.04 -14.27 -15.54
CA TYR H 34 17.56 -14.67 -16.85
C TYR H 34 18.28 -13.51 -17.52
N ALA H 35 17.61 -12.36 -17.65
CA ALA H 35 18.25 -11.12 -18.09
C ALA H 35 18.94 -11.27 -19.44
N ILE H 36 20.27 -11.18 -19.44
CA ILE H 36 21.09 -11.17 -20.65
C ILE H 36 20.80 -12.36 -21.55
N TYR H 37 20.26 -13.44 -20.98
CA TYR H 37 19.76 -14.54 -21.79
C TYR H 37 18.68 -14.05 -22.76
N VAL H 38 17.56 -13.58 -22.19
CA VAL H 38 16.46 -13.05 -22.99
C VAL H 38 16.95 -11.89 -23.85
N TYR H 39 17.89 -11.09 -23.35
CA TYR H 39 18.42 -9.99 -24.14
C TYR H 39 19.12 -10.50 -25.39
N LYS H 40 19.95 -11.54 -25.25
CA LYS H 40 20.60 -12.13 -26.41
C LYS H 40 19.60 -12.78 -27.35
N VAL H 41 18.51 -13.33 -26.81
CA VAL H 41 17.42 -13.81 -27.66
C VAL H 41 16.88 -12.65 -28.51
N LEU H 42 16.68 -11.49 -27.87
CA LEU H 42 16.26 -10.31 -28.62
C LEU H 42 17.29 -9.91 -29.67
N LYS H 43 18.57 -10.06 -29.35
CA LYS H 43 19.61 -9.70 -30.30
C LYS H 43 19.65 -10.64 -31.50
N GLN H 44 19.33 -11.92 -31.29
CA GLN H 44 19.33 -12.89 -32.38
C GLN H 44 18.00 -12.98 -33.11
N VAL H 45 16.95 -12.34 -32.60
CA VAL H 45 15.67 -12.33 -33.30
C VAL H 45 15.47 -10.98 -33.97
N HIS H 46 15.36 -9.91 -33.17
CA HIS H 46 15.18 -8.54 -33.67
C HIS H 46 16.33 -7.68 -33.15
N PRO H 47 17.43 -7.59 -33.89
CA PRO H 47 18.59 -6.83 -33.39
C PRO H 47 18.28 -5.35 -33.15
N ASP H 48 17.44 -4.74 -33.98
CA ASP H 48 17.14 -3.32 -33.84
C ASP H 48 16.06 -3.03 -32.81
N THR H 49 15.47 -4.05 -32.20
CA THR H 49 14.42 -3.86 -31.20
C THR H 49 15.03 -3.83 -29.80
N GLY H 50 14.53 -2.91 -28.98
CA GLY H 50 14.97 -2.77 -27.60
C GLY H 50 13.97 -3.39 -26.63
N ILE H 51 14.39 -3.45 -25.36
CA ILE H 51 13.58 -4.02 -24.29
C ILE H 51 13.78 -3.16 -23.04
N SER H 52 12.71 -2.99 -22.27
CA SER H 52 12.77 -2.22 -21.04
C SER H 52 12.97 -3.16 -19.85
N SER H 53 13.07 -2.58 -18.66
CA SER H 53 13.23 -3.37 -17.45
C SER H 53 11.91 -4.05 -17.05
N LYS H 54 10.79 -3.35 -17.22
CA LYS H 54 9.50 -3.94 -16.92
C LYS H 54 9.19 -5.10 -17.85
N ALA H 55 9.62 -5.01 -19.11
CA ALA H 55 9.41 -6.11 -20.05
C ALA H 55 10.30 -7.30 -19.70
N MET H 56 11.55 -7.04 -19.34
CA MET H 56 12.44 -8.12 -18.92
C MET H 56 11.94 -8.78 -17.65
N SER H 57 11.26 -8.04 -16.78
CA SER H 57 10.73 -8.61 -15.56
C SER H 57 9.45 -9.41 -15.81
N ILE H 58 8.55 -8.88 -16.64
CA ILE H 58 7.31 -9.59 -16.92
C ILE H 58 7.58 -10.86 -17.73
N MET H 59 8.56 -10.82 -18.63
CA MET H 59 8.93 -12.04 -19.34
C MET H 59 9.78 -12.96 -18.47
N ASN H 60 10.52 -12.40 -17.51
CA ASN H 60 11.24 -13.20 -16.53
C ASN H 60 10.28 -14.05 -15.71
N SER H 61 9.33 -13.41 -15.03
CA SER H 61 8.33 -14.15 -14.28
C SER H 61 7.42 -14.96 -15.20
N PHE H 62 7.30 -14.56 -16.47
CA PHE H 62 6.53 -15.34 -17.42
C PHE H 62 7.18 -16.70 -17.66
N VAL H 63 8.46 -16.72 -18.04
CA VAL H 63 9.12 -18.00 -18.30
C VAL H 63 9.30 -18.78 -17.00
N ASN H 64 9.49 -18.10 -15.88
CA ASN H 64 9.57 -18.80 -14.60
C ASN H 64 8.26 -19.47 -14.25
N ASP H 65 7.13 -18.83 -14.56
CA ASP H 65 5.84 -19.43 -14.26
C ASP H 65 5.49 -20.55 -15.24
N VAL H 66 5.82 -20.38 -16.52
CA VAL H 66 5.63 -21.45 -17.49
C VAL H 66 6.46 -22.66 -17.10
N PHE H 67 7.70 -22.45 -16.67
CA PHE H 67 8.50 -23.54 -16.12
C PHE H 67 7.87 -24.13 -14.87
N GLU H 68 7.22 -23.29 -14.06
CA GLU H 68 6.53 -23.79 -12.88
C GLU H 68 5.38 -24.72 -13.25
N ARG H 69 4.71 -24.44 -14.37
CA ARG H 69 3.64 -25.33 -14.83
C ARG H 69 4.22 -26.61 -15.43
N ILE H 70 5.28 -26.49 -16.24
CA ILE H 70 5.86 -27.65 -16.89
C ILE H 70 6.41 -28.62 -15.87
N ALA H 71 7.29 -28.14 -14.99
CA ALA H 71 7.89 -29.02 -13.99
C ALA H 71 6.88 -29.38 -12.91
N GLY H 72 6.00 -28.44 -12.55
CA GLY H 72 5.01 -28.72 -11.52
C GLY H 72 4.05 -29.84 -11.93
N GLU H 73 3.56 -29.79 -13.16
CA GLU H 73 2.69 -30.85 -13.66
C GLU H 73 3.49 -32.11 -13.96
N ALA H 74 4.73 -31.96 -14.39
CA ALA H 74 5.58 -33.12 -14.67
C ALA H 74 5.90 -33.90 -13.41
N SER H 75 5.89 -33.24 -12.25
CA SER H 75 6.10 -33.93 -10.98
C SER H 75 5.06 -35.03 -10.79
N ARG H 76 3.79 -34.64 -10.67
CA ARG H 76 2.72 -35.61 -10.49
C ARG H 76 2.56 -36.50 -11.72
N LEU H 77 2.92 -35.99 -12.90
CA LEU H 77 2.87 -36.82 -14.11
C LEU H 77 3.81 -38.01 -13.99
N ALA H 78 5.02 -37.78 -13.47
CA ALA H 78 5.93 -38.88 -13.18
C ALA H 78 5.53 -39.63 -11.92
N HIS H 79 4.71 -39.03 -11.06
CA HIS H 79 4.24 -39.71 -9.86
C HIS H 79 3.11 -40.69 -10.14
N TYR H 80 2.40 -40.54 -11.26
CA TYR H 80 1.32 -41.46 -11.60
C TYR H 80 1.85 -42.88 -11.78
N ASN H 81 2.95 -43.03 -12.51
CA ASN H 81 3.55 -44.32 -12.79
C ASN H 81 4.51 -44.79 -11.70
N LYS H 82 4.64 -44.02 -10.61
CA LYS H 82 5.56 -44.33 -9.51
C LYS H 82 7.01 -44.36 -10.00
N ARG H 83 7.32 -43.55 -11.00
CA ARG H 83 8.68 -43.46 -11.53
C ARG H 83 9.46 -42.44 -10.71
N SER H 84 10.57 -42.87 -10.11
CA SER H 84 11.34 -42.00 -9.24
C SER H 84 12.03 -40.89 -10.03
N THR H 85 12.78 -41.26 -11.06
CA THR H 85 13.52 -40.29 -11.85
C THR H 85 12.65 -39.69 -12.94
N ILE H 86 12.87 -38.40 -13.22
CA ILE H 86 12.17 -37.70 -14.28
C ILE H 86 13.09 -37.67 -15.50
N THR H 87 12.51 -37.84 -16.69
CA THR H 87 13.27 -37.95 -17.93
C THR H 87 12.70 -36.97 -18.95
N SER H 88 13.28 -37.01 -20.16
CA SER H 88 12.83 -36.12 -21.23
C SER H 88 11.43 -36.46 -21.72
N ARG H 89 10.99 -37.72 -21.54
CA ARG H 89 9.63 -38.08 -21.93
C ARG H 89 8.60 -37.50 -20.96
N GLU H 90 8.95 -37.43 -19.67
CA GLU H 90 8.05 -36.82 -18.70
C GLU H 90 7.81 -35.36 -19.01
N ILE H 91 8.86 -34.62 -19.34
CA ILE H 91 8.71 -33.23 -19.74
C ILE H 91 8.01 -33.14 -21.10
N GLN H 92 8.28 -34.09 -21.98
CA GLN H 92 7.62 -34.13 -23.29
C GLN H 92 6.11 -34.17 -23.12
N THR H 93 5.59 -35.23 -22.50
CA THR H 93 4.16 -35.32 -22.24
C THR H 93 3.68 -34.16 -21.37
N ALA H 94 4.53 -33.65 -20.48
CA ALA H 94 4.18 -32.52 -19.63
C ALA H 94 3.79 -31.30 -20.44
N VAL H 95 4.74 -30.72 -21.18
CA VAL H 95 4.47 -29.50 -21.93
C VAL H 95 3.54 -29.77 -23.10
N ARG H 96 3.59 -30.98 -23.68
CA ARG H 96 2.67 -31.33 -24.75
C ARG H 96 1.23 -31.33 -24.25
N LEU H 97 1.02 -31.79 -23.03
CA LEU H 97 -0.30 -31.79 -22.40
C LEU H 97 -0.66 -30.42 -21.81
N LEU H 98 0.34 -29.55 -21.62
CA LEU H 98 0.11 -28.26 -20.99
C LEU H 98 -0.63 -27.32 -21.93
N LEU H 99 0.01 -26.93 -23.03
CA LEU H 99 -0.58 -25.99 -23.97
C LEU H 99 -1.26 -26.73 -25.11
N PRO H 100 -2.56 -26.54 -25.31
CA PRO H 100 -3.22 -27.14 -26.47
C PRO H 100 -2.88 -26.39 -27.75
N GLY H 101 -3.18 -27.05 -28.87
CA GLY H 101 -3.07 -26.43 -30.18
C GLY H 101 -1.85 -26.92 -30.95
N GLU H 102 -1.67 -26.30 -32.12
CA GLU H 102 -0.60 -26.67 -33.04
C GLU H 102 0.77 -26.28 -32.53
N LEU H 103 0.84 -25.36 -31.56
CA LEU H 103 2.11 -24.93 -31.00
C LEU H 103 2.91 -26.09 -30.44
N ALA H 104 2.22 -27.13 -29.93
CA ALA H 104 2.92 -28.29 -29.38
C ALA H 104 3.74 -29.00 -30.44
N LYS H 105 3.30 -28.98 -31.69
CA LYS H 105 4.08 -29.62 -32.75
C LYS H 105 5.41 -28.90 -32.96
N HIS H 106 5.41 -27.57 -32.96
CA HIS H 106 6.65 -26.83 -33.03
C HIS H 106 7.49 -27.08 -31.79
N ALA H 107 6.85 -27.22 -30.62
CA ALA H 107 7.60 -27.57 -29.42
C ALA H 107 8.30 -28.90 -29.56
N VAL H 108 7.66 -29.87 -30.22
CA VAL H 108 8.29 -31.17 -30.45
C VAL H 108 9.41 -31.06 -31.45
N SER H 109 9.21 -30.29 -32.53
CA SER H 109 10.23 -30.15 -33.56
C SER H 109 11.49 -29.50 -33.00
N GLU H 110 11.34 -28.30 -32.40
CA GLU H 110 12.49 -27.60 -31.87
C GLU H 110 13.09 -28.33 -30.68
N GLY H 111 12.25 -28.79 -29.76
CA GLY H 111 12.72 -29.47 -28.57
C GLY H 111 13.47 -30.76 -28.86
N THR H 112 12.83 -31.67 -29.60
CA THR H 112 13.51 -32.91 -29.96
C THR H 112 14.69 -32.66 -30.90
N LYS H 113 14.64 -31.58 -31.68
CA LYS H 113 15.79 -31.20 -32.49
C LYS H 113 16.98 -30.86 -31.60
N ALA H 114 16.74 -30.10 -30.53
CA ALA H 114 17.82 -29.77 -29.60
C ALA H 114 18.26 -31.00 -28.80
N VAL H 115 17.35 -31.93 -28.55
CA VAL H 115 17.72 -33.15 -27.83
C VAL H 115 18.65 -34.00 -28.69
N THR H 116 18.29 -34.18 -29.97
CA THR H 116 19.16 -34.94 -30.88
C THR H 116 20.47 -34.21 -31.14
N LYS H 117 20.44 -32.87 -31.17
CA LYS H 117 21.67 -32.12 -31.37
C LYS H 117 22.58 -32.23 -30.14
N TYR H 118 22.00 -32.29 -28.95
CA TYR H 118 22.81 -32.42 -27.73
C TYR H 118 23.37 -33.82 -27.60
N THR H 119 22.53 -34.85 -27.78
CA THR H 119 22.98 -36.22 -27.67
C THR H 119 23.88 -36.64 -28.83
N SER H 120 23.84 -35.90 -29.95
CA SER H 120 24.68 -36.24 -31.10
C SER H 120 26.15 -35.96 -30.83
N ALA H 121 26.46 -35.09 -29.88
CA ALA H 121 27.85 -34.76 -29.57
C ALA H 121 28.28 -35.39 -28.26
N LEU K 5 43.64 22.31 16.15
CA LEU K 5 44.13 23.43 15.35
C LEU K 5 43.97 23.13 13.86
N LEU K 6 42.93 22.38 13.52
CA LEU K 6 42.69 22.04 12.12
C LEU K 6 42.18 23.22 11.30
N ASP K 7 41.59 24.22 11.96
CA ASP K 7 41.11 25.41 11.25
C ASP K 7 42.24 26.35 10.87
N GLN K 8 43.42 26.22 11.48
CA GLN K 8 44.54 27.07 11.11
C GLN K 8 45.07 26.75 9.72
N THR K 9 45.00 25.47 9.32
CA THR K 9 45.45 25.10 7.98
C THR K 9 44.50 25.58 6.89
N LYS K 10 43.26 25.93 7.26
CA LYS K 10 42.29 26.40 6.27
C LYS K 10 42.60 27.80 5.75
N ASP K 11 43.52 28.53 6.39
CA ASP K 11 43.88 29.85 5.90
C ASP K 11 44.66 29.76 4.60
N THR K 12 45.53 28.76 4.47
CA THR K 12 46.28 28.55 3.24
C THR K 12 45.45 27.84 2.17
N ARG K 13 44.44 27.07 2.56
CA ARG K 13 43.65 26.30 1.61
C ARG K 13 42.69 27.17 0.80
N ILE K 14 42.37 28.38 1.28
CA ILE K 14 41.39 29.20 0.58
C ILE K 14 42.00 29.85 -0.65
N THR K 15 43.30 30.21 -0.59
CA THR K 15 43.93 30.96 -1.67
C THR K 15 43.82 30.23 -3.01
N HIS K 16 43.83 28.90 -2.99
CA HIS K 16 43.71 28.13 -4.23
C HIS K 16 42.30 28.24 -4.81
N LEU K 17 41.29 28.07 -3.97
CA LEU K 17 39.90 28.04 -4.42
C LEU K 17 39.19 29.38 -4.29
N LEU K 18 39.87 30.41 -3.80
CA LEU K 18 39.21 31.70 -3.59
C LEU K 18 38.92 32.41 -4.91
N ARG K 19 39.71 32.17 -5.94
CA ARG K 19 39.57 32.88 -7.20
C ARG K 19 38.59 32.22 -8.16
N GLN K 20 37.91 31.15 -7.73
CA GLN K 20 36.88 30.55 -8.57
C GLN K 20 35.81 31.56 -8.94
N THR K 21 35.35 32.35 -7.96
CA THR K 21 34.29 33.32 -8.22
C THR K 21 34.83 34.58 -8.88
N ASN K 22 36.02 35.03 -8.47
CA ASN K 22 36.55 36.29 -8.99
C ASN K 22 37.12 36.13 -10.40
N ALA K 23 37.94 35.11 -10.62
CA ALA K 23 38.61 34.97 -11.91
C ALA K 23 37.69 34.37 -12.97
N PHE K 24 36.91 33.35 -12.61
CA PHE K 24 36.02 32.68 -13.56
C PHE K 24 34.64 33.30 -13.62
N LEU K 25 34.40 34.38 -12.87
CA LEU K 25 33.11 35.05 -12.84
C LEU K 25 31.98 34.09 -12.46
N ASP K 78 46.13 33.78 8.08
CA ASP K 78 45.22 34.81 8.54
C ASP K 78 44.04 34.94 7.59
N TYR K 79 42.84 34.61 8.08
CA TYR K 79 41.63 34.74 7.27
C TYR K 79 41.16 36.19 7.13
N TYR K 80 41.73 37.10 7.91
CA TYR K 80 41.44 38.53 7.71
C TYR K 80 42.17 39.06 6.50
N ASN K 81 43.51 39.02 6.53
CA ASN K 81 44.33 39.60 5.47
C ASN K 81 43.90 39.10 4.09
N VAL K 82 43.66 37.80 3.95
CA VAL K 82 43.22 37.27 2.66
C VAL K 82 41.87 37.87 2.28
N ALA K 83 40.99 38.12 3.26
CA ALA K 83 39.75 38.81 2.98
C ALA K 83 39.93 40.32 2.93
N HIS K 84 40.93 40.86 3.63
CA HIS K 84 41.13 42.30 3.76
C HIS K 84 42.16 42.84 2.75
N ARG K 85 42.66 42.00 1.84
CA ARG K 85 43.76 42.44 0.99
C ARG K 85 43.34 43.55 0.03
N ILE K 86 42.06 43.64 -0.32
CA ILE K 86 41.53 44.69 -1.19
C ILE K 86 40.84 45.73 -0.34
N LYS K 87 41.02 47.01 -0.68
CA LYS K 87 40.50 48.12 0.12
C LYS K 87 39.35 48.78 -0.63
N GLU K 88 38.13 48.52 -0.19
CA GLU K 88 36.97 49.35 -0.54
C GLU K 88 36.08 49.46 0.69
N ASP K 89 35.88 50.68 1.18
CA ASP K 89 35.04 50.95 2.33
C ASP K 89 34.20 52.18 2.04
N ILE K 90 32.88 52.02 2.02
CA ILE K 90 31.95 53.14 1.88
C ILE K 90 30.90 53.01 2.97
N LYS K 91 30.91 53.94 3.92
CA LYS K 91 29.91 53.96 4.99
C LYS K 91 28.61 54.63 4.55
N LYS K 92 28.70 55.65 3.71
CA LYS K 92 27.53 56.46 3.36
C LYS K 92 26.55 55.66 2.52
N GLN K 93 25.26 55.84 2.81
CA GLN K 93 24.21 55.21 2.03
C GLN K 93 24.13 55.85 0.64
N PRO K 94 23.59 55.13 -0.34
CA PRO K 94 23.47 55.71 -1.69
C PRO K 94 22.53 56.89 -1.73
N SER K 95 22.79 57.81 -2.66
CA SER K 95 22.00 59.03 -2.77
C SER K 95 20.62 58.75 -3.34
N ILE K 96 20.50 57.77 -4.25
CA ILE K 96 19.21 57.43 -4.83
C ILE K 96 18.31 56.69 -3.87
N LEU K 97 18.80 56.35 -2.69
CA LEU K 97 18.00 55.64 -1.70
C LEU K 97 16.90 56.58 -1.18
N VAL K 98 15.65 56.16 -1.30
CA VAL K 98 14.50 56.99 -0.97
C VAL K 98 13.53 56.17 -0.13
N GLY K 99 12.80 56.86 0.75
CA GLY K 99 11.78 56.22 1.56
C GLY K 99 12.12 55.98 3.01
N GLY K 100 13.22 56.53 3.49
CA GLY K 100 13.59 56.37 4.89
C GLY K 100 15.08 56.53 5.08
N THR K 101 15.51 56.24 6.31
CA THR K 101 16.91 56.32 6.69
C THR K 101 17.37 54.97 7.23
N LEU K 102 18.68 54.78 7.24
CA LEU K 102 19.29 53.55 7.72
C LEU K 102 19.82 53.74 9.13
N LYS K 103 19.42 52.85 10.04
CA LYS K 103 19.90 52.90 11.41
C LYS K 103 21.38 52.55 11.47
N ASP K 104 22.00 52.90 12.60
CA ASP K 104 23.43 52.64 12.80
C ASP K 104 23.77 51.17 12.57
N TYR K 105 22.88 50.26 12.99
CA TYR K 105 23.10 48.85 12.72
C TYR K 105 22.77 48.48 11.27
N GLN K 106 21.90 49.25 10.62
CA GLN K 106 21.65 49.04 9.19
C GLN K 106 22.75 49.65 8.34
N ILE K 107 23.34 50.76 8.77
CA ILE K 107 24.45 51.36 8.04
C ILE K 107 25.67 50.44 8.09
N LYS K 108 26.00 49.94 9.29
CA LYS K 108 27.12 49.01 9.42
C LYS K 108 26.84 47.70 8.70
N GLY K 109 25.61 47.19 8.80
CA GLY K 109 25.26 45.98 8.09
C GLY K 109 25.40 46.13 6.59
N LEU K 110 25.03 47.30 6.07
CA LEU K 110 25.30 47.62 4.66
C LEU K 110 26.79 47.49 4.36
N GLN K 111 27.62 48.30 5.01
CA GLN K 111 29.06 48.23 4.81
C GLN K 111 29.62 46.85 5.15
N TRP K 112 29.00 46.14 6.08
CA TRP K 112 29.40 44.77 6.35
C TRP K 112 29.14 43.87 5.15
N MET K 113 28.03 44.10 4.45
CA MET K 113 27.82 43.43 3.18
C MET K 113 28.74 43.97 2.10
N VAL K 114 29.17 45.23 2.24
CA VAL K 114 30.21 45.75 1.36
C VAL K 114 31.56 45.15 1.73
N SER K 115 31.77 44.85 3.01
CA SER K 115 32.95 44.09 3.41
C SER K 115 32.94 42.70 2.79
N LEU K 116 31.74 42.11 2.64
CA LEU K 116 31.62 40.90 1.83
C LEU K 116 31.91 41.19 0.36
N PHE K 117 31.51 42.37 -0.11
CA PHE K 117 31.73 42.77 -1.49
C PHE K 117 33.19 43.07 -1.79
N ASN K 118 34.04 43.18 -0.76
CA ASN K 118 35.48 43.36 -0.95
C ASN K 118 36.02 42.29 -1.87
N ASN K 119 35.98 41.04 -1.42
CA ASN K 119 36.32 39.89 -2.25
C ASN K 119 35.09 39.28 -2.91
N HIS K 120 33.91 39.88 -2.75
CA HIS K 120 32.69 39.59 -3.49
C HIS K 120 32.01 38.30 -3.03
N LEU K 121 32.56 37.59 -2.04
CA LEU K 121 32.08 36.26 -1.72
C LEU K 121 30.68 36.31 -1.11
N ASN K 122 30.16 35.13 -0.79
CA ASN K 122 28.83 34.97 -0.25
C ASN K 122 28.79 35.39 1.22
N GLY K 123 27.58 35.66 1.71
CA GLY K 123 27.42 36.10 3.08
C GLY K 123 26.12 35.61 3.69
N ILE K 124 26.01 35.80 5.00
CA ILE K 124 24.87 35.32 5.78
C ILE K 124 24.38 36.45 6.67
N LEU K 125 23.07 36.67 6.69
CA LEU K 125 22.45 37.56 7.66
C LEU K 125 21.58 36.71 8.58
N ALA K 126 22.04 36.50 9.80
CA ALA K 126 21.40 35.61 10.76
C ALA K 126 20.53 36.33 11.78
N ASP K 127 20.35 37.64 11.66
CA ASP K 127 19.82 38.44 12.76
C ASP K 127 18.35 38.13 13.00
N GLU K 128 17.78 38.81 14.00
CA GLU K 128 16.45 38.51 14.51
C GLU K 128 15.38 39.08 13.59
N MET K 129 14.22 38.43 13.59
CA MET K 129 13.07 38.93 12.85
C MET K 129 12.54 40.21 13.49
N GLY K 130 12.11 41.15 12.64
CA GLY K 130 11.64 42.44 13.10
C GLY K 130 12.61 43.58 12.96
N LEU K 131 13.82 43.30 12.46
CA LEU K 131 14.85 44.33 12.26
C LEU K 131 14.81 44.92 10.86
N GLY K 132 13.82 44.56 10.05
CA GLY K 132 13.73 45.09 8.70
C GLY K 132 14.69 44.45 7.73
N LYS K 133 14.72 43.10 7.70
CA LYS K 133 15.54 42.40 6.72
C LYS K 133 15.25 42.85 5.30
N THR K 134 14.00 43.20 5.01
CA THR K 134 13.65 43.69 3.67
C THR K 134 14.37 45.00 3.37
N ILE K 135 14.49 45.87 4.37
CA ILE K 135 15.19 47.14 4.18
C ILE K 135 16.66 46.91 3.87
N GLN K 136 17.30 45.98 4.60
CA GLN K 136 18.71 45.70 4.36
C GLN K 136 18.93 44.94 3.06
N THR K 137 17.93 44.18 2.62
CA THR K 137 18.05 43.44 1.37
C THR K 137 17.90 44.36 0.16
N ILE K 138 16.89 45.23 0.18
CA ILE K 138 16.70 46.16 -0.93
C ILE K 138 17.79 47.22 -0.95
N SER K 139 18.47 47.44 0.17
CA SER K 139 19.55 48.43 0.21
C SER K 139 20.70 48.01 -0.69
N LEU K 140 21.11 46.75 -0.61
CA LEU K 140 22.22 46.27 -1.44
C LEU K 140 21.84 46.24 -2.91
N LEU K 141 20.57 45.99 -3.22
CA LEU K 141 20.13 45.95 -4.60
C LEU K 141 20.28 47.31 -5.28
N THR K 142 19.85 48.38 -4.59
CA THR K 142 19.98 49.72 -5.13
C THR K 142 21.38 50.30 -4.92
N TYR K 143 22.15 49.76 -3.98
CA TYR K 143 23.52 50.24 -3.78
C TYR K 143 24.44 49.80 -4.92
N LEU K 144 24.42 48.51 -5.23
CA LEU K 144 25.25 48.00 -6.31
C LEU K 144 24.76 48.47 -7.67
N TYR K 145 23.49 48.84 -7.79
CA TYR K 145 22.96 49.40 -9.03
C TYR K 145 23.55 50.75 -9.36
N GLU K 146 24.12 51.45 -8.38
CA GLU K 146 24.62 52.80 -8.57
C GLU K 146 26.14 52.86 -8.58
N MET K 147 26.80 52.47 -7.49
CA MET K 147 28.24 52.67 -7.34
C MET K 147 29.02 52.03 -8.48
N LYS K 148 28.84 50.72 -8.68
CA LYS K 148 29.65 49.98 -9.65
C LYS K 148 29.06 49.98 -11.05
N ASN K 149 27.84 50.48 -11.23
CA ASN K 149 27.19 50.61 -12.54
C ASN K 149 27.04 49.27 -13.26
N ILE K 150 27.01 48.17 -12.50
CA ILE K 150 26.77 46.88 -13.15
C ILE K 150 25.27 46.69 -13.43
N ARG K 151 24.42 47.34 -12.64
CA ARG K 151 22.99 47.53 -12.86
C ARG K 151 22.20 46.23 -12.93
N GLY K 152 22.88 45.09 -12.87
CA GLY K 152 22.22 43.80 -12.89
C GLY K 152 23.04 42.70 -13.52
N PRO K 153 22.42 41.53 -13.74
CA PRO K 153 21.04 41.19 -13.36
C PRO K 153 20.90 40.85 -11.87
N TYR K 154 19.68 40.97 -11.34
CA TYR K 154 19.39 40.69 -9.94
C TYR K 154 18.25 39.68 -9.84
N LEU K 155 18.34 38.79 -8.86
CA LEU K 155 17.31 37.77 -8.64
C LEU K 155 17.05 37.65 -7.15
N VAL K 156 15.78 37.67 -6.76
CA VAL K 156 15.39 37.48 -5.37
C VAL K 156 14.42 36.32 -5.28
N ILE K 157 14.46 35.62 -4.15
CA ILE K 157 13.59 34.48 -3.87
C ILE K 157 13.01 34.67 -2.48
N VAL K 158 11.69 34.81 -2.40
CA VAL K 158 11.02 35.03 -1.11
C VAL K 158 9.80 34.11 -1.02
N PRO K 159 9.41 33.68 0.18
CA PRO K 159 8.20 32.87 0.30
C PRO K 159 6.97 33.65 -0.12
N LEU K 160 5.90 32.90 -0.44
CA LEU K 160 4.68 33.52 -0.93
C LEU K 160 3.92 34.22 0.20
N SER K 161 4.00 33.69 1.43
CA SER K 161 3.32 34.32 2.54
C SER K 161 3.89 35.70 2.84
N THR K 162 5.21 35.85 2.72
CA THR K 162 5.86 37.13 2.92
C THR K 162 6.09 37.89 1.62
N LEU K 163 5.65 37.35 0.48
CA LEU K 163 5.87 38.02 -0.80
C LEU K 163 5.07 39.32 -0.88
N SER K 164 3.94 39.40 -0.18
CA SER K 164 3.17 40.64 -0.16
C SER K 164 3.97 41.78 0.45
N ASN K 165 4.86 41.47 1.40
CA ASN K 165 5.71 42.49 1.99
C ASN K 165 6.82 42.89 1.01
N TRP K 166 7.48 41.91 0.39
CA TRP K 166 8.56 42.21 -0.54
C TRP K 166 8.05 42.94 -1.78
N SER K 167 6.85 42.59 -2.24
CA SER K 167 6.29 43.26 -3.41
C SER K 167 5.83 44.68 -3.09
N SER K 168 5.41 44.93 -1.85
CA SER K 168 4.95 46.25 -1.45
C SER K 168 6.10 47.21 -1.18
N GLU K 169 7.28 46.71 -0.83
CA GLU K 169 8.41 47.58 -0.56
C GLU K 169 9.14 48.03 -1.82
N PHE K 170 8.76 47.51 -2.98
CA PHE K 170 9.35 47.98 -4.24
C PHE K 170 8.87 49.38 -4.60
N ALA K 171 7.79 49.86 -3.99
CA ALA K 171 7.31 51.21 -4.26
C ALA K 171 8.17 52.25 -3.54
N LYS K 172 8.19 52.19 -2.21
CA LYS K 172 8.93 53.18 -1.42
C LYS K 172 10.41 53.21 -1.79
N TRP K 173 11.12 52.11 -1.56
CA TRP K 173 12.59 52.15 -1.58
C TRP K 173 13.14 52.32 -2.99
N ALA K 174 12.72 51.45 -3.92
CA ALA K 174 13.31 51.40 -5.26
C ALA K 174 12.22 51.52 -6.32
N PRO K 175 11.74 52.72 -6.62
CA PRO K 175 10.73 52.86 -7.67
C PRO K 175 11.28 52.58 -9.07
N THR K 176 12.57 52.81 -9.30
CA THR K 176 13.14 52.75 -10.63
C THR K 176 13.43 51.34 -11.12
N LEU K 177 13.28 50.33 -10.27
CA LEU K 177 13.59 48.95 -10.64
C LEU K 177 12.32 48.27 -11.14
N ARG K 178 12.30 47.93 -12.42
CA ARG K 178 11.20 47.14 -12.97
C ARG K 178 11.27 45.73 -12.43
N THR K 179 10.14 45.21 -11.96
CA THR K 179 10.12 43.90 -11.32
C THR K 179 9.24 42.94 -12.10
N ILE K 180 9.25 41.69 -11.64
CA ILE K 180 8.45 40.61 -12.22
C ILE K 180 8.00 39.71 -11.08
N SER K 181 6.73 39.34 -11.08
CA SER K 181 6.16 38.51 -10.03
C SER K 181 5.35 37.37 -10.65
N PHE K 182 5.60 36.15 -10.19
CA PHE K 182 4.90 34.97 -10.67
C PHE K 182 3.99 34.47 -9.55
N LYS K 183 2.68 34.57 -9.77
CA LYS K 183 1.71 34.12 -8.77
C LYS K 183 0.41 33.78 -9.47
N GLY K 184 -0.44 33.04 -8.75
CA GLY K 184 -1.76 32.73 -9.25
C GLY K 184 -1.76 31.61 -10.28
N SER K 185 -2.69 31.72 -11.24
CA SER K 185 -2.84 30.71 -12.27
C SER K 185 -1.65 30.73 -13.23
N PRO K 186 -1.38 29.62 -13.90
CA PRO K 186 -0.28 29.60 -14.88
C PRO K 186 -0.46 30.60 -16.01
N ASN K 187 -1.70 30.96 -16.34
CA ASN K 187 -1.94 31.95 -17.40
C ASN K 187 -1.42 33.32 -16.97
N GLU K 188 -1.75 33.75 -15.74
CA GLU K 188 -1.17 34.97 -15.21
C GLU K 188 0.33 34.83 -15.03
N ARG K 189 0.81 33.62 -14.72
CA ARG K 189 2.24 33.37 -14.66
C ARG K 189 2.88 33.43 -16.03
N LYS K 190 2.15 33.01 -17.07
CA LYS K 190 2.68 33.04 -18.42
C LYS K 190 2.79 34.46 -18.98
N ALA K 191 2.03 35.40 -18.44
CA ALA K 191 2.07 36.78 -18.93
C ALA K 191 3.47 37.37 -18.77
N LYS K 192 4.00 37.34 -17.55
CA LYS K 192 5.36 37.81 -17.32
C LYS K 192 6.41 36.77 -17.69
N GLN K 193 6.01 35.54 -17.98
CA GLN K 193 6.97 34.52 -18.40
C GLN K 193 7.51 34.81 -19.79
N ALA K 194 6.64 35.26 -20.70
CA ALA K 194 7.07 35.62 -22.05
C ALA K 194 7.71 37.01 -22.10
N LYS K 195 7.38 37.89 -21.16
CA LYS K 195 7.94 39.24 -21.19
C LYS K 195 9.40 39.26 -20.74
N ILE K 196 9.78 38.35 -19.85
CA ILE K 196 11.15 38.36 -19.33
C ILE K 196 12.13 37.74 -20.34
N ARG K 197 11.66 36.80 -21.17
CA ARG K 197 12.56 36.16 -22.13
C ARG K 197 13.08 37.14 -23.17
N ALA K 198 12.39 38.25 -23.42
CA ALA K 198 12.88 39.27 -24.33
C ALA K 198 14.03 40.08 -23.73
N GLY K 199 14.36 39.87 -22.46
CA GLY K 199 15.41 40.62 -21.81
C GLY K 199 14.93 41.72 -20.89
N GLU K 200 13.64 41.76 -20.55
CA GLU K 200 13.07 42.80 -19.69
C GLU K 200 12.99 42.24 -18.27
N PHE K 201 13.81 42.80 -17.38
CA PHE K 201 13.80 42.48 -15.96
C PHE K 201 14.87 43.31 -15.27
N ASP K 202 14.71 43.47 -13.95
CA ASP K 202 15.75 43.98 -13.06
C ASP K 202 15.85 43.05 -11.86
N VAL K 203 14.80 43.02 -11.05
CA VAL K 203 14.69 42.15 -9.88
C VAL K 203 13.42 41.32 -10.05
N VAL K 204 13.57 39.99 -10.00
CA VAL K 204 12.49 39.07 -10.33
C VAL K 204 12.06 38.35 -9.05
N LEU K 205 10.78 38.45 -8.73
CA LEU K 205 10.21 37.71 -7.60
C LEU K 205 9.89 36.27 -8.00
N THR K 206 9.89 35.39 -7.01
CA THR K 206 9.55 33.98 -7.14
C THR K 206 9.58 33.35 -5.76
N THR K 207 8.98 32.17 -5.65
CA THR K 207 8.88 31.45 -4.39
C THR K 207 9.56 30.09 -4.51
N PHE K 208 9.45 29.30 -3.44
CA PHE K 208 10.16 28.03 -3.37
C PHE K 208 9.51 26.96 -4.26
N GLU K 209 8.18 26.85 -4.19
CA GLU K 209 7.50 25.75 -4.87
C GLU K 209 7.57 25.84 -6.38
N TYR K 210 7.80 27.03 -6.94
CA TYR K 210 7.88 27.19 -8.38
C TYR K 210 9.30 26.99 -8.92
N ILE K 211 10.30 26.87 -8.05
CA ILE K 211 11.67 26.69 -8.52
C ILE K 211 11.78 25.45 -9.40
N ILE K 212 11.10 24.37 -9.03
CA ILE K 212 11.10 23.19 -9.88
C ILE K 212 10.26 23.42 -11.14
N LYS K 213 9.26 24.29 -11.05
CA LYS K 213 8.40 24.59 -12.19
C LYS K 213 8.91 25.76 -13.02
N GLU K 214 9.90 26.50 -12.53
CA GLU K 214 10.57 27.55 -13.29
C GLU K 214 11.80 27.02 -14.03
N ARG K 215 12.02 25.71 -14.02
CA ARG K 215 13.18 25.11 -14.68
C ARG K 215 13.35 25.58 -16.12
N ALA K 216 12.23 25.84 -16.81
CA ALA K 216 12.30 26.36 -18.17
C ALA K 216 13.13 27.63 -18.25
N LEU K 217 12.71 28.68 -17.53
CA LEU K 217 13.43 29.94 -17.53
C LEU K 217 14.89 29.76 -17.10
N LEU K 218 15.09 29.35 -15.85
CA LEU K 218 16.41 29.41 -15.23
C LEU K 218 17.45 28.53 -15.92
N SER K 219 17.03 27.53 -16.70
CA SER K 219 18.01 26.66 -17.35
C SER K 219 18.70 27.36 -18.51
N LYS K 220 17.92 28.00 -19.39
CA LYS K 220 18.49 28.61 -20.58
C LYS K 220 19.13 29.97 -20.29
N VAL K 221 18.62 30.71 -19.30
CA VAL K 221 19.14 32.04 -19.02
C VAL K 221 20.32 31.90 -18.05
N LYS K 222 20.96 33.02 -17.73
CA LYS K 222 22.06 33.04 -16.76
C LYS K 222 21.98 34.33 -15.96
N TRP K 223 22.25 34.22 -14.66
CA TRP K 223 22.13 35.34 -13.74
C TRP K 223 23.51 35.71 -13.20
N VAL K 224 23.53 36.72 -12.33
CA VAL K 224 24.77 37.21 -11.72
C VAL K 224 24.67 37.07 -10.22
N HIS K 225 23.76 37.83 -9.61
CA HIS K 225 23.58 37.85 -8.17
C HIS K 225 22.16 37.39 -7.85
N MET K 226 22.03 36.29 -7.12
CA MET K 226 20.74 35.80 -6.65
C MET K 226 20.63 36.00 -5.15
N ILE K 227 19.41 36.26 -4.69
CA ILE K 227 19.13 36.49 -3.28
C ILE K 227 17.94 35.62 -2.90
N ILE K 228 17.97 35.05 -1.70
CA ILE K 228 16.88 34.21 -1.21
C ILE K 228 16.41 34.72 0.14
N ASP K 229 15.38 34.06 0.65
CA ASP K 229 14.86 34.31 1.99
C ASP K 229 14.48 32.96 2.58
N GLU K 230 14.20 32.93 3.89
CA GLU K 230 13.80 31.70 4.57
C GLU K 230 14.88 30.62 4.40
N GLY K 231 16.11 30.98 4.76
CA GLY K 231 17.24 30.09 4.58
C GLY K 231 17.23 28.86 5.46
N HIS K 232 16.37 28.81 6.47
CA HIS K 232 16.28 27.64 7.34
C HIS K 232 15.20 26.66 6.90
N ARG K 233 14.48 26.95 5.82
CA ARG K 233 13.73 25.92 5.12
C ARG K 233 14.61 25.14 4.16
N MET K 234 15.76 25.72 3.77
CA MET K 234 16.79 25.05 3.00
C MET K 234 17.45 23.91 3.77
N LYS K 235 17.13 23.76 5.06
CA LYS K 235 17.88 22.89 5.95
C LYS K 235 17.86 21.41 5.54
N ASN K 236 17.04 21.02 4.57
CA ASN K 236 17.00 19.64 4.11
C ASN K 236 18.07 19.43 3.05
N ALA K 237 19.03 18.55 3.34
CA ALA K 237 20.13 18.25 2.43
C ALA K 237 19.65 17.72 1.08
N GLN K 238 19.05 16.53 1.08
CA GLN K 238 18.62 15.87 -0.14
C GLN K 238 17.41 16.55 -0.79
N SER K 239 16.88 17.61 -0.17
CA SER K 239 15.69 18.28 -0.70
C SER K 239 15.88 18.68 -2.16
N LYS K 240 14.79 18.56 -2.93
CA LYS K 240 14.85 18.90 -4.35
C LYS K 240 15.32 20.34 -4.55
N LEU K 241 14.85 21.26 -3.71
CA LEU K 241 15.26 22.66 -3.84
C LEU K 241 16.78 22.80 -3.68
N SER K 242 17.39 21.95 -2.87
CA SER K 242 18.85 21.93 -2.78
C SER K 242 19.49 21.31 -4.01
N LEU K 243 18.83 20.29 -4.59
CA LEU K 243 19.36 19.65 -5.79
C LEU K 243 19.09 20.48 -7.04
N THR K 244 18.01 21.27 -7.05
CA THR K 244 17.74 22.12 -8.21
C THR K 244 18.79 23.22 -8.35
N LEU K 245 19.38 23.66 -7.24
CA LEU K 245 20.41 24.70 -7.31
C LEU K 245 21.64 24.19 -8.08
N ASN K 246 21.99 22.93 -7.89
CA ASN K 246 23.03 22.33 -8.71
C ASN K 246 22.55 22.11 -10.14
N THR K 247 21.26 21.82 -10.32
CA THR K 247 20.69 21.71 -11.64
C THR K 247 20.44 23.07 -12.28
N HIS K 248 20.39 24.13 -11.45
CA HIS K 248 20.19 25.51 -11.86
C HIS K 248 21.31 26.05 -12.73
N TYR K 249 22.37 25.27 -12.97
CA TYR K 249 23.65 25.75 -13.45
C TYR K 249 24.21 26.65 -12.36
N HIS K 250 24.71 27.85 -12.69
CA HIS K 250 25.37 28.67 -11.70
C HIS K 250 25.18 30.14 -12.06
N ALA K 251 25.74 31.01 -11.23
CA ALA K 251 25.78 32.44 -11.45
C ALA K 251 27.06 32.98 -10.84
N ASP K 252 27.17 34.30 -10.78
CA ASP K 252 28.37 34.91 -10.20
C ASP K 252 28.36 34.78 -8.68
N TYR K 253 27.42 35.46 -8.03
CA TYR K 253 27.43 35.61 -6.58
C TYR K 253 26.05 35.36 -6.01
N ARG K 254 25.99 35.16 -4.69
CA ARG K 254 24.72 34.91 -4.02
C ARG K 254 24.86 35.29 -2.55
N LEU K 255 23.70 35.54 -1.93
CA LEU K 255 23.61 35.75 -0.48
C LEU K 255 22.58 34.79 0.08
N ILE K 256 23.02 33.84 0.90
CA ILE K 256 22.11 32.95 1.60
C ILE K 256 21.60 33.67 2.85
N LEU K 257 20.29 33.74 2.99
CA LEU K 257 19.65 34.56 4.02
C LEU K 257 18.64 33.73 4.79
N THR K 258 18.85 33.62 6.10
CA THR K 258 17.95 32.90 6.98
C THR K 258 17.45 33.83 8.08
N GLY K 259 16.25 33.54 8.58
CA GLY K 259 15.68 34.32 9.66
C GLY K 259 16.10 33.83 11.03
N THR K 260 16.43 32.54 11.11
CA THR K 260 16.85 31.90 12.34
C THR K 260 18.11 31.08 12.10
N PRO K 261 18.96 30.93 13.12
CA PRO K 261 20.18 30.12 12.93
C PRO K 261 19.89 28.64 12.82
N LEU K 262 20.94 27.82 12.85
CA LEU K 262 20.78 26.37 12.78
C LEU K 262 19.89 25.87 13.90
N GLN K 263 19.12 24.83 13.59
CA GLN K 263 18.12 24.29 14.51
C GLN K 263 18.22 22.77 14.52
N ASN K 264 17.50 22.15 15.46
CA ASN K 264 17.35 20.69 15.54
C ASN K 264 18.71 20.04 15.79
N ASN K 265 19.19 19.17 14.90
CA ASN K 265 20.35 18.33 15.17
C ASN K 265 21.61 19.19 15.06
N LEU K 266 22.78 18.53 15.01
CA LEU K 266 24.11 19.14 15.11
C LEU K 266 24.22 20.31 14.13
N PRO K 267 25.06 21.31 14.43
CA PRO K 267 25.00 22.57 13.69
C PRO K 267 25.17 22.37 12.18
N GLU K 268 24.73 23.38 11.43
CA GLU K 268 24.44 23.19 10.01
C GLU K 268 25.72 22.88 9.26
N LEU K 269 25.80 21.67 8.71
CA LEU K 269 26.93 21.24 7.90
C LEU K 269 26.68 21.30 6.40
N TRP K 270 25.43 21.39 5.95
CA TRP K 270 25.14 21.13 4.55
C TRP K 270 25.37 22.36 3.66
N ALA K 271 24.93 23.54 4.10
CA ALA K 271 24.95 24.72 3.25
C ALA K 271 26.00 25.72 3.73
N LEU K 272 25.77 26.38 4.86
CA LEU K 272 26.70 27.39 5.35
C LEU K 272 28.08 26.79 5.61
N LEU K 273 28.13 25.54 6.04
CA LEU K 273 29.38 24.88 6.34
C LEU K 273 29.88 23.99 5.20
N ASN K 274 29.13 23.88 4.10
CA ASN K 274 29.70 23.34 2.86
C ASN K 274 29.33 24.16 1.63
N PHE K 275 28.04 24.17 1.28
CA PHE K 275 27.61 24.54 -0.07
C PHE K 275 27.81 26.03 -0.38
N VAL K 276 27.94 26.89 0.63
CA VAL K 276 27.89 28.32 0.36
C VAL K 276 29.23 28.84 -0.20
N LEU K 277 30.35 28.34 0.30
CA LEU K 277 31.58 29.08 0.08
C LEU K 277 32.61 28.26 -0.69
N PRO K 278 33.53 28.92 -1.41
CA PRO K 278 34.41 28.17 -2.36
C PRO K 278 35.32 27.14 -1.69
N LYS K 279 36.04 27.52 -0.63
CA LYS K 279 36.88 26.54 0.05
C LYS K 279 36.06 25.52 0.80
N ILE K 280 34.82 25.86 1.17
CA ILE K 280 34.10 25.12 2.20
C ILE K 280 33.33 23.93 1.65
N PHE K 281 33.25 23.78 0.32
CA PHE K 281 32.49 22.68 -0.28
C PHE K 281 32.94 21.32 0.22
N ASN K 282 34.12 20.87 -0.24
CA ASN K 282 34.61 19.54 0.05
C ASN K 282 35.60 19.49 1.21
N SER K 283 35.91 20.64 1.82
CA SER K 283 36.95 20.67 2.85
C SER K 283 36.52 19.93 4.10
N VAL K 284 35.36 20.30 4.67
CA VAL K 284 34.96 19.75 5.96
C VAL K 284 34.30 18.38 5.82
N LYS K 285 33.98 17.95 4.59
CA LYS K 285 33.40 16.62 4.40
C LYS K 285 34.28 15.53 4.99
N SER K 286 35.60 15.74 5.00
CA SER K 286 36.48 14.84 5.74
C SER K 286 36.48 15.17 7.23
N PHE K 287 36.49 16.46 7.57
CA PHE K 287 36.49 16.92 8.96
C PHE K 287 35.13 16.80 9.64
N ASP K 288 34.09 16.38 8.91
CA ASP K 288 32.74 16.36 9.47
C ASP K 288 32.66 15.52 10.73
N GLU K 289 33.45 14.45 10.83
CA GLU K 289 33.40 13.59 12.01
C GLU K 289 34.14 14.20 13.19
N TRP K 290 35.18 14.99 12.94
CA TRP K 290 35.97 15.56 14.03
C TRP K 290 35.19 16.64 14.77
N PHE K 291 34.65 17.61 14.04
CA PHE K 291 33.95 18.73 14.67
C PHE K 291 32.56 18.38 15.15
N ASN K 292 32.03 17.20 14.78
CA ASN K 292 30.71 16.80 15.26
C ASN K 292 30.73 16.34 16.70
N THR K 293 31.84 15.73 17.15
CA THR K 293 31.95 15.26 18.52
C THR K 293 32.17 16.40 19.51
N PRO K 294 32.38 17.62 19.03
CA PRO K 294 32.59 18.76 19.93
C PRO K 294 31.28 19.20 20.56
N PHE K 295 30.37 19.74 19.75
CA PHE K 295 29.07 20.22 20.20
C PHE K 295 29.18 21.22 21.34
N ASP K 302 34.36 12.22 31.09
CA ASP K 302 34.42 12.96 29.83
C ASP K 302 33.33 14.01 29.75
N LYS K 303 33.37 14.96 30.68
CA LYS K 303 32.39 16.05 30.71
C LYS K 303 33.10 17.40 30.75
N ILE K 304 33.81 17.66 31.85
CA ILE K 304 34.55 18.92 31.96
C ILE K 304 35.82 18.85 31.11
N GLU K 305 36.44 17.67 31.02
CA GLU K 305 37.66 17.54 30.25
C GLU K 305 37.41 17.81 28.76
N LEU K 306 36.35 17.22 28.21
CA LEU K 306 36.05 17.44 26.79
C LEU K 306 35.29 18.75 26.58
N SER K 307 34.01 18.76 26.97
CA SER K 307 33.11 19.84 26.57
C SER K 307 33.48 21.20 27.15
N GLU K 308 34.42 21.27 28.09
CA GLU K 308 34.77 22.53 28.71
C GLU K 308 36.25 22.88 28.53
N GLU K 309 37.17 22.05 29.03
CA GLU K 309 38.60 22.36 28.99
C GLU K 309 39.12 22.61 27.58
N GLU K 310 39.26 21.56 26.79
CA GLU K 310 39.90 21.70 25.48
C GLU K 310 38.92 22.18 24.40
N THR K 311 37.67 21.70 24.42
CA THR K 311 36.73 22.02 23.35
C THR K 311 36.37 23.50 23.32
N LEU K 312 36.61 24.23 24.40
CA LEU K 312 36.39 25.67 24.42
C LEU K 312 37.05 26.33 23.22
N LEU K 313 38.40 26.27 23.15
CA LEU K 313 39.11 26.84 22.01
C LEU K 313 38.72 26.16 20.71
N VAL K 314 38.33 24.88 20.76
CA VAL K 314 37.88 24.19 19.56
C VAL K 314 36.62 24.83 19.02
N ILE K 315 35.67 25.14 19.90
CA ILE K 315 34.47 25.86 19.47
C ILE K 315 34.82 27.30 19.08
N ARG K 316 35.79 27.90 19.79
CA ARG K 316 36.23 29.24 19.44
C ARG K 316 36.82 29.28 18.03
N ARG K 317 37.48 28.21 17.60
CA ARG K 317 37.95 28.15 16.22
C ARG K 317 36.81 28.01 15.23
N LEU K 318 35.69 27.42 15.66
CA LEU K 318 34.50 27.42 14.82
C LEU K 318 33.90 28.80 14.71
N HIS K 319 33.93 29.58 15.80
CA HIS K 319 33.55 30.98 15.73
C HIS K 319 34.62 31.82 15.04
N LYS K 320 35.85 31.30 14.94
CA LYS K 320 36.93 32.04 14.31
C LYS K 320 36.83 32.01 12.78
N VAL K 321 36.38 30.89 12.22
CA VAL K 321 36.24 30.78 10.77
C VAL K 321 34.99 31.49 10.26
N LEU K 322 33.97 31.66 11.11
CA LEU K 322 32.69 32.21 10.71
C LEU K 322 32.61 33.72 10.86
N ARG K 323 33.73 34.38 11.21
CA ARG K 323 33.75 35.82 11.45
C ARG K 323 33.20 36.61 10.26
N PRO K 324 33.77 36.51 9.05
CA PRO K 324 33.22 37.30 7.94
C PRO K 324 31.88 36.79 7.45
N PHE K 325 31.48 35.57 7.79
CA PHE K 325 30.38 34.90 7.12
C PHE K 325 29.03 35.29 7.72
N LEU K 326 28.77 34.86 8.95
CA LEU K 326 27.48 35.10 9.59
C LEU K 326 27.43 36.50 10.23
N LEU K 327 26.23 37.07 10.25
CA LEU K 327 25.97 38.30 10.99
C LEU K 327 24.63 38.15 11.71
N ARG K 328 24.66 38.23 13.04
CA ARG K 328 23.44 38.16 13.84
C ARG K 328 23.52 39.15 14.98
N ARG K 329 22.49 39.99 15.11
CA ARG K 329 22.41 40.97 16.18
C ARG K 329 20.99 41.02 16.72
N LEU K 330 20.85 40.90 18.04
CA LEU K 330 19.54 40.93 18.67
C LEU K 330 18.98 42.35 18.70
N LYS K 331 17.65 42.42 18.81
CA LYS K 331 16.99 43.72 18.89
C LYS K 331 17.29 44.42 20.21
N LYS K 332 17.51 43.66 21.28
CA LYS K 332 17.79 44.25 22.59
C LYS K 332 19.12 45.00 22.62
N ASP K 333 20.01 44.74 21.66
CA ASP K 333 21.29 45.41 21.58
C ASP K 333 21.27 46.61 20.64
N VAL K 334 20.15 46.88 19.97
CA VAL K 334 20.06 48.02 19.07
C VAL K 334 18.82 48.86 19.37
N GLU K 335 17.63 48.32 19.14
CA GLU K 335 16.40 49.07 19.40
C GLU K 335 16.04 49.05 20.88
N LYS K 336 16.17 47.89 21.53
CA LYS K 336 15.91 47.67 22.95
C LYS K 336 14.63 48.36 23.43
N GLU K 337 13.58 48.29 22.62
CA GLU K 337 12.31 48.88 23.02
C GLU K 337 11.61 48.02 24.07
N LEU K 338 11.76 46.70 23.98
CA LEU K 338 11.19 45.81 24.97
C LEU K 338 11.99 45.89 26.26
N PRO K 339 11.38 46.25 27.40
CA PRO K 339 12.15 46.36 28.65
C PRO K 339 12.78 45.04 29.08
N ASP K 340 12.00 43.95 29.06
CA ASP K 340 12.45 42.62 29.45
C ASP K 340 11.30 41.65 29.29
N LYS K 341 11.63 40.35 29.27
CA LYS K 341 10.64 39.30 29.26
C LYS K 341 10.54 38.66 30.65
N VAL K 342 9.60 37.73 30.79
CA VAL K 342 9.47 36.91 31.99
C VAL K 342 9.20 35.48 31.54
N GLU K 343 10.11 34.56 31.87
CA GLU K 343 9.94 33.15 31.55
C GLU K 343 9.82 32.36 32.85
N LYS K 344 8.60 31.90 33.13
CA LYS K 344 8.34 31.02 34.26
C LYS K 344 8.04 29.61 33.75
N VAL K 345 7.80 28.69 34.68
CA VAL K 345 7.35 27.34 34.36
C VAL K 345 6.31 26.94 35.41
N VAL K 346 5.71 25.76 35.19
CA VAL K 346 4.73 25.18 36.10
C VAL K 346 4.90 23.66 36.03
N LYS K 347 4.63 23.00 37.15
CA LYS K 347 4.70 21.55 37.24
C LYS K 347 3.41 21.03 37.86
N CYS K 348 2.65 20.26 37.08
CA CYS K 348 1.43 19.63 37.56
C CYS K 348 1.68 18.15 37.82
N LYS K 349 0.62 17.45 38.23
CA LYS K 349 0.72 16.01 38.41
C LYS K 349 -0.37 15.32 37.61
N MET K 350 -0.48 14.00 37.76
CA MET K 350 -1.39 13.21 36.94
C MET K 350 -2.83 13.37 37.41
N SER K 351 -3.75 12.72 36.70
CA SER K 351 -5.16 12.73 37.02
C SER K 351 -5.72 11.35 36.73
N ALA K 352 -7.04 11.20 36.84
CA ALA K 352 -7.72 9.91 36.81
C ALA K 352 -7.23 8.99 35.70
N LEU K 353 -7.45 9.38 34.44
CA LEU K 353 -6.98 8.57 33.33
C LEU K 353 -5.45 8.63 33.22
N GLN K 354 -4.84 9.72 33.69
CA GLN K 354 -3.41 9.93 33.56
C GLN K 354 -2.61 9.39 34.74
N GLN K 355 -3.26 8.77 35.72
CA GLN K 355 -2.55 8.08 36.79
C GLN K 355 -1.98 6.78 36.24
N ILE K 356 -1.53 5.89 37.12
CA ILE K 356 -0.76 4.71 36.74
C ILE K 356 -1.48 3.92 35.65
N MET K 357 -2.79 4.15 35.51
CA MET K 357 -3.51 3.68 34.33
C MET K 357 -2.85 4.18 33.04
N TYR K 358 -2.37 5.43 33.04
CA TYR K 358 -1.58 5.94 31.92
C TYR K 358 -0.39 5.03 31.65
N GLN K 359 0.50 4.90 32.64
CA GLN K 359 1.61 3.96 32.52
C GLN K 359 1.11 2.55 32.23
N GLN K 360 -0.08 2.20 32.73
CA GLN K 360 -0.66 0.89 32.39
C GLN K 360 -1.06 0.81 30.92
N MET K 361 -1.51 1.92 30.33
CA MET K 361 -1.80 1.93 28.91
C MET K 361 -0.55 1.67 28.09
N LEU K 362 0.62 2.04 28.60
CA LEU K 362 1.87 1.67 27.95
C LEU K 362 2.12 0.17 28.07
N LYS K 363 1.57 -0.47 29.10
CA LYS K 363 1.78 -1.90 29.28
C LYS K 363 1.00 -2.72 28.25
N TYR K 364 -0.18 -2.25 27.84
CA TYR K 364 -0.94 -2.97 26.83
C TYR K 364 -0.21 -3.00 25.50
N ARG K 365 0.13 -1.82 24.96
CA ARG K 365 0.72 -1.75 23.63
C ARG K 365 2.13 -2.33 23.62
N ARG K 366 3.03 -1.77 24.43
CA ARG K 366 4.43 -2.19 24.39
C ARG K 366 4.99 -2.47 25.78
N LEU K 367 5.17 -1.41 26.57
CA LEU K 367 5.86 -1.51 27.86
C LEU K 367 5.10 -2.37 28.85
N GLY K 382 -1.03 -0.14 18.51
CA GLY K 382 -0.37 0.18 17.25
C GLY K 382 1.13 0.32 17.37
N PHE K 383 1.65 1.48 16.98
CA PHE K 383 3.08 1.74 17.01
C PHE K 383 3.29 3.25 17.08
N ASN K 384 4.54 3.69 16.95
CA ASN K 384 4.94 5.06 17.29
C ASN K 384 4.54 5.40 18.72
N ASN K 385 5.26 4.76 19.66
CA ASN K 385 4.96 4.93 21.08
C ASN K 385 4.99 6.39 21.48
N GLN K 386 5.98 7.15 21.00
CA GLN K 386 6.07 8.56 21.33
C GLN K 386 4.80 9.29 20.95
N ILE K 387 4.30 9.06 19.73
CA ILE K 387 3.10 9.73 19.25
C ILE K 387 1.87 9.11 19.89
N MET K 388 1.60 7.85 19.57
CA MET K 388 0.35 7.18 19.91
C MET K 388 0.06 7.17 21.40
N GLN K 389 0.86 6.42 22.17
CA GLN K 389 0.55 6.17 23.58
C GLN K 389 1.14 7.21 24.52
N LEU K 390 1.81 8.25 24.01
CA LEU K 390 2.47 9.18 24.90
C LEU K 390 2.03 10.62 24.64
N LYS K 391 2.43 11.20 23.51
CA LYS K 391 2.08 12.59 23.23
C LYS K 391 0.57 12.80 23.17
N LYS K 392 -0.15 11.88 22.53
CA LYS K 392 -1.59 12.01 22.40
C LYS K 392 -2.27 12.08 23.75
N ILE K 393 -2.16 11.02 24.56
CA ILE K 393 -2.95 10.91 25.78
C ILE K 393 -2.34 11.61 26.99
N CYS K 394 -1.19 12.27 26.84
CA CYS K 394 -0.66 13.01 27.99
C CYS K 394 -1.37 14.34 28.17
N ASN K 395 -1.75 14.98 27.08
CA ASN K 395 -2.49 16.24 27.17
C ASN K 395 -3.97 15.97 27.42
N HIS K 396 -4.67 15.45 26.40
CA HIS K 396 -6.07 15.09 26.53
C HIS K 396 -6.19 13.61 26.83
N PRO K 397 -7.01 13.21 27.80
CA PRO K 397 -6.97 11.80 28.26
C PRO K 397 -7.33 10.79 27.19
N PHE K 398 -8.41 11.00 26.44
CA PHE K 398 -8.86 10.02 25.46
C PHE K 398 -8.61 10.53 24.05
N VAL K 399 -7.96 9.70 23.24
CA VAL K 399 -7.59 10.05 21.87
C VAL K 399 -8.22 9.00 20.96
N PHE K 400 -8.35 9.34 19.67
CA PHE K 400 -8.89 8.53 18.58
C PHE K 400 -10.35 8.16 18.85
N GLU K 401 -10.88 8.53 20.01
CA GLU K 401 -12.29 8.56 20.36
C GLU K 401 -12.94 7.19 20.48
N GLU K 402 -12.21 6.10 20.19
CA GLU K 402 -12.77 4.77 20.41
C GLU K 402 -12.97 4.50 21.90
N VAL K 403 -12.08 5.03 22.74
CA VAL K 403 -12.22 4.89 24.19
C VAL K 403 -13.08 5.97 24.81
N GLU K 404 -13.60 6.90 24.01
CA GLU K 404 -14.46 7.95 24.56
C GLU K 404 -15.78 7.38 25.07
N ASP K 405 -16.35 6.41 24.36
CA ASP K 405 -17.59 5.78 24.78
C ASP K 405 -17.43 4.93 26.03
N GLN K 406 -16.19 4.70 26.48
CA GLN K 406 -15.97 3.95 27.72
C GLN K 406 -16.20 4.84 28.93
N ILE K 407 -15.40 5.89 29.08
CA ILE K 407 -15.53 6.81 30.22
C ILE K 407 -16.85 7.56 30.14
N ASN K 408 -17.17 8.11 28.96
CA ASN K 408 -18.40 8.88 28.75
C ASN K 408 -19.16 8.25 27.58
N PRO K 409 -20.07 7.31 27.85
CA PRO K 409 -20.78 6.64 26.75
C PRO K 409 -21.74 7.55 26.00
N THR K 410 -22.14 8.67 26.58
CA THR K 410 -23.08 9.57 25.93
C THR K 410 -22.40 10.49 24.92
N ARG K 411 -21.07 10.57 24.93
CA ARG K 411 -20.27 11.43 24.05
C ARG K 411 -20.86 12.84 23.95
N GLU K 412 -21.36 13.34 25.08
CA GLU K 412 -22.01 14.64 25.14
C GLU K 412 -21.30 15.49 26.18
N THR K 413 -21.02 16.74 25.83
CA THR K 413 -20.23 17.61 26.70
C THR K 413 -21.04 18.00 27.93
N ASN K 414 -20.49 17.74 29.11
CA ASN K 414 -21.13 18.08 30.37
C ASN K 414 -20.05 18.60 31.32
N ASP K 415 -20.43 18.78 32.58
CA ASP K 415 -19.54 19.41 33.55
C ASP K 415 -18.30 18.57 33.80
N ASP K 416 -17.13 19.20 33.66
CA ASP K 416 -15.86 18.66 34.12
C ASP K 416 -15.45 17.40 33.35
N ILE K 417 -15.65 17.40 32.03
CA ILE K 417 -15.03 16.37 31.20
C ILE K 417 -13.58 16.74 30.89
N TRP K 418 -13.31 18.03 30.72
CA TRP K 418 -11.99 18.51 30.34
C TRP K 418 -11.04 18.68 31.52
N ARG K 419 -11.54 18.62 32.75
CA ARG K 419 -10.71 18.75 33.94
C ARG K 419 -10.17 17.43 34.44
N VAL K 420 -10.43 16.32 33.73
CA VAL K 420 -9.91 15.01 34.12
C VAL K 420 -8.48 14.81 33.63
N ALA K 421 -7.90 15.80 32.96
CA ALA K 421 -6.52 15.74 32.51
C ALA K 421 -5.63 16.56 33.44
N GLY K 422 -4.41 16.09 33.66
CA GLY K 422 -3.51 16.78 34.57
C GLY K 422 -2.97 18.07 33.99
N LYS K 423 -2.54 18.03 32.72
CA LYS K 423 -2.02 19.24 32.09
C LYS K 423 -3.11 20.29 31.92
N PHE K 424 -4.36 19.87 31.69
CA PHE K 424 -5.45 20.82 31.47
C PHE K 424 -6.01 21.37 32.77
N GLU K 425 -5.72 20.76 33.91
CA GLU K 425 -6.35 21.19 35.16
C GLU K 425 -5.89 22.58 35.56
N LEU K 426 -4.60 22.89 35.34
CA LEU K 426 -4.07 24.16 35.83
C LEU K 426 -4.84 25.35 35.27
N LEU K 427 -5.37 25.25 34.05
CA LEU K 427 -6.01 26.39 33.41
C LEU K 427 -7.33 26.78 34.06
N ASP K 428 -7.87 25.96 34.96
CA ASP K 428 -9.13 26.36 35.60
C ASP K 428 -8.93 27.53 36.57
N ARG K 429 -7.70 27.74 37.04
CA ARG K 429 -7.43 28.86 37.93
C ARG K 429 -7.18 30.15 37.15
N ILE K 430 -6.45 30.07 36.04
CA ILE K 430 -5.96 31.27 35.38
C ILE K 430 -7.06 31.95 34.57
N LEU K 431 -7.87 31.17 33.86
CA LEU K 431 -8.91 31.76 33.01
C LEU K 431 -9.90 32.64 33.78
N PRO K 432 -10.37 32.28 34.98
CA PRO K 432 -11.21 33.24 35.72
C PRO K 432 -10.47 34.49 36.14
N LYS K 433 -9.19 34.38 36.52
CA LYS K 433 -8.48 35.55 36.99
C LYS K 433 -8.03 36.47 35.86
N LEU K 434 -7.67 35.91 34.70
CA LEU K 434 -7.24 36.75 33.58
C LEU K 434 -8.38 37.60 33.03
N LYS K 435 -9.63 37.17 33.22
CA LYS K 435 -10.76 37.99 32.79
C LYS K 435 -10.98 39.17 33.72
N ALA K 436 -10.85 38.95 35.04
CA ALA K 436 -11.01 40.04 35.99
C ALA K 436 -9.83 41.00 35.94
N THR K 437 -8.63 40.50 35.64
CA THR K 437 -7.45 41.33 35.53
C THR K 437 -7.22 41.89 34.13
N GLY K 438 -8.02 41.45 33.15
CA GLY K 438 -7.97 42.01 31.82
C GLY K 438 -6.68 41.73 31.06
N HIS K 439 -6.32 40.46 30.91
CA HIS K 439 -5.16 40.05 30.14
C HIS K 439 -5.59 39.18 28.97
N ARG K 440 -4.89 39.33 27.85
CA ARG K 440 -5.17 38.59 26.63
C ARG K 440 -4.07 37.57 26.40
N VAL K 441 -4.47 36.33 26.13
CA VAL K 441 -3.56 35.19 26.16
C VAL K 441 -3.38 34.64 24.75
N LEU K 442 -2.14 34.34 24.38
CA LEU K 442 -1.82 33.62 23.16
C LEU K 442 -1.63 32.15 23.49
N ILE K 443 -2.09 31.28 22.59
CA ILE K 443 -2.03 29.83 22.77
C ILE K 443 -1.44 29.19 21.52
N PHE K 444 -0.51 28.26 21.71
CA PHE K 444 0.10 27.52 20.62
C PHE K 444 -0.12 26.03 20.85
N PHE K 445 -0.58 25.34 19.82
CA PHE K 445 -0.95 23.94 19.92
C PHE K 445 -0.02 23.04 19.12
N GLN K 446 0.18 21.82 19.63
CA GLN K 446 0.55 20.66 18.84
C GLN K 446 -0.60 19.66 18.89
N MET K 447 -0.47 18.58 18.13
CA MET K 447 -1.49 17.54 18.09
C MET K 447 -2.88 18.13 17.84
N THR K 448 -3.09 18.53 16.59
CA THR K 448 -4.22 19.39 16.23
C THR K 448 -5.58 18.81 16.63
N GLN K 449 -5.64 17.53 17.01
CA GLN K 449 -6.85 17.01 17.65
C GLN K 449 -7.15 17.73 18.95
N ILE K 450 -6.14 18.31 19.61
CA ILE K 450 -6.36 19.02 20.86
C ILE K 450 -7.04 20.36 20.59
N MET K 451 -6.84 20.92 19.39
CA MET K 451 -7.34 22.26 19.10
C MET K 451 -8.86 22.34 19.19
N ASP K 452 -9.55 21.33 18.66
CA ASP K 452 -11.01 21.34 18.68
C ASP K 452 -11.57 21.02 20.07
N ILE K 453 -11.00 20.01 20.72
CA ILE K 453 -11.50 19.59 22.03
C ILE K 453 -11.33 20.71 23.04
N MET K 454 -10.20 21.43 22.98
CA MET K 454 -10.02 22.63 23.78
C MET K 454 -11.17 23.61 23.57
N GLU K 455 -11.34 24.07 22.34
CA GLU K 455 -12.40 25.02 22.02
C GLU K 455 -13.78 24.51 22.39
N ASP K 456 -13.99 23.18 22.36
CA ASP K 456 -15.31 22.64 22.65
C ASP K 456 -15.70 22.85 24.11
N PHE K 457 -14.83 22.43 25.04
CA PHE K 457 -15.09 22.72 26.44
C PHE K 457 -15.00 24.20 26.73
N LEU K 458 -14.27 24.96 25.92
CA LEU K 458 -14.21 26.41 26.07
C LEU K 458 -15.58 27.05 25.87
N ARG K 459 -16.51 26.35 25.22
CA ARG K 459 -17.89 26.82 25.15
C ARG K 459 -18.60 26.66 26.48
N TYR K 460 -18.19 25.67 27.29
CA TYR K 460 -18.86 25.43 28.56
C TYR K 460 -18.54 26.54 29.57
N ILE K 461 -17.28 26.96 29.65
CA ILE K 461 -16.91 28.05 30.55
C ILE K 461 -17.52 29.37 30.08
N ASN K 462 -17.86 29.47 28.79
CA ASN K 462 -18.54 30.64 28.23
C ASN K 462 -17.70 31.92 28.40
N ILE K 463 -16.57 31.93 27.72
CA ILE K 463 -15.74 33.12 27.59
C ILE K 463 -15.35 33.28 26.13
N LYS K 464 -15.18 34.53 25.71
CA LYS K 464 -14.95 34.83 24.31
C LYS K 464 -13.53 34.42 23.89
N TYR K 465 -13.35 34.28 22.58
CA TYR K 465 -12.12 33.71 22.01
C TYR K 465 -12.20 33.80 20.49
N LEU K 466 -11.09 33.45 19.84
CA LEU K 466 -11.01 33.38 18.39
C LEU K 466 -10.15 32.18 17.99
N ARG K 467 -10.49 31.59 16.85
CA ARG K 467 -9.82 30.40 16.35
C ARG K 467 -8.87 30.77 15.21
N LEU K 468 -8.11 29.77 14.75
CA LEU K 468 -7.21 29.84 13.60
C LEU K 468 -6.56 28.48 13.47
N ASP K 469 -6.07 28.18 12.27
CA ASP K 469 -5.39 26.91 11.98
C ASP K 469 -4.73 27.02 10.62
N GLY K 470 -4.11 25.92 10.18
CA GLY K 470 -3.51 25.86 8.87
C GLY K 470 -4.49 25.66 7.73
N HIS K 471 -5.75 25.36 8.05
CA HIS K 471 -6.80 25.20 7.06
C HIS K 471 -7.52 26.51 6.76
N THR K 472 -7.05 27.62 7.32
CA THR K 472 -7.68 28.92 7.10
C THR K 472 -7.61 29.34 5.63
N LYS K 473 -6.68 28.75 4.86
CA LYS K 473 -6.51 29.03 3.43
C LYS K 473 -6.08 30.46 3.16
N SER K 474 -5.36 31.07 4.11
CA SER K 474 -4.71 32.37 4.00
C SER K 474 -5.68 33.54 3.88
N ASP K 475 -6.99 33.27 3.77
CA ASP K 475 -7.96 34.36 3.61
C ASP K 475 -8.25 35.03 4.95
N GLU K 476 -8.86 34.29 5.88
CA GLU K 476 -9.25 34.84 7.17
C GLU K 476 -8.05 35.17 8.05
N ARG K 477 -6.86 34.67 7.72
CA ARG K 477 -5.67 34.95 8.53
C ARG K 477 -5.46 36.45 8.69
N SER K 478 -5.54 37.20 7.59
CA SER K 478 -5.37 38.64 7.67
C SER K 478 -6.64 39.34 8.13
N GLU K 479 -7.81 38.75 7.89
CA GLU K 479 -9.07 39.39 8.24
C GLU K 479 -9.37 39.24 9.73
N LEU K 480 -9.11 38.06 10.30
CA LEU K 480 -9.46 37.81 11.69
C LEU K 480 -8.65 38.68 12.65
N LEU K 481 -7.46 39.14 12.23
CA LEU K 481 -6.63 39.95 13.12
C LEU K 481 -7.26 41.29 13.43
N ARG K 482 -7.90 41.92 12.43
CA ARG K 482 -8.57 43.19 12.68
C ARG K 482 -9.73 43.05 13.65
N LEU K 483 -10.33 41.86 13.71
CA LEU K 483 -11.32 41.59 14.75
C LEU K 483 -10.66 41.30 16.08
N PHE K 484 -9.45 40.74 16.07
CA PHE K 484 -8.74 40.45 17.31
C PHE K 484 -8.07 41.69 17.88
N ASN K 485 -7.47 42.52 17.01
CA ASN K 485 -6.75 43.70 17.48
C ASN K 485 -7.67 44.81 17.97
N ALA K 486 -8.98 44.65 17.82
CA ALA K 486 -9.91 45.70 18.26
C ALA K 486 -9.82 45.85 19.79
N PRO K 487 -9.63 47.07 20.29
CA PRO K 487 -9.54 47.24 21.75
C PRO K 487 -10.83 46.87 22.48
N ASP K 488 -11.99 47.23 21.92
CA ASP K 488 -13.26 46.90 22.54
C ASP K 488 -13.58 45.41 22.48
N SER K 489 -12.82 44.64 21.71
CA SER K 489 -13.07 43.20 21.59
C SER K 489 -12.69 42.48 22.88
N GLU K 490 -13.61 41.70 23.41
CA GLU K 490 -13.39 40.93 24.63
C GLU K 490 -12.74 39.58 24.36
N TYR K 491 -12.44 39.26 23.11
CA TYR K 491 -11.75 38.01 22.79
C TYR K 491 -10.40 37.99 23.48
N LEU K 492 -10.14 36.92 24.24
CA LEU K 492 -8.95 36.82 25.08
C LEU K 492 -8.00 35.74 24.58
N CYS K 493 -8.32 34.47 24.80
CA CYS K 493 -7.43 33.39 24.38
C CYS K 493 -7.48 33.24 22.86
N PHE K 494 -6.30 33.19 22.25
CA PHE K 494 -6.16 33.26 20.80
C PHE K 494 -5.53 31.96 20.30
N ILE K 495 -6.25 31.25 19.42
CA ILE K 495 -5.85 29.91 19.01
C ILE K 495 -4.82 30.02 17.89
N LEU K 496 -3.73 29.27 18.02
CA LEU K 496 -2.66 29.21 17.04
C LEU K 496 -1.97 27.86 17.10
N SER K 497 -1.31 27.51 16.01
CA SER K 497 -0.34 26.42 16.02
C SER K 497 1.06 27.02 16.02
N THR K 498 2.07 26.14 16.12
CA THR K 498 3.44 26.62 16.11
C THR K 498 3.94 26.87 14.69
N ARG K 499 3.62 25.98 13.76
CA ARG K 499 4.09 26.12 12.38
C ARG K 499 3.24 27.07 11.55
N ALA K 500 2.05 27.41 12.02
CA ALA K 500 1.15 28.26 11.25
C ALA K 500 1.49 29.73 11.42
N GLY K 501 1.31 30.49 10.34
CA GLY K 501 1.50 31.92 10.34
C GLY K 501 2.82 32.39 9.75
N GLY K 502 3.84 31.53 9.72
CA GLY K 502 5.13 31.90 9.15
C GLY K 502 5.76 33.12 9.80
N LEU K 503 5.48 33.34 11.08
CA LEU K 503 6.05 34.47 11.83
C LEU K 503 5.75 35.86 11.27
N GLY K 504 4.83 35.95 10.32
CA GLY K 504 4.47 37.23 9.72
C GLY K 504 3.13 37.71 10.22
N LEU K 505 2.65 37.10 11.31
CA LEU K 505 1.26 37.30 11.72
C LEU K 505 1.04 38.70 12.28
N ASN K 506 2.06 39.32 12.86
CA ASN K 506 2.02 40.72 13.31
C ASN K 506 0.91 40.93 14.34
N LEU K 507 1.15 40.38 15.52
CA LEU K 507 0.24 40.53 16.66
C LEU K 507 1.00 41.20 17.80
N GLN K 508 0.70 42.47 18.07
CA GLN K 508 1.27 43.18 19.20
C GLN K 508 0.34 43.29 20.40
N THR K 509 -0.91 42.85 20.27
CA THR K 509 -1.90 43.17 21.30
C THR K 509 -1.79 42.26 22.52
N ALA K 510 -1.71 40.96 22.32
CA ALA K 510 -1.79 40.01 23.43
C ALA K 510 -0.47 39.95 24.18
N ASP K 511 -0.53 40.19 25.49
CA ASP K 511 0.65 40.24 26.34
C ASP K 511 0.94 38.94 27.08
N THR K 512 0.14 37.90 26.87
CA THR K 512 0.29 36.64 27.61
C THR K 512 0.34 35.48 26.62
N VAL K 513 1.24 34.52 26.89
CA VAL K 513 1.42 33.34 26.06
C VAL K 513 1.45 32.11 26.96
N ILE K 514 0.69 31.08 26.59
CA ILE K 514 0.72 29.80 27.29
C ILE K 514 0.93 28.70 26.25
N ILE K 515 1.66 27.66 26.66
CA ILE K 515 2.03 26.56 25.76
C ILE K 515 1.83 25.25 26.50
N PHE K 516 1.11 24.32 25.87
CA PHE K 516 0.77 23.06 26.54
C PHE K 516 1.95 22.09 26.57
N ASP K 517 2.60 21.88 25.43
CA ASP K 517 3.67 20.90 25.33
C ASP K 517 4.90 21.53 24.68
N THR K 518 6.05 20.95 24.99
CA THR K 518 7.32 21.48 24.51
C THR K 518 7.53 21.19 23.04
N ASP K 519 8.14 22.15 22.34
CA ASP K 519 8.57 21.94 20.96
C ASP K 519 10.01 21.47 20.94
N TRP K 520 10.31 20.55 20.02
CA TRP K 520 11.65 19.99 19.94
C TRP K 520 12.68 21.05 19.59
N ASN K 521 12.47 21.74 18.48
CA ASN K 521 13.48 22.66 17.98
C ASN K 521 13.34 24.03 18.63
N PRO K 522 14.39 24.85 18.60
CA PRO K 522 14.33 26.17 19.26
C PRO K 522 13.28 27.11 18.67
N HIS K 523 12.70 26.80 17.51
CA HIS K 523 11.74 27.70 16.87
C HIS K 523 10.63 28.12 17.83
N GLN K 524 10.32 27.30 18.84
CA GLN K 524 9.39 27.70 19.88
C GLN K 524 9.79 29.04 20.49
N ASP K 525 11.09 29.24 20.70
CA ASP K 525 11.59 30.54 21.12
C ASP K 525 11.72 31.50 19.94
N LEU K 526 11.95 30.97 18.75
CA LEU K 526 12.20 31.79 17.56
C LEU K 526 10.94 32.07 16.76
N GLN K 527 9.77 31.63 17.24
CA GLN K 527 8.51 31.93 16.57
C GLN K 527 7.51 32.51 17.57
N ALA K 528 7.14 31.71 18.57
CA ALA K 528 6.14 32.15 19.55
C ALA K 528 6.59 33.41 20.29
N GLN K 529 7.87 33.48 20.65
CA GLN K 529 8.35 34.65 21.37
C GLN K 529 8.46 35.87 20.46
N ASP K 530 8.69 35.65 19.16
CA ASP K 530 8.72 36.76 18.22
C ASP K 530 7.34 37.38 18.02
N ARG K 531 6.27 36.67 18.41
CA ARG K 531 4.94 37.28 18.40
C ARG K 531 4.78 38.28 19.53
N ALA K 532 5.43 38.03 20.67
CA ALA K 532 5.36 38.90 21.83
C ALA K 532 6.43 39.99 21.80
N HIS K 533 7.70 39.58 21.81
CA HIS K 533 8.83 40.51 21.90
C HIS K 533 8.88 41.52 20.77
N ARG K 534 8.10 41.33 19.70
CA ARG K 534 8.13 42.24 18.58
C ARG K 534 7.59 43.62 18.98
N ILE K 535 7.93 44.61 18.15
CA ILE K 535 7.54 45.99 18.43
C ILE K 535 6.02 46.09 18.54
N GLY K 536 5.55 46.94 19.45
CA GLY K 536 4.14 47.15 19.69
C GLY K 536 3.62 46.58 20.99
N GLN K 537 4.38 45.72 21.66
CA GLN K 537 4.01 45.20 22.97
C GLN K 537 5.02 45.72 23.99
N LYS K 538 4.61 46.65 24.83
CA LYS K 538 5.47 47.24 25.85
C LYS K 538 5.29 46.61 27.21
N ASN K 539 4.37 45.65 27.35
CA ASN K 539 4.10 45.03 28.65
C ASN K 539 5.01 43.82 28.86
N GLU K 540 4.85 43.18 30.01
CA GLU K 540 5.67 42.02 30.35
C GLU K 540 5.16 40.78 29.63
N VAL K 541 6.09 40.03 29.04
CA VAL K 541 5.76 38.79 28.34
C VAL K 541 5.77 37.65 29.34
N ARG K 542 4.70 36.87 29.36
CA ARG K 542 4.56 35.74 30.28
C ARG K 542 4.43 34.44 29.49
N ILE K 543 5.06 33.38 29.99
CA ILE K 543 5.07 32.08 29.35
C ILE K 543 4.81 31.03 30.42
N LEU K 544 3.90 30.10 30.14
CA LEU K 544 3.60 28.99 31.03
C LEU K 544 3.82 27.69 30.29
N ARG K 545 4.77 26.88 30.77
CA ARG K 545 5.14 25.62 30.14
C ARG K 545 4.68 24.48 31.04
N LEU K 546 3.73 23.68 30.53
CA LEU K 546 3.13 22.62 31.32
C LEU K 546 4.01 21.38 31.34
N ILE K 547 4.07 20.73 32.50
CA ILE K 547 4.79 19.47 32.65
C ILE K 547 4.12 18.70 33.78
N THR K 548 4.22 17.37 33.72
CA THR K 548 3.65 16.49 34.73
C THR K 548 4.74 15.64 35.36
N THR K 549 4.44 15.15 36.56
CA THR K 549 5.41 14.38 37.33
C THR K 549 5.45 12.93 36.88
N ASN K 550 6.66 12.40 36.71
CA ASN K 550 6.89 11.02 36.29
C ASN K 550 6.14 10.70 34.99
N SER K 551 6.60 11.36 33.94
CA SER K 551 5.98 11.25 32.63
C SER K 551 7.06 11.18 31.55
N VAL K 552 6.63 10.84 30.34
CA VAL K 552 7.57 10.71 29.24
C VAL K 552 7.97 12.09 28.69
N GLU K 553 7.02 13.03 28.62
CA GLU K 553 7.34 14.35 28.08
C GLU K 553 8.32 15.11 28.97
N GLU K 554 8.61 14.60 30.16
CA GLU K 554 9.72 15.14 30.95
C GLU K 554 11.03 15.08 30.16
N VAL K 555 11.48 13.87 29.81
CA VAL K 555 12.80 13.71 29.21
C VAL K 555 12.91 14.46 27.89
N ILE K 556 11.78 14.70 27.21
CA ILE K 556 11.82 15.51 26.01
C ILE K 556 12.18 16.96 26.35
N LEU K 557 11.69 17.46 27.49
CA LEU K 557 12.04 18.82 27.92
C LEU K 557 13.54 19.02 27.94
N GLU K 558 14.25 18.24 28.77
CA GLU K 558 15.71 18.31 28.78
C GLU K 558 16.29 18.09 27.38
N ARG K 559 15.69 17.18 26.60
CA ARG K 559 16.19 16.93 25.26
C ARG K 559 15.90 18.11 24.33
N ALA K 560 14.63 18.50 24.23
CA ALA K 560 14.26 19.66 23.43
C ALA K 560 14.93 20.93 23.92
N TYR K 561 14.50 21.42 25.08
CA TYR K 561 15.05 22.66 25.63
C TYR K 561 16.54 22.54 25.95
N LYS K 562 16.89 21.74 26.95
CA LYS K 562 18.23 21.80 27.53
C LYS K 562 19.29 21.25 26.57
N LYS K 563 19.09 20.04 26.05
CA LYS K 563 20.13 19.40 25.26
C LYS K 563 20.37 20.13 23.93
N LEU K 564 19.38 20.84 23.42
CA LEU K 564 19.51 21.61 22.18
C LEU K 564 19.89 23.06 22.43
N ASP K 565 20.22 23.43 23.67
CA ASP K 565 20.67 24.78 23.98
C ASP K 565 22.13 25.02 23.60
N ILE K 566 22.80 24.03 23.00
CA ILE K 566 24.12 24.25 22.42
C ILE K 566 24.08 25.44 21.47
N ASP K 567 22.92 25.69 20.84
CA ASP K 567 22.72 26.92 20.08
C ASP K 567 22.83 28.17 20.94
N GLY K 568 22.84 28.03 22.27
CA GLY K 568 23.15 29.17 23.12
C GLY K 568 24.50 29.77 22.82
N LYS K 569 25.47 28.94 22.42
CA LYS K 569 26.74 29.48 21.94
C LYS K 569 26.56 30.19 20.61
N VAL K 570 25.53 29.82 19.83
CA VAL K 570 25.29 30.46 18.55
C VAL K 570 24.57 31.80 18.74
N ILE K 571 23.60 31.86 19.66
CA ILE K 571 23.00 33.15 19.99
C ILE K 571 24.02 34.03 20.70
N GLN K 572 25.02 33.42 21.35
CA GLN K 572 26.16 34.17 21.85
C GLN K 572 27.14 34.49 20.74
N ALA K 573 27.26 33.61 19.74
CA ALA K 573 28.16 33.84 18.61
C ALA K 573 27.91 35.19 17.97
N GLY K 574 26.69 35.39 17.45
CA GLY K 574 26.37 36.65 16.78
C GLY K 574 26.69 37.89 17.60
N LYS K 575 26.68 37.76 18.93
CA LYS K 575 27.05 38.89 19.77
C LYS K 575 28.52 39.28 19.56
N PHE K 576 29.42 38.29 19.57
CA PHE K 576 30.81 38.53 19.22
C PHE K 576 31.12 38.22 17.76
N ASP K 577 30.11 37.86 16.97
CA ASP K 577 30.25 37.83 15.52
C ASP K 577 29.84 39.16 14.90
N ASN K 578 29.30 40.06 15.71
CA ASN K 578 29.00 41.44 15.37
C ASN K 578 30.25 42.29 15.49
N LYS K 579 30.09 43.61 15.59
CA LYS K 579 31.24 44.50 15.82
C LYS K 579 32.13 43.98 16.94
N SER K 580 31.57 43.29 17.93
CA SER K 580 32.31 42.42 18.85
C SER K 580 33.34 43.22 19.65
N THR K 581 32.83 43.97 20.62
CA THR K 581 33.68 44.53 21.66
C THR K 581 34.50 43.41 22.29
N SER K 582 35.77 43.70 22.56
CA SER K 582 36.73 42.64 22.92
C SER K 582 36.28 41.84 24.12
N GLU K 583 35.68 42.50 25.13
CA GLU K 583 35.31 41.82 26.36
C GLU K 583 34.16 40.84 26.19
N GLU K 584 33.50 40.82 25.03
CA GLU K 584 32.32 39.98 24.87
C GLU K 584 32.68 38.50 24.80
N GLN K 585 33.74 38.16 24.07
CA GLN K 585 34.06 36.76 23.78
C GLN K 585 34.94 36.11 24.84
N GLU K 586 35.25 36.80 25.94
CA GLU K 586 35.94 36.17 27.05
C GLU K 586 35.19 36.40 28.36
N ALA K 587 35.10 37.67 28.79
CA ALA K 587 34.52 37.98 30.08
C ALA K 587 33.03 37.65 30.12
N LEU K 588 32.25 38.21 29.19
CA LEU K 588 30.83 37.95 29.15
C LEU K 588 30.48 36.63 28.46
N LEU K 589 31.43 36.02 27.74
CA LEU K 589 31.19 34.68 27.20
C LEU K 589 31.21 33.63 28.30
N ARG K 590 32.00 33.85 29.35
CA ARG K 590 32.03 32.89 30.46
C ARG K 590 30.70 32.85 31.20
N SER K 591 29.92 33.94 31.15
CA SER K 591 28.62 33.96 31.80
C SER K 591 27.71 32.89 31.24
N LEU K 592 27.76 32.66 29.93
CA LEU K 592 27.01 31.55 29.34
C LEU K 592 27.58 30.21 29.75
N LEU K 593 28.91 30.12 29.87
CA LEU K 593 29.54 28.89 30.34
C LEU K 593 29.33 28.65 31.82
N ASP K 594 28.71 29.58 32.55
CA ASP K 594 28.29 29.35 33.92
C ASP K 594 26.85 28.85 34.00
N ALA K 595 26.18 28.64 32.88
CA ALA K 595 24.80 28.20 32.85
C ALA K 595 24.65 26.68 32.91
N GLU K 596 25.73 25.92 32.73
CA GLU K 596 25.63 24.48 32.75
C GLU K 596 25.58 23.92 34.18
N GLU K 597 25.98 24.70 35.18
CA GLU K 597 25.93 24.21 36.56
C GLU K 597 24.50 24.17 37.08
N GLU K 598 23.61 25.02 36.56
CA GLU K 598 22.22 24.96 36.95
C GLU K 598 21.49 23.78 36.29
N ARG K 599 22.08 23.19 35.25
CA ARG K 599 21.48 22.01 34.64
C ARG K 599 21.48 20.83 35.61
N ARG K 600 22.56 20.67 36.37
CA ARG K 600 22.60 19.64 37.40
C ARG K 600 21.67 19.98 38.56
N LYS K 601 21.49 21.28 38.84
CA LYS K 601 20.56 21.69 39.91
C LYS K 601 19.12 21.33 39.54
N LYS K 602 18.73 21.58 38.28
CA LYS K 602 17.41 21.16 37.83
C LYS K 602 17.32 19.66 37.65
N ARG K 603 18.45 18.98 37.48
CA ARG K 603 18.45 17.52 37.37
C ARG K 603 18.17 16.83 38.70
N GLU K 604 18.47 17.50 39.82
CA GLU K 604 18.23 16.95 41.14
C GLU K 604 16.74 16.67 41.37
N GLU K 612 3.02 18.71 41.47
CA GLU K 612 1.76 19.19 42.03
C GLU K 612 1.83 20.68 42.35
N LEU K 613 2.89 21.08 43.06
CA LEU K 613 3.06 22.45 43.53
C LEU K 613 1.85 22.90 44.34
N LYS K 614 1.41 24.14 44.13
CA LYS K 614 0.25 24.67 44.82
C LYS K 614 -0.43 25.69 43.92
N ASP K 615 -1.77 25.71 43.96
CA ASP K 615 -2.50 26.71 43.18
C ASP K 615 -2.29 28.11 43.73
N SER K 616 -1.98 28.24 45.02
CA SER K 616 -1.67 29.53 45.61
C SER K 616 -0.23 29.96 45.34
N GLU K 617 0.66 29.03 45.00
CA GLU K 617 2.03 29.40 44.67
C GLU K 617 2.10 30.06 43.31
N ILE K 618 1.41 29.49 42.32
CA ILE K 618 1.34 30.10 41.00
C ILE K 618 0.55 31.40 41.04
N ASN K 619 -0.31 31.56 42.04
CA ASN K 619 -1.13 32.76 42.15
C ASN K 619 -0.26 34.02 42.25
N GLU K 620 0.87 33.93 42.97
CA GLU K 620 1.71 35.10 43.17
C GLU K 620 2.54 35.43 41.93
N ILE K 621 3.03 34.41 41.22
CA ILE K 621 3.93 34.64 40.10
C ILE K 621 3.22 35.10 38.83
N LEU K 622 1.89 35.02 38.79
CA LEU K 622 1.13 35.43 37.61
C LEU K 622 0.71 36.90 37.63
N ALA K 623 0.92 37.59 38.75
CA ALA K 623 0.54 39.00 38.89
C ALA K 623 1.75 39.88 38.61
N ARG K 624 1.55 40.90 37.77
CA ARG K 624 2.66 41.75 37.35
C ARG K 624 3.01 42.83 38.37
N ASN K 625 2.04 43.31 39.14
CA ASN K 625 2.26 44.46 40.00
C ASN K 625 1.44 44.30 41.28
N ASP K 626 1.39 45.37 42.08
CA ASP K 626 0.78 45.29 43.40
C ASP K 626 -0.75 45.29 43.34
N GLU K 627 -1.34 46.14 42.51
CA GLU K 627 -2.81 46.18 42.44
C GLU K 627 -3.39 44.93 41.81
N GLU K 628 -2.59 44.15 41.08
CA GLU K 628 -3.02 42.83 40.67
C GLU K 628 -2.95 41.83 41.81
N MET K 629 -2.02 42.04 42.74
CA MET K 629 -1.98 41.22 43.95
C MET K 629 -3.16 41.50 44.86
N ALA K 630 -3.72 42.71 44.80
CA ALA K 630 -4.86 43.06 45.63
C ALA K 630 -6.16 42.50 45.08
N VAL K 631 -6.32 42.50 43.75
CA VAL K 631 -7.57 42.02 43.17
C VAL K 631 -7.64 40.51 43.19
N LEU K 632 -6.50 39.81 43.18
CA LEU K 632 -6.54 38.35 43.24
C LEU K 632 -6.94 37.88 44.63
N THR K 633 -6.53 38.59 45.68
CA THR K 633 -6.98 38.24 47.03
C THR K 633 -8.48 38.45 47.17
N ARG K 634 -9.02 39.48 46.51
CA ARG K 634 -10.47 39.63 46.45
C ARG K 634 -11.11 38.49 45.67
N MET K 635 -10.48 38.07 44.58
CA MET K 635 -10.94 36.89 43.86
C MET K 635 -10.73 35.61 44.67
N ASP K 636 -9.69 35.58 45.49
CA ASP K 636 -9.47 34.44 46.37
C ASP K 636 -10.63 34.28 47.36
N GLU K 637 -10.89 35.33 48.14
CA GLU K 637 -11.92 35.25 49.17
C GLU K 637 -13.28 34.89 48.60
N ASP K 638 -13.53 35.20 47.32
CA ASP K 638 -14.79 34.82 46.70
C ASP K 638 -14.86 33.32 46.48
N ARG K 639 -13.83 32.74 45.85
CA ARG K 639 -13.84 31.32 45.55
C ARG K 639 -13.29 30.44 46.67
N SER K 640 -12.63 31.02 47.67
CA SER K 640 -12.04 30.22 48.74
C SER K 640 -13.01 29.94 49.88
N LYS K 641 -14.14 30.65 49.95
CA LYS K 641 -15.14 30.35 50.96
C LYS K 641 -15.91 29.07 50.60
N LYS K 642 -16.59 29.09 49.46
CA LYS K 642 -17.16 27.87 48.90
C LYS K 642 -16.03 26.92 48.48
N GLU K 643 -16.37 25.63 48.38
CA GLU K 643 -15.38 24.63 47.99
C GLU K 643 -14.64 25.02 46.71
N GLU K 644 -15.38 25.50 45.71
CA GLU K 644 -14.78 26.01 44.49
C GLU K 644 -15.78 26.87 43.72
N LYS K 649 -17.28 19.17 44.20
CA LYS K 649 -16.41 18.01 44.03
C LYS K 649 -15.05 18.24 44.67
N SER K 650 -14.00 18.22 43.85
CA SER K 650 -12.64 18.45 44.33
C SER K 650 -11.83 19.11 43.22
N ARG K 651 -10.56 19.37 43.50
CA ARG K 651 -9.68 19.97 42.51
C ARG K 651 -9.38 19.00 41.37
N LEU K 652 -9.29 17.71 41.67
CA LEU K 652 -8.99 16.68 40.69
C LEU K 652 -10.00 15.55 40.80
N LEU K 653 -9.82 14.54 39.95
CA LEU K 653 -10.62 13.33 39.98
C LEU K 653 -9.68 12.15 39.79
N GLU K 654 -9.95 11.06 40.52
CA GLU K 654 -9.07 9.91 40.54
C GLU K 654 -9.76 8.70 39.92
N LYS K 655 -8.95 7.77 39.43
CA LYS K 655 -9.44 6.57 38.76
C LYS K 655 -10.13 5.61 39.72
N LYS K 671 -15.46 4.54 40.09
CA LYS K 671 -14.53 5.00 39.05
C LYS K 671 -13.33 4.06 39.00
N ARG K 672 -13.27 3.12 39.94
CA ARG K 672 -12.22 2.12 39.92
C ARG K 672 -12.42 1.06 38.85
N GLU K 673 -13.61 0.99 38.23
CA GLU K 673 -13.90 -0.07 37.28
C GLU K 673 -13.31 0.18 35.90
N GLU K 674 -13.14 1.46 35.52
CA GLU K 674 -12.61 1.76 34.19
C GLU K 674 -11.17 1.31 34.01
N SER K 675 -10.46 1.00 35.10
CA SER K 675 -9.08 0.54 35.02
C SER K 675 -8.97 -0.74 34.18
N GLU K 676 -9.53 -1.83 34.68
CA GLU K 676 -9.42 -3.12 34.00
C GLU K 676 -10.44 -3.30 32.88
N SER K 677 -11.51 -2.50 32.86
CA SER K 677 -12.54 -2.69 31.85
C SER K 677 -12.18 -2.08 30.51
N ALA K 678 -11.45 -0.96 30.51
CA ALA K 678 -11.20 -0.19 29.29
C ALA K 678 -10.49 -0.96 28.19
N ALA K 679 -9.22 -1.32 28.41
CA ALA K 679 -8.34 -1.75 27.33
C ALA K 679 -8.30 -3.26 27.13
N VAL K 680 -9.06 -4.04 27.91
CA VAL K 680 -9.03 -5.48 27.72
C VAL K 680 -9.85 -5.93 26.52
N TYR K 681 -10.78 -5.11 26.05
CA TYR K 681 -11.58 -5.42 24.87
C TYR K 681 -10.99 -4.83 23.59
N ASN K 682 -9.86 -4.13 23.69
CA ASN K 682 -9.22 -3.53 22.53
C ASN K 682 -7.87 -4.20 22.26
N GLY K 683 -6.90 -4.04 23.15
CA GLY K 683 -5.59 -4.65 22.99
C GLY K 683 -4.75 -3.97 21.92
#